data_8RM1
#
_entry.id   8RM1
#
_cell.length_a   1.00
_cell.length_b   1.00
_cell.length_c   1.00
_cell.angle_alpha   90.00
_cell.angle_beta   90.00
_cell.angle_gamma   90.00
#
_symmetry.space_group_name_H-M   'P 1'
#
loop_
_entity.id
_entity.type
_entity.pdbx_description
1 polymer 'Envelope glycoprotein gp130'
2 polymer 'Envelope glycoprotein gp130'
3 branched 2-acetamido-2-deoxy-beta-D-glucopyranose-(1-4)-2-acetamido-2-deoxy-beta-D-glucopyranose
4 branched beta-D-mannopyranose-(1-4)-2-acetamido-2-deoxy-beta-D-glucopyranose-(1-4)-2-acetamido-2-deoxy-beta-D-glucopyranose
5 non-polymer 2-acetamido-2-deoxy-beta-D-glucopyranose
#
loop_
_entity_poly.entity_id
_entity_poly.type
_entity_poly.pdbx_seq_one_letter_code
_entity_poly.pdbx_strand_id
1 'polypeptide(L)'
;ALRAQHPVPKYVEVNMTSIPQGVFYQPHPEPIIHTERVLGLSQVLMINSENVANSANLSQETKALLTEMVNEEMQGLSDV
MIDFEIPLGDPRDQEQYIHRKCYQEFAHCYLVKYKTPQPWPNEGLIADQCPLPGLADVSFYPYQAIWDYYAKIENIRPAN
WTSSKLYGKARMGSYYIPKRLRNINNTHILFCSDVLYSKWYNLQNSILQNENELTKRLSNLTIGNKLKNRALPYEWAKGG
LNRLFRNISVLDVCSRPEMVLLLNKTYYTFSLWEGDCNITRYNVNETVPECKDFPHRRFNDHPYSCRLWRYREGKEEVKC
LTSDHTRCLYYPEYSNPEALFDFGFLSYMRNFPGPQCIESTSIRQQDYEVYSIYQECKLASKTYGIDSVLFSLKNFLNYT
GKPVNEMPNARAFVGLIDPKFPPTYPNITRDQYQGCNINQRRKR
;
A,B,C
2 'polypeptide(L)'
;EVNNNYSKLRSMGYALTGAVQTLAQISDINDQNLQQGIYLLRDHIVTLMEATLHDISIMEGMFAVQHVHTHLNHLRTMLM
ERRIDWTYMSSSWLQTQLQKSDDEMKVIKRTARSLVYYVKQTYNSLTATAWEIGLYYELIIPRHIYLNNWQIVNIGHLIK
SAGQLTHVTLSHPYEIINRECSNTLYLHLEECRRLDYVICDVVKIVQPCGNSSDSSDCPVWAEPVKEPHVQISPLKNGSY
LVLASSTDCQIPPYVPSVVTVNETTQCFGVTFKKPLVAEEKTSLEPQLPHLQLRLPHLVGIIAKIKGIKIEVTSSGESIK
DQLERAKAELLRLDIHEDDDDKAGWSHPQFEKGGGSGGGSGGGSWSHPQFEK
;
D,E,F
#
loop_
_chem_comp.id
_chem_comp.type
_chem_comp.name
_chem_comp.formula
BMA D-saccharide, beta linking beta-D-mannopyranose 'C6 H12 O6'
NAG D-saccharide, beta linking 2-acetamido-2-deoxy-beta-D-glucopyranose 'C8 H15 N O6'
#
# COMPACT_ATOMS: atom_id res chain seq x y z
N GLU A 13 50.43 3.34 -16.80
CA GLU A 13 50.51 3.36 -18.25
C GLU A 13 49.33 4.11 -18.87
N VAL A 14 49.39 4.36 -20.17
CA VAL A 14 48.35 5.06 -20.89
C VAL A 14 47.97 4.25 -22.12
N ASN A 15 46.78 4.53 -22.64
CA ASN A 15 46.28 3.90 -23.86
C ASN A 15 45.95 4.98 -24.87
N MET A 16 46.19 4.70 -26.15
CA MET A 16 46.18 5.74 -27.15
C MET A 16 45.39 5.32 -28.39
N THR A 17 44.90 6.34 -29.09
CA THR A 17 44.30 6.19 -30.41
C THR A 17 44.23 7.57 -31.04
N SER A 18 44.72 7.69 -32.27
CA SER A 18 44.80 8.98 -32.96
C SER A 18 43.54 9.18 -33.81
N ILE A 19 42.83 10.26 -33.55
CA ILE A 19 41.65 10.59 -34.35
C ILE A 19 42.11 11.11 -35.71
N PRO A 20 41.61 10.57 -36.82
CA PRO A 20 42.14 10.93 -38.14
C PRO A 20 41.93 12.40 -38.51
N GLN A 21 40.69 12.88 -38.49
CA GLN A 21 40.38 14.24 -38.92
C GLN A 21 39.84 15.12 -37.79
N GLY A 22 40.01 14.72 -36.54
CA GLY A 22 39.53 15.53 -35.43
C GLY A 22 38.05 15.51 -35.21
N VAL A 23 37.34 14.50 -35.71
CA VAL A 23 35.90 14.36 -35.53
C VAL A 23 35.64 13.08 -34.76
N PHE A 24 34.88 13.20 -33.67
CA PHE A 24 34.59 12.07 -32.80
C PHE A 24 33.07 11.89 -32.73
N TYR A 25 32.63 10.70 -32.35
CA TYR A 25 31.21 10.39 -32.28
C TYR A 25 30.84 9.92 -30.87
N GLN A 26 29.84 10.56 -30.29
CA GLN A 26 29.21 10.35 -29.00
C GLN A 26 28.04 9.38 -29.14
N PRO A 27 27.85 8.47 -28.18
CA PRO A 27 26.69 7.57 -28.24
C PRO A 27 25.34 8.26 -28.37
N HIS A 28 24.98 9.15 -27.43
CA HIS A 28 23.70 9.85 -27.42
C HIS A 28 22.53 8.88 -27.57
N PRO A 29 22.18 8.15 -26.51
CA PRO A 29 21.21 7.06 -26.64
C PRO A 29 19.75 7.47 -26.58
N GLU A 30 19.43 8.75 -26.42
CA GLU A 30 18.01 9.12 -26.37
C GLU A 30 17.41 9.18 -27.77
N PRO A 31 16.15 8.80 -27.93
CA PRO A 31 15.50 8.88 -29.25
C PRO A 31 15.14 10.31 -29.63
N ILE A 32 14.80 10.48 -30.90
CA ILE A 32 14.41 11.77 -31.47
C ILE A 32 13.08 11.59 -32.17
N ILE A 33 12.08 12.36 -31.77
CA ILE A 33 10.70 12.04 -32.13
C ILE A 33 10.26 12.71 -33.44
N HIS A 34 10.56 14.00 -33.63
CA HIS A 34 10.12 14.74 -34.82
C HIS A 34 8.59 14.72 -34.93
N THR A 35 7.96 15.42 -33.99
CA THR A 35 6.51 15.50 -33.90
C THR A 35 5.89 16.01 -35.20
N GLU A 36 4.60 15.73 -35.36
CA GLU A 36 3.83 16.15 -36.53
C GLU A 36 2.73 17.14 -36.17
N ARG A 37 1.89 16.82 -35.18
CA ARG A 37 0.85 17.72 -34.73
C ARG A 37 0.46 17.33 -33.31
N VAL A 38 -0.26 18.24 -32.64
CA VAL A 38 -0.68 18.07 -31.26
C VAL A 38 -2.21 18.12 -31.21
N LEU A 39 -2.80 17.21 -30.43
CA LEU A 39 -4.24 17.11 -30.30
C LEU A 39 -4.66 17.30 -28.86
N GLY A 40 -5.90 17.73 -28.65
CA GLY A 40 -6.44 17.92 -27.32
C GLY A 40 -7.76 17.21 -27.15
N LEU A 41 -7.95 16.63 -25.97
CA LEU A 41 -9.12 15.82 -25.70
C LEU A 41 -9.64 16.10 -24.29
N SER A 42 -10.87 15.66 -24.03
CA SER A 42 -11.49 15.79 -22.71
C SER A 42 -12.13 14.46 -22.32
N GLN A 43 -12.18 14.20 -21.02
CA GLN A 43 -12.71 12.94 -20.52
C GLN A 43 -13.06 13.08 -19.05
N VAL A 44 -13.97 12.22 -18.59
CA VAL A 44 -14.43 12.21 -17.21
C VAL A 44 -14.15 10.82 -16.62
N LEU A 45 -13.74 10.78 -15.36
CA LEU A 45 -13.30 9.53 -14.74
C LEU A 45 -14.42 8.77 -14.05
N MET A 46 -15.29 9.43 -13.31
CA MET A 46 -16.47 8.82 -12.70
C MET A 46 -16.08 7.68 -11.74
N ILE A 47 -15.44 8.08 -10.63
CA ILE A 47 -15.10 7.14 -9.58
C ILE A 47 -16.35 6.80 -8.77
N ASN A 48 -16.66 5.50 -8.67
CA ASN A 48 -17.81 5.03 -7.94
C ASN A 48 -17.44 3.81 -7.11
N SER A 49 -17.95 3.74 -5.88
CA SER A 49 -17.60 2.65 -4.98
C SER A 49 -18.57 1.49 -5.03
N GLU A 50 -19.77 1.69 -5.60
CA GLU A 50 -20.74 0.60 -5.66
C GLU A 50 -20.25 -0.52 -6.55
N ASN A 51 -19.58 -0.20 -7.66
CA ASN A 51 -19.04 -1.23 -8.53
C ASN A 51 -18.02 -2.10 -7.81
N VAL A 52 -17.12 -1.47 -7.05
CA VAL A 52 -16.12 -2.21 -6.30
C VAL A 52 -16.78 -3.04 -5.21
N ALA A 53 -17.78 -2.49 -4.54
CA ALA A 53 -18.48 -3.23 -3.50
C ALA A 53 -19.18 -4.47 -4.07
N ASN A 54 -19.80 -4.32 -5.24
CA ASN A 54 -20.50 -5.44 -5.86
C ASN A 54 -19.52 -6.50 -6.36
N SER A 55 -18.39 -6.07 -6.93
CA SER A 55 -17.41 -7.03 -7.41
C SER A 55 -16.84 -7.85 -6.25
N ALA A 56 -16.52 -7.20 -5.15
CA ALA A 56 -16.14 -7.89 -3.93
C ALA A 56 -17.41 -8.37 -3.23
N ASN A 57 -17.28 -8.81 -1.98
CA ASN A 57 -18.45 -9.30 -1.26
C ASN A 57 -18.59 -8.59 0.08
N LEU A 58 -18.52 -7.26 0.04
CA LEU A 58 -18.59 -6.47 1.27
C LEU A 58 -19.94 -6.68 1.95
N SER A 59 -19.93 -6.56 3.29
CA SER A 59 -21.04 -7.00 4.12
C SER A 59 -21.56 -5.86 5.00
N GLN A 60 -21.77 -4.70 4.40
CA GLN A 60 -22.49 -3.58 5.02
C GLN A 60 -21.73 -2.97 6.19
N GLU A 61 -20.57 -3.53 6.52
CA GLU A 61 -19.67 -2.95 7.50
C GLU A 61 -18.29 -2.66 6.94
N THR A 62 -17.81 -3.47 5.99
CA THR A 62 -16.61 -3.11 5.25
C THR A 62 -16.90 -2.13 4.12
N LYS A 63 -18.17 -1.93 3.77
CA LYS A 63 -18.54 -0.89 2.83
C LYS A 63 -18.23 0.49 3.39
N ALA A 64 -18.54 0.72 4.66
CA ALA A 64 -18.23 1.97 5.32
C ALA A 64 -16.72 2.17 5.48
N LEU A 65 -15.95 1.08 5.54
CA LEU A 65 -14.51 1.18 5.58
C LEU A 65 -13.92 1.51 4.22
N LEU A 66 -14.66 1.27 3.13
CA LEU A 66 -14.22 1.59 1.79
C LEU A 66 -14.61 3.01 1.39
N THR A 67 -15.84 3.42 1.72
CA THR A 67 -16.26 4.78 1.39
C THR A 67 -15.43 5.81 2.13
N GLU A 68 -15.00 5.51 3.35
CA GLU A 68 -14.16 6.44 4.10
C GLU A 68 -12.82 6.67 3.38
N MET A 69 -12.17 5.60 2.94
CA MET A 69 -10.91 5.72 2.23
C MET A 69 -11.09 6.47 0.91
N VAL A 70 -12.14 6.14 0.15
CA VAL A 70 -12.38 6.81 -1.12
C VAL A 70 -12.62 8.30 -0.89
N ASN A 71 -13.42 8.63 0.13
CA ASN A 71 -13.71 10.03 0.41
C ASN A 71 -12.46 10.79 0.81
N GLU A 72 -11.61 10.21 1.66
CA GLU A 72 -10.46 10.96 2.13
C GLU A 72 -9.44 11.15 0.99
N GLU A 73 -9.26 10.12 0.15
CA GLU A 73 -8.36 10.27 -0.99
C GLU A 73 -8.86 11.31 -1.98
N MET A 74 -10.16 11.27 -2.30
CA MET A 74 -10.72 12.22 -3.24
C MET A 74 -10.68 13.65 -2.69
N GLN A 75 -10.94 13.83 -1.39
CA GLN A 75 -10.82 15.16 -0.81
C GLN A 75 -9.38 15.66 -0.85
N GLY A 76 -8.41 14.79 -0.55
CA GLY A 76 -7.02 15.20 -0.66
C GLY A 76 -6.66 15.63 -2.07
N LEU A 77 -7.18 14.93 -3.07
CA LEU A 77 -6.95 15.36 -4.44
C LEU A 77 -7.64 16.69 -4.74
N SER A 78 -8.88 16.86 -4.27
CA SER A 78 -9.67 18.04 -4.56
C SER A 78 -9.19 19.28 -3.83
N ASP A 79 -8.33 19.13 -2.82
CA ASP A 79 -7.87 20.29 -2.05
C ASP A 79 -6.89 21.17 -2.81
N VAL A 80 -6.42 20.76 -3.99
CA VAL A 80 -5.40 21.51 -4.70
C VAL A 80 -5.80 21.78 -6.14
N MET A 81 -7.08 21.61 -6.47
CA MET A 81 -7.57 21.86 -7.82
C MET A 81 -8.62 22.97 -7.80
N ILE A 82 -8.52 23.87 -8.79
CA ILE A 82 -9.19 25.16 -8.74
C ILE A 82 -10.62 25.13 -9.31
N ASP A 83 -10.99 24.10 -10.06
CA ASP A 83 -12.36 23.94 -10.55
C ASP A 83 -12.77 25.08 -11.49
N PHE A 84 -12.09 25.15 -12.64
CA PHE A 84 -12.41 26.13 -13.66
C PHE A 84 -13.14 25.45 -14.83
N GLU A 85 -13.35 26.21 -15.91
CA GLU A 85 -14.06 25.73 -17.09
C GLU A 85 -13.17 25.84 -18.32
N ILE A 86 -13.34 24.89 -19.23
CA ILE A 86 -12.50 24.79 -20.43
C ILE A 86 -13.15 25.64 -21.52
N PRO A 87 -12.43 26.61 -22.09
CA PRO A 87 -12.99 27.35 -23.23
C PRO A 87 -13.07 26.47 -24.47
N LEU A 88 -14.19 26.56 -25.18
CA LEU A 88 -14.41 25.71 -26.35
C LEU A 88 -14.92 26.45 -27.58
N GLY A 89 -15.54 27.63 -27.44
CA GLY A 89 -16.17 28.28 -28.58
C GLY A 89 -15.48 29.54 -29.05
N ASP A 90 -16.22 30.64 -29.07
CA ASP A 90 -15.72 31.91 -29.58
C ASP A 90 -15.94 33.00 -28.54
N PRO A 91 -14.94 33.86 -28.30
CA PRO A 91 -15.10 34.88 -27.25
C PRO A 91 -16.22 35.88 -27.53
N ARG A 92 -16.51 36.16 -28.79
CA ARG A 92 -17.49 37.20 -29.12
C ARG A 92 -18.90 36.80 -28.71
N ASP A 93 -19.24 35.52 -28.85
CA ASP A 93 -20.63 35.09 -28.74
C ASP A 93 -21.21 35.39 -27.36
N GLN A 94 -22.43 35.94 -27.36
CA GLN A 94 -23.14 36.27 -26.13
C GLN A 94 -24.06 35.16 -25.64
N GLU A 95 -24.59 34.34 -26.55
CA GLU A 95 -25.54 33.31 -26.15
C GLU A 95 -24.94 32.28 -25.21
N GLN A 96 -23.70 31.84 -25.46
CA GLN A 96 -23.07 30.88 -24.57
C GLN A 96 -22.88 31.44 -23.17
N TYR A 97 -22.45 32.71 -23.06
CA TYR A 97 -22.25 33.32 -21.76
C TYR A 97 -23.58 33.49 -21.03
N ILE A 98 -24.63 33.90 -21.76
CA ILE A 98 -25.95 34.03 -21.17
C ILE A 98 -26.42 32.69 -20.63
N HIS A 99 -26.29 31.63 -21.44
CA HIS A 99 -26.62 30.29 -20.98
C HIS A 99 -25.87 29.96 -19.70
N ARG A 100 -24.54 29.90 -19.79
CA ARG A 100 -23.68 29.60 -18.64
C ARG A 100 -24.10 30.32 -17.37
N LYS A 101 -24.35 31.63 -17.47
CA LYS A 101 -24.73 32.40 -16.28
C LYS A 101 -26.09 31.96 -15.74
N CYS A 102 -27.10 31.86 -16.61
CA CYS A 102 -28.43 31.49 -16.14
C CYS A 102 -28.44 30.10 -15.54
N TYR A 103 -27.72 29.17 -16.16
CA TYR A 103 -27.65 27.80 -15.64
C TYR A 103 -26.90 27.75 -14.30
N GLN A 104 -25.80 28.48 -14.20
CA GLN A 104 -25.06 28.48 -12.94
C GLN A 104 -25.87 29.10 -11.82
N GLU A 105 -26.77 30.02 -12.14
CA GLU A 105 -27.55 30.67 -11.08
C GLU A 105 -28.81 29.89 -10.72
N PHE A 106 -29.71 29.71 -11.69
CA PHE A 106 -31.08 29.25 -11.44
C PHE A 106 -31.41 28.03 -12.28
N ALA A 107 -30.51 27.03 -12.27
CA ALA A 107 -30.73 25.84 -13.08
C ALA A 107 -31.99 25.09 -12.68
N HIS A 108 -32.16 24.86 -11.37
CA HIS A 108 -33.22 23.99 -10.88
C HIS A 108 -34.32 24.75 -10.14
N CYS A 109 -34.51 26.03 -10.45
CA CYS A 109 -35.47 26.85 -9.75
C CYS A 109 -36.81 26.84 -10.47
N TYR A 110 -37.88 26.56 -9.72
CA TYR A 110 -39.23 26.51 -10.26
C TYR A 110 -40.19 27.14 -9.27
N LEU A 111 -41.33 27.59 -9.79
CA LEU A 111 -42.39 28.21 -9.00
C LEU A 111 -43.73 27.61 -9.42
N VAL A 112 -44.45 27.03 -8.47
CA VAL A 112 -45.75 26.45 -8.73
C VAL A 112 -46.83 27.33 -8.13
N LYS A 113 -47.99 27.34 -8.77
CA LYS A 113 -49.07 28.27 -8.49
C LYS A 113 -50.39 27.51 -8.44
N TYR A 114 -51.16 27.73 -7.37
CA TYR A 114 -52.43 27.05 -7.16
C TYR A 114 -53.52 27.66 -8.04
N LYS A 115 -54.76 27.23 -7.82
CA LYS A 115 -55.93 27.95 -8.29
C LYS A 115 -56.72 28.59 -7.16
N THR A 116 -56.79 27.91 -6.01
CA THR A 116 -57.40 28.45 -4.80
C THR A 116 -56.45 28.18 -3.64
N PRO A 117 -56.13 29.20 -2.83
CA PRO A 117 -55.22 28.99 -1.69
C PRO A 117 -55.84 28.01 -0.69
N GLN A 118 -55.10 26.94 -0.40
CA GLN A 118 -55.56 25.88 0.49
C GLN A 118 -54.40 25.36 1.32
N PRO A 119 -54.37 25.61 2.63
CA PRO A 119 -53.25 25.15 3.45
C PRO A 119 -53.46 23.75 4.01
N TRP A 120 -52.53 23.29 4.84
CA TRP A 120 -52.64 21.99 5.47
C TRP A 120 -53.73 22.02 6.54
N PRO A 121 -54.76 21.17 6.45
CA PRO A 121 -55.83 21.24 7.46
C PRO A 121 -55.44 20.64 8.79
N ASN A 122 -54.74 19.51 8.80
CA ASN A 122 -54.44 18.80 10.03
C ASN A 122 -53.32 19.51 10.80
N GLU A 123 -53.26 19.25 12.10
CA GLU A 123 -52.25 19.80 12.98
C GLU A 123 -51.12 18.82 13.29
N GLY A 124 -51.44 17.56 13.56
CA GLY A 124 -50.42 16.58 13.89
C GLY A 124 -50.34 15.45 12.88
N LEU A 125 -49.16 15.27 12.28
CA LEU A 125 -48.97 14.24 11.27
C LEU A 125 -48.73 12.89 11.94
N ILE A 126 -49.43 11.87 11.45
CA ILE A 126 -49.28 10.50 11.95
C ILE A 126 -48.72 9.66 10.80
N ALA A 127 -47.42 9.37 10.85
CA ALA A 127 -46.77 8.59 9.80
C ALA A 127 -45.50 8.00 10.39
N ASP A 128 -45.39 6.67 10.38
CA ASP A 128 -44.27 5.96 10.97
C ASP A 128 -43.64 5.00 9.95
N GLN A 129 -43.39 5.49 8.74
CA GLN A 129 -42.81 4.66 7.69
C GLN A 129 -41.31 4.46 7.86
N CYS A 130 -40.65 5.28 8.68
CA CYS A 130 -39.22 5.23 8.87
C CYS A 130 -38.89 5.25 10.36
N PRO A 131 -37.70 4.75 10.75
CA PRO A 131 -37.42 4.55 12.19
C PRO A 131 -37.30 5.83 12.99
N LEU A 132 -37.02 5.67 14.28
CA LEU A 132 -36.95 6.73 15.27
C LEU A 132 -35.60 6.71 15.98
N PRO A 133 -35.15 7.85 16.52
CA PRO A 133 -33.81 7.87 17.14
C PRO A 133 -33.69 6.98 18.36
N GLY A 134 -34.75 6.82 19.14
CA GLY A 134 -34.65 6.09 20.40
C GLY A 134 -34.17 6.98 21.51
N LEU A 135 -32.98 6.68 22.05
CA LEU A 135 -32.37 7.53 23.07
C LEU A 135 -30.90 7.84 22.83
N ALA A 136 -30.18 7.03 22.06
CA ALA A 136 -28.77 7.27 21.81
C ALA A 136 -28.58 8.48 20.91
N ASP A 137 -27.51 9.23 21.16
CA ASP A 137 -27.19 10.40 20.35
C ASP A 137 -26.89 10.00 18.91
N VAL A 138 -26.10 8.95 18.72
CA VAL A 138 -25.73 8.47 17.39
C VAL A 138 -26.59 7.22 17.14
N SER A 139 -27.73 7.43 16.49
CA SER A 139 -28.61 6.32 16.17
C SER A 139 -28.03 5.47 15.05
N PHE A 140 -28.47 4.21 15.00
CA PHE A 140 -28.00 3.30 13.96
C PHE A 140 -28.41 3.79 12.58
N TYR A 141 -29.66 4.24 12.44
CA TYR A 141 -30.14 4.78 11.18
C TYR A 141 -29.62 6.20 10.98
N PRO A 142 -29.45 6.62 9.72
CA PRO A 142 -29.00 8.00 9.46
C PRO A 142 -30.02 9.02 9.91
N TYR A 143 -29.51 10.22 10.20
CA TYR A 143 -30.35 11.32 10.66
C TYR A 143 -31.44 11.64 9.64
N GLN A 144 -32.69 11.38 10.01
CA GLN A 144 -33.82 11.63 9.13
C GLN A 144 -34.27 13.09 9.23
N ALA A 145 -35.01 13.53 8.22
CA ALA A 145 -35.49 14.90 8.18
C ALA A 145 -36.80 15.09 8.94
N ILE A 146 -37.47 14.01 9.34
CA ILE A 146 -38.72 14.12 10.11
C ILE A 146 -38.47 14.27 11.60
N TRP A 147 -37.27 13.95 12.08
CA TRP A 147 -36.97 14.04 13.50
C TRP A 147 -36.97 15.46 14.03
N ASP A 148 -36.99 16.46 13.15
CA ASP A 148 -37.18 17.84 13.57
C ASP A 148 -38.58 18.12 14.06
N TYR A 149 -39.52 17.19 13.84
CA TYR A 149 -40.90 17.33 14.32
C TYR A 149 -41.26 16.27 15.34
N TYR A 150 -40.28 15.49 15.81
CA TYR A 150 -40.58 14.37 16.70
C TYR A 150 -41.05 14.86 18.06
N ALA A 151 -42.06 14.16 18.61
CA ALA A 151 -42.57 14.41 19.95
C ALA A 151 -41.99 13.35 20.89
N LYS A 152 -40.76 13.58 21.32
CA LYS A 152 -40.07 12.61 22.16
C LYS A 152 -40.72 12.50 23.53
N ILE A 153 -40.72 11.30 24.09
CA ILE A 153 -41.35 11.06 25.37
C ILE A 153 -40.53 11.72 26.47
N GLU A 154 -41.20 12.51 27.31
CA GLU A 154 -40.55 13.23 28.39
C GLU A 154 -40.85 12.55 29.73
N ASN A 155 -39.93 12.70 30.67
CA ASN A 155 -40.03 12.06 31.99
C ASN A 155 -40.46 13.03 33.08
N ILE A 156 -39.90 14.23 33.10
CA ILE A 156 -40.14 15.20 34.16
C ILE A 156 -41.06 16.29 33.63
N ARG A 157 -42.23 16.44 34.26
CA ARG A 157 -43.22 17.43 33.91
C ARG A 157 -44.07 17.73 35.13
N PRO A 158 -44.60 18.94 35.25
CA PRO A 158 -45.43 19.28 36.41
C PRO A 158 -46.73 18.50 36.42
N ALA A 159 -47.39 18.51 37.59
CA ALA A 159 -48.65 17.80 37.74
C ALA A 159 -49.72 18.38 36.84
N ASN A 160 -49.79 19.71 36.73
CA ASN A 160 -50.78 20.39 35.91
C ASN A 160 -50.38 20.48 34.44
N TRP A 161 -49.44 19.65 33.99
CA TRP A 161 -49.04 19.65 32.59
C TRP A 161 -50.17 19.15 31.71
N THR A 162 -50.24 19.69 30.50
CA THR A 162 -51.27 19.32 29.53
C THR A 162 -50.61 19.08 28.18
N SER A 163 -51.30 18.30 27.35
CA SER A 163 -50.80 17.94 26.02
C SER A 163 -51.15 18.96 24.95
N SER A 164 -51.92 20.01 25.30
CA SER A 164 -52.31 21.03 24.34
C SER A 164 -51.45 22.28 24.41
N LYS A 165 -50.43 22.32 25.28
CA LYS A 165 -49.61 23.51 25.40
C LYS A 165 -48.74 23.71 24.16
N LEU A 166 -48.06 22.66 23.71
CA LEU A 166 -47.18 22.77 22.56
C LEU A 166 -47.30 21.64 21.54
N TYR A 167 -47.83 20.47 21.91
CA TYR A 167 -47.95 19.35 20.99
C TYR A 167 -49.29 19.27 20.28
N GLY A 168 -50.24 20.15 20.63
CA GLY A 168 -51.52 20.20 19.95
C GLY A 168 -52.32 18.92 20.10
N LYS A 169 -53.12 18.64 19.06
CA LYS A 169 -53.98 17.46 19.05
C LYS A 169 -53.25 16.17 18.70
N ALA A 170 -51.99 16.25 18.30
CA ALA A 170 -51.25 15.08 17.86
C ALA A 170 -51.07 14.09 19.01
N ARG A 171 -51.15 12.81 18.69
CA ARG A 171 -50.90 11.77 19.68
C ARG A 171 -49.45 11.81 20.13
N MET A 172 -49.22 11.38 21.37
CA MET A 172 -47.88 11.47 21.94
C MET A 172 -46.95 10.51 21.21
N GLY A 173 -45.76 10.99 20.84
CA GLY A 173 -44.84 10.22 20.06
C GLY A 173 -44.97 10.39 18.56
N SER A 174 -45.99 11.12 18.10
CA SER A 174 -46.16 11.40 16.68
C SER A 174 -45.33 12.62 16.30
N TYR A 175 -45.57 13.16 15.12
CA TYR A 175 -44.85 14.32 14.62
C TYR A 175 -45.77 15.54 14.61
N TYR A 176 -45.30 16.64 15.18
CA TYR A 176 -46.04 17.88 15.28
C TYR A 176 -45.42 18.93 14.37
N ILE A 177 -46.26 19.57 13.55
CA ILE A 177 -45.79 20.58 12.60
C ILE A 177 -46.26 21.95 13.06
N PRO A 178 -45.52 23.02 12.78
CA PRO A 178 -45.94 24.35 13.20
C PRO A 178 -46.95 24.95 12.23
N LYS A 179 -47.49 26.12 12.63
CA LYS A 179 -48.48 26.81 11.83
C LYS A 179 -47.87 27.48 10.60
N ARG A 180 -46.56 27.79 10.64
CA ARG A 180 -45.93 28.53 9.57
C ARG A 180 -45.96 27.79 8.24
N LEU A 181 -46.20 26.48 8.26
CA LEU A 181 -46.28 25.70 7.02
C LEU A 181 -47.70 25.56 6.49
N ARG A 182 -48.68 26.18 7.13
CA ARG A 182 -50.07 26.05 6.72
C ARG A 182 -50.79 27.40 6.77
N ASN A 183 -50.11 28.46 6.35
CA ASN A 183 -50.75 29.78 6.29
C ASN A 183 -51.81 29.78 5.21
N ILE A 184 -52.97 30.38 5.52
CA ILE A 184 -54.09 30.38 4.58
C ILE A 184 -53.78 31.24 3.36
N ASN A 185 -52.91 32.24 3.51
CA ASN A 185 -52.62 33.17 2.42
C ASN A 185 -51.49 32.68 1.51
N ASN A 186 -50.86 31.56 1.81
CA ASN A 186 -49.81 31.01 0.95
C ASN A 186 -50.42 30.63 -0.40
N THR A 187 -49.98 31.31 -1.47
CA THR A 187 -50.52 31.07 -2.79
C THR A 187 -49.50 30.57 -3.81
N HIS A 188 -48.22 30.90 -3.66
CA HIS A 188 -47.20 30.40 -4.57
C HIS A 188 -46.15 29.62 -3.79
N ILE A 189 -45.50 28.68 -4.46
CA ILE A 189 -44.42 27.90 -3.86
C ILE A 189 -43.20 28.02 -4.75
N LEU A 190 -42.05 28.30 -4.14
CA LEU A 190 -40.78 28.41 -4.87
C LEU A 190 -39.82 27.36 -4.33
N PHE A 191 -39.14 26.68 -5.25
CA PHE A 191 -38.17 25.66 -4.83
C PHE A 191 -37.08 25.52 -5.88
N CYS A 192 -35.85 25.33 -5.41
CA CYS A 192 -34.68 25.12 -6.27
C CYS A 192 -34.01 23.84 -5.82
N SER A 193 -34.41 22.72 -6.40
CA SER A 193 -33.86 21.42 -6.04
C SER A 193 -34.04 20.46 -7.21
N ASP A 194 -33.30 19.35 -7.17
CA ASP A 194 -33.31 18.35 -8.22
C ASP A 194 -33.68 16.97 -7.69
N VAL A 195 -34.43 16.91 -6.59
CA VAL A 195 -34.80 15.64 -5.98
C VAL A 195 -36.16 15.21 -6.49
N LEU A 196 -36.64 15.85 -7.56
CA LEU A 196 -37.96 15.56 -8.11
C LEU A 196 -37.92 15.27 -9.60
N TYR A 197 -36.73 15.08 -10.18
CA TYR A 197 -36.61 14.83 -11.60
C TYR A 197 -36.96 13.38 -11.92
N SER A 198 -37.15 13.11 -13.21
CA SER A 198 -37.56 11.79 -13.67
C SER A 198 -36.33 10.87 -13.73
N LYS A 199 -36.49 9.72 -14.38
CA LYS A 199 -35.41 8.72 -14.43
C LYS A 199 -34.25 9.14 -15.32
N TRP A 200 -34.44 10.15 -16.19
CA TRP A 200 -33.35 10.59 -17.05
C TRP A 200 -32.25 11.32 -16.28
N TYR A 201 -32.51 11.71 -15.04
CA TYR A 201 -31.51 12.35 -14.18
C TYR A 201 -30.95 11.29 -13.22
N ASN A 202 -29.69 10.92 -13.42
CA ASN A 202 -29.11 9.83 -12.66
C ASN A 202 -27.62 10.06 -12.47
N LEU A 203 -27.03 9.27 -11.58
CA LEU A 203 -25.61 9.42 -11.28
C LEU A 203 -24.74 8.84 -12.40
N GLN A 204 -25.29 7.95 -13.22
CA GLN A 204 -24.50 7.29 -14.24
C GLN A 204 -24.05 8.29 -15.32
N ASN A 205 -24.78 9.38 -15.48
CA ASN A 205 -24.39 10.42 -16.42
C ASN A 205 -23.46 11.43 -15.75
N SER A 206 -22.71 12.15 -16.57
CA SER A 206 -21.84 13.21 -16.09
C SER A 206 -22.64 14.50 -15.90
N ILE A 207 -21.97 15.51 -15.35
CA ILE A 207 -22.63 16.78 -15.08
C ILE A 207 -23.01 17.48 -16.38
N LEU A 208 -22.10 17.49 -17.36
CA LEU A 208 -22.41 18.08 -18.65
C LEU A 208 -23.54 17.33 -19.36
N GLN A 209 -23.53 16.00 -19.25
CA GLN A 209 -24.59 15.20 -19.86
C GLN A 209 -25.95 15.55 -19.26
N ASN A 210 -26.02 15.65 -17.93
CA ASN A 210 -27.27 16.03 -17.28
C ASN A 210 -27.70 17.44 -17.66
N GLU A 211 -26.74 18.37 -17.76
CA GLU A 211 -27.06 19.73 -18.14
C GLU A 211 -27.65 19.78 -19.54
N ASN A 212 -27.05 19.06 -20.49
CA ASN A 212 -27.59 19.01 -21.84
C ASN A 212 -28.98 18.39 -21.86
N GLU A 213 -29.18 17.31 -21.10
CA GLU A 213 -30.49 16.70 -21.02
C GLU A 213 -31.54 17.69 -20.51
N LEU A 214 -31.23 18.39 -19.42
CA LEU A 214 -32.17 19.32 -18.84
C LEU A 214 -32.47 20.48 -19.79
N THR A 215 -31.45 21.01 -20.44
CA THR A 215 -31.66 22.12 -21.37
C THR A 215 -32.54 21.70 -22.54
N LYS A 216 -32.27 20.53 -23.12
CA LYS A 216 -33.08 20.07 -24.24
C LYS A 216 -34.53 19.82 -23.82
N ARG A 217 -34.73 19.18 -22.67
CA ARG A 217 -36.09 18.89 -22.21
C ARG A 217 -36.86 20.16 -21.90
N LEU A 218 -36.19 21.14 -21.26
CA LEU A 218 -36.86 22.40 -20.97
C LEU A 218 -37.20 23.16 -22.24
N SER A 219 -36.30 23.16 -23.22
CA SER A 219 -36.58 23.85 -24.48
C SER A 219 -37.71 23.17 -25.24
N ASN A 220 -37.83 21.85 -25.14
CA ASN A 220 -38.86 21.14 -25.90
C ASN A 220 -40.25 21.39 -25.31
N LEU A 221 -40.35 21.45 -23.99
CA LEU A 221 -41.64 21.40 -23.29
C LEU A 221 -41.96 22.70 -22.55
N THR A 222 -41.73 23.85 -23.18
CA THR A 222 -42.02 25.13 -22.55
C THR A 222 -42.60 26.10 -23.56
N ILE A 223 -43.66 26.81 -23.17
CA ILE A 223 -44.21 27.92 -23.92
C ILE A 223 -43.99 29.19 -23.10
N GLY A 224 -43.20 30.11 -23.63
CA GLY A 224 -42.83 31.28 -22.86
C GLY A 224 -41.98 30.85 -21.67
N ASN A 225 -42.53 31.01 -20.48
CA ASN A 225 -41.91 30.55 -19.24
C ASN A 225 -42.82 29.60 -18.47
N LYS A 226 -43.78 28.99 -19.16
CA LYS A 226 -44.76 28.09 -18.57
C LYS A 226 -44.56 26.68 -19.12
N LEU A 227 -44.55 25.69 -18.23
CA LEU A 227 -44.34 24.30 -18.63
C LEU A 227 -45.64 23.68 -19.13
N LYS A 228 -45.50 22.67 -19.99
CA LYS A 228 -46.65 21.93 -20.47
C LYS A 228 -47.22 21.03 -19.38
N ASN A 229 -48.49 20.66 -19.56
CA ASN A 229 -49.11 19.74 -18.60
C ASN A 229 -48.47 18.35 -18.67
N ARG A 230 -47.99 17.95 -19.84
CA ARG A 230 -47.40 16.63 -20.01
C ARG A 230 -46.10 16.44 -19.24
N ALA A 231 -45.49 17.53 -18.77
CA ALA A 231 -44.26 17.45 -17.99
C ALA A 231 -44.51 17.29 -16.50
N LEU A 232 -45.77 17.17 -16.09
CA LEU A 232 -46.17 17.05 -14.69
C LEU A 232 -46.72 15.67 -14.41
N PRO A 233 -46.75 15.24 -13.15
CA PRO A 233 -47.39 13.96 -12.82
C PRO A 233 -48.89 14.04 -13.02
N TYR A 234 -49.54 12.87 -12.96
CA TYR A 234 -50.97 12.80 -13.21
C TYR A 234 -51.78 13.54 -12.15
N GLU A 235 -51.26 13.63 -10.93
CA GLU A 235 -51.97 14.35 -9.87
C GLU A 235 -51.85 15.85 -10.02
N TRP A 236 -50.71 16.34 -10.52
CA TRP A 236 -50.50 17.78 -10.63
C TRP A 236 -51.28 18.39 -11.80
N ALA A 237 -51.53 17.63 -12.85
CA ALA A 237 -52.24 18.14 -14.01
C ALA A 237 -53.05 17.01 -14.65
N LYS A 238 -54.14 17.39 -15.32
CA LYS A 238 -55.02 16.39 -15.93
C LYS A 238 -54.31 15.64 -17.05
N GLY A 239 -53.56 16.35 -17.90
CA GLY A 239 -52.87 15.72 -19.00
C GLY A 239 -51.42 15.42 -18.71
N GLY A 240 -51.14 14.97 -17.49
CA GLY A 240 -49.76 14.71 -17.09
C GLY A 240 -49.27 13.37 -17.59
N LEU A 241 -48.02 13.36 -18.07
CA LEU A 241 -47.38 12.15 -18.56
C LEU A 241 -46.06 11.85 -17.85
N ASN A 242 -45.72 12.61 -16.81
CA ASN A 242 -44.47 12.42 -16.07
C ASN A 242 -43.26 12.52 -16.99
N ARG A 243 -43.31 13.46 -17.93
CA ARG A 243 -42.21 13.62 -18.87
C ARG A 243 -41.00 14.30 -18.23
N LEU A 244 -41.22 15.16 -17.24
CA LEU A 244 -40.15 15.87 -16.57
C LEU A 244 -40.00 15.48 -15.11
N PHE A 245 -41.11 15.44 -14.36
CA PHE A 245 -41.09 15.05 -12.96
C PHE A 245 -41.55 13.61 -12.81
N ARG A 246 -41.47 13.11 -11.58
CA ARG A 246 -41.83 11.74 -11.25
C ARG A 246 -42.95 11.73 -10.21
N ASN A 247 -43.31 10.53 -9.77
CA ASN A 247 -44.35 10.34 -8.76
C ASN A 247 -43.73 10.36 -7.37
N ILE A 248 -44.44 10.98 -6.43
CA ILE A 248 -43.97 11.06 -5.05
C ILE A 248 -44.30 9.76 -4.33
N SER A 249 -43.28 9.14 -3.74
CA SER A 249 -43.44 7.87 -3.04
C SER A 249 -43.86 8.12 -1.59
N VAL A 250 -44.18 7.03 -0.89
CA VAL A 250 -44.66 7.13 0.48
C VAL A 250 -43.54 7.57 1.41
N LEU A 251 -42.35 6.98 1.26
CA LEU A 251 -41.24 7.26 2.16
C LEU A 251 -40.79 8.71 2.12
N ASP A 252 -40.97 9.39 0.98
CA ASP A 252 -40.52 10.77 0.83
C ASP A 252 -41.06 11.68 1.92
N VAL A 253 -42.25 11.37 2.46
CA VAL A 253 -42.86 12.21 3.48
C VAL A 253 -41.97 12.35 4.71
N CYS A 254 -41.08 11.40 4.97
CA CYS A 254 -40.16 11.54 6.09
C CYS A 254 -38.71 11.63 5.64
N SER A 255 -38.46 11.89 4.36
CA SER A 255 -37.14 12.26 3.88
C SER A 255 -37.06 13.72 3.44
N ARG A 256 -38.12 14.23 2.81
CA ARG A 256 -38.27 15.66 2.52
C ARG A 256 -39.68 16.04 2.93
N PRO A 257 -39.91 16.20 4.24
CA PRO A 257 -41.30 16.44 4.71
C PRO A 257 -41.93 17.71 4.15
N GLU A 258 -41.14 18.76 3.91
CA GLU A 258 -41.72 20.03 3.52
C GLU A 258 -42.41 19.95 2.16
N MET A 259 -41.78 19.28 1.19
CA MET A 259 -42.38 19.22 -0.15
C MET A 259 -43.66 18.40 -0.15
N VAL A 260 -43.70 17.31 0.62
CA VAL A 260 -44.93 16.52 0.71
C VAL A 260 -46.01 17.30 1.44
N LEU A 261 -45.65 18.04 2.48
CA LEU A 261 -46.63 18.84 3.20
C LEU A 261 -47.20 19.94 2.32
N LEU A 262 -46.37 20.56 1.49
CA LEU A 262 -46.78 21.72 0.71
C LEU A 262 -47.27 21.41 -0.69
N LEU A 263 -47.10 20.18 -1.18
CA LEU A 263 -47.38 19.90 -2.58
C LEU A 263 -48.34 18.73 -2.78
N ASN A 264 -48.34 17.77 -1.84
CA ASN A 264 -49.18 16.59 -2.00
C ASN A 264 -50.66 16.98 -1.95
N LYS A 265 -51.45 16.34 -2.81
CA LYS A 265 -52.88 16.62 -2.90
C LYS A 265 -53.70 15.70 -2.02
N THR A 266 -53.35 14.42 -1.95
CA THR A 266 -54.08 13.44 -1.16
C THR A 266 -53.24 13.01 0.03
N TYR A 267 -53.84 13.05 1.22
CA TYR A 267 -53.15 12.68 2.45
C TYR A 267 -53.46 11.21 2.76
N TYR A 268 -52.53 10.34 2.39
CA TYR A 268 -52.66 8.89 2.63
C TYR A 268 -51.86 8.58 3.89
N THR A 269 -52.51 8.68 5.04
CA THR A 269 -51.82 8.41 6.30
C THR A 269 -51.75 6.91 6.56
N PHE A 270 -50.65 6.50 7.19
CA PHE A 270 -50.36 5.09 7.48
C PHE A 270 -50.58 4.86 8.96
N SER A 271 -51.62 4.09 9.30
CA SER A 271 -51.98 3.81 10.68
C SER A 271 -51.57 2.38 11.00
N LEU A 272 -50.78 2.24 12.07
CA LEU A 272 -50.32 0.96 12.59
C LEU A 272 -50.62 0.79 14.07
N TRP A 273 -50.93 1.86 14.78
CA TRP A 273 -51.22 1.79 16.22
C TRP A 273 -52.52 1.06 16.47
N GLU A 274 -52.69 0.64 17.73
CA GLU A 274 -53.91 -0.06 18.13
C GLU A 274 -55.04 0.93 18.37
N GLY A 275 -56.23 0.59 17.88
CA GLY A 275 -57.38 1.44 18.08
C GLY A 275 -57.91 2.03 16.79
N ASP A 276 -57.01 2.38 15.87
CA ASP A 276 -57.41 2.96 14.60
C ASP A 276 -57.90 1.88 13.64
N CYS A 277 -58.75 2.30 12.72
CA CYS A 277 -59.22 1.48 11.60
C CYS A 277 -59.96 0.23 12.07
N ASN A 278 -60.57 0.30 13.26
CA ASN A 278 -61.39 -0.78 13.81
C ASN A 278 -60.59 -2.07 13.98
N ILE A 279 -59.47 -1.97 14.68
CA ILE A 279 -58.65 -3.13 15.06
C ILE A 279 -58.34 -3.03 16.54
N THR A 280 -58.63 -4.11 17.27
CA THR A 280 -58.46 -4.14 18.72
C THR A 280 -57.75 -5.43 19.11
N ARG A 281 -57.05 -5.38 20.25
CA ARG A 281 -56.25 -6.50 20.70
C ARG A 281 -57.06 -7.79 20.82
N TYR A 282 -58.35 -7.68 21.14
CA TYR A 282 -59.19 -8.86 21.33
C TYR A 282 -59.73 -9.42 20.02
N ASN A 283 -59.45 -8.78 18.88
CA ASN A 283 -59.93 -9.28 17.61
C ASN A 283 -58.88 -9.21 16.51
N VAL A 284 -57.59 -9.20 16.85
CA VAL A 284 -56.56 -9.15 15.83
C VAL A 284 -56.50 -10.45 15.05
N ASN A 285 -56.70 -11.58 15.72
CA ASN A 285 -56.61 -12.88 15.05
C ASN A 285 -57.85 -13.16 14.21
N GLU A 286 -59.01 -12.69 14.66
CA GLU A 286 -60.29 -13.04 14.04
C GLU A 286 -60.80 -11.98 13.08
N THR A 287 -59.99 -10.97 12.77
CA THR A 287 -60.39 -9.95 11.80
C THR A 287 -59.59 -10.07 10.51
N GLU A 290 -55.18 -8.52 7.85
CA GLU A 290 -56.02 -9.66 8.20
C GLU A 290 -55.30 -10.98 7.94
N CYS A 291 -54.18 -11.18 8.64
CA CYS A 291 -53.41 -12.41 8.47
C CYS A 291 -54.19 -13.59 9.02
N LYS A 292 -54.27 -14.67 8.23
CA LYS A 292 -55.01 -15.85 8.66
C LYS A 292 -54.25 -16.60 9.75
N ASP A 293 -52.94 -16.79 9.57
CA ASP A 293 -52.12 -17.51 10.54
C ASP A 293 -50.68 -17.04 10.49
N ASN A 300 -43.80 -16.10 8.88
CA ASN A 300 -43.57 -16.09 10.32
C ASN A 300 -42.09 -15.95 10.63
N ASP A 301 -41.62 -16.74 11.60
CA ASP A 301 -40.23 -16.72 12.04
C ASP A 301 -39.81 -15.31 12.47
N HIS A 302 -40.72 -14.59 13.11
CA HIS A 302 -40.45 -13.22 13.53
C HIS A 302 -41.43 -12.83 14.64
N PRO A 303 -40.94 -12.26 15.74
CA PRO A 303 -41.85 -11.92 16.85
C PRO A 303 -42.90 -10.89 16.49
N TYR A 304 -42.68 -10.08 15.45
CA TYR A 304 -43.61 -9.02 15.09
C TYR A 304 -44.65 -9.46 14.07
N SER A 305 -44.67 -10.73 13.68
CA SER A 305 -45.66 -11.22 12.73
C SER A 305 -47.06 -11.17 13.37
N CYS A 306 -47.99 -10.49 12.70
CA CYS A 306 -49.35 -10.29 13.21
C CYS A 306 -49.33 -9.67 14.60
N ARG A 307 -48.42 -8.71 14.80
CA ARG A 307 -48.25 -8.02 16.07
C ARG A 307 -48.36 -6.53 15.85
N LEU A 308 -48.74 -5.81 16.90
CA LEU A 308 -48.93 -4.37 16.84
C LEU A 308 -47.76 -3.66 17.52
N TRP A 309 -47.76 -2.34 17.42
CA TRP A 309 -46.62 -1.52 17.85
C TRP A 309 -46.93 -0.71 19.10
N ARG A 310 -47.97 0.12 19.07
CA ARG A 310 -48.31 0.99 20.19
C ARG A 310 -49.58 0.50 20.84
N TYR A 311 -49.52 0.33 22.17
CA TYR A 311 -50.60 -0.28 22.94
C TYR A 311 -51.32 0.79 23.75
N ARG A 312 -52.50 0.42 24.25
CA ARG A 312 -53.32 1.29 25.09
C ARG A 312 -53.24 0.77 26.52
N GLU A 313 -52.59 1.56 27.39
CA GLU A 313 -52.45 1.19 28.79
C GLU A 313 -53.38 1.96 29.72
N GLY A 314 -53.82 3.15 29.31
CA GLY A 314 -54.72 3.94 30.12
C GLY A 314 -54.91 5.35 29.59
N LYS A 315 -54.89 6.34 30.48
CA LYS A 315 -55.03 7.73 30.07
C LYS A 315 -53.90 8.57 30.66
N GLU A 316 -53.97 9.88 30.46
CA GLU A 316 -52.95 10.79 30.96
C GLU A 316 -53.11 10.96 32.47
N GLU A 317 -52.15 10.43 33.23
CA GLU A 317 -52.18 10.53 34.68
C GLU A 317 -50.80 10.95 35.17
N VAL A 318 -50.78 11.70 36.27
CA VAL A 318 -49.55 12.19 36.87
C VAL A 318 -49.58 11.86 38.35
N LYS A 319 -48.60 11.07 38.80
CA LYS A 319 -48.49 10.67 40.20
C LYS A 319 -47.06 10.89 40.66
N CYS A 320 -46.90 11.66 41.74
CA CYS A 320 -45.58 11.83 42.37
C CYS A 320 -45.79 12.46 43.74
N LEU A 321 -45.15 11.86 44.76
CA LEU A 321 -45.21 12.35 46.13
C LEU A 321 -43.82 12.65 46.67
N THR A 322 -42.87 12.91 45.77
CA THR A 322 -41.48 13.11 46.14
C THR A 322 -41.33 14.38 46.99
N SER A 323 -40.12 14.56 47.52
CA SER A 323 -39.85 15.71 48.38
C SER A 323 -40.00 17.03 47.61
N ASP A 324 -39.55 17.05 46.36
CA ASP A 324 -39.63 18.25 45.53
C ASP A 324 -40.73 18.09 44.50
N HIS A 325 -41.37 19.22 44.17
CA HIS A 325 -42.51 19.23 43.27
C HIS A 325 -42.13 19.44 41.80
N THR A 326 -40.85 19.70 41.51
CA THR A 326 -40.46 19.98 40.13
C THR A 326 -40.30 18.69 39.33
N ARG A 327 -39.37 17.82 39.75
CA ARG A 327 -39.13 16.56 39.06
C ARG A 327 -40.24 15.57 39.42
N CYS A 328 -41.14 15.31 38.48
CA CYS A 328 -42.31 14.49 38.72
C CYS A 328 -42.45 13.44 37.62
N LEU A 329 -42.94 12.27 37.99
CA LEU A 329 -43.13 11.18 37.04
C LEU A 329 -44.35 11.45 36.16
N TYR A 330 -44.30 10.95 34.93
CA TYR A 330 -45.34 11.19 33.95
C TYR A 330 -45.75 9.87 33.30
N TYR A 331 -47.03 9.76 32.98
CA TYR A 331 -47.59 8.59 32.30
C TYR A 331 -48.05 8.98 30.91
N PRO A 332 -47.48 8.42 29.84
CA PRO A 332 -48.01 8.69 28.49
C PRO A 332 -49.37 8.02 28.30
N GLU A 333 -50.20 8.69 27.50
CA GLU A 333 -51.54 8.17 27.22
C GLU A 333 -51.53 7.01 26.22
N TYR A 334 -50.58 7.01 25.29
CA TYR A 334 -50.38 5.90 24.35
C TYR A 334 -49.04 5.26 24.68
N SER A 335 -49.07 4.23 25.50
CA SER A 335 -47.84 3.63 26.01
C SER A 335 -47.12 2.82 24.95
N ASN A 336 -45.80 2.71 25.11
CA ASN A 336 -44.98 1.89 24.23
C ASN A 336 -44.62 0.61 24.95
N PRO A 337 -45.14 -0.55 24.53
CA PRO A 337 -44.82 -1.80 25.22
C PRO A 337 -43.39 -2.28 25.01
N GLU A 338 -42.66 -1.73 24.03
CA GLU A 338 -41.30 -2.14 23.77
C GLU A 338 -40.31 -1.00 23.67
N ALA A 339 -40.75 0.24 23.44
CA ALA A 339 -39.87 1.41 23.33
C ALA A 339 -38.81 1.23 22.24
N LEU A 340 -39.16 0.50 21.18
CA LEU A 340 -38.23 0.27 20.08
C LEU A 340 -38.52 1.28 18.97
N PHE A 341 -37.77 1.17 17.86
CA PHE A 341 -37.86 2.16 16.80
C PHE A 341 -37.88 1.59 15.40
N ASP A 342 -37.82 0.28 15.23
CA ASP A 342 -37.67 -0.35 13.92
C ASP A 342 -38.79 -1.35 13.66
N PHE A 343 -40.03 -0.94 13.93
CA PHE A 343 -41.20 -1.78 13.72
C PHE A 343 -41.91 -1.44 12.41
N GLY A 344 -42.32 -0.18 12.24
CA GLY A 344 -43.00 0.21 11.02
C GLY A 344 -42.10 0.17 9.80
N PHE A 345 -40.84 0.55 9.97
CA PHE A 345 -39.91 0.57 8.85
C PHE A 345 -39.72 -0.84 8.27
N LEU A 346 -39.56 -1.84 9.14
CA LEU A 346 -39.46 -3.21 8.67
C LEU A 346 -40.79 -3.72 8.13
N SER A 347 -41.90 -3.26 8.71
CA SER A 347 -43.21 -3.66 8.22
C SER A 347 -43.47 -3.13 6.81
N TYR A 348 -42.86 -2.01 6.44
CA TYR A 348 -43.04 -1.44 5.11
C TYR A 348 -42.43 -2.32 4.02
N MET A 349 -41.46 -3.15 4.35
CA MET A 349 -40.77 -3.97 3.35
C MET A 349 -41.49 -5.28 3.04
N ARG A 350 -42.63 -5.55 3.68
CA ARG A 350 -43.42 -6.76 3.43
C ARG A 350 -42.59 -8.03 3.70
N ASN A 351 -41.94 -8.05 4.86
CA ASN A 351 -41.19 -9.23 5.29
C ASN A 351 -41.97 -10.10 6.27
N PHE A 352 -42.77 -9.49 7.14
CA PHE A 352 -43.65 -10.24 8.03
C PHE A 352 -45.05 -9.65 7.96
N PRO A 353 -46.09 -10.48 8.21
CA PRO A 353 -47.45 -9.97 8.17
C PRO A 353 -47.78 -9.10 9.38
N GLY A 354 -48.96 -8.51 9.39
CA GLY A 354 -49.38 -7.67 10.49
C GLY A 354 -50.41 -6.63 10.08
N PRO A 355 -51.10 -6.07 11.06
CA PRO A 355 -52.10 -5.03 10.76
C PRO A 355 -51.45 -3.80 10.14
N GLN A 356 -52.24 -3.12 9.30
CA GLN A 356 -51.86 -1.88 8.65
C GLN A 356 -53.10 -1.30 8.01
N CYS A 357 -53.21 0.03 8.00
CA CYS A 357 -54.39 0.64 7.40
C CYS A 357 -54.04 2.01 6.82
N ILE A 358 -54.35 2.20 5.55
CA ILE A 358 -54.05 3.45 4.85
C ILE A 358 -55.35 4.24 4.73
N GLU A 359 -55.30 5.50 5.16
CA GLU A 359 -56.46 6.38 5.12
C GLU A 359 -56.24 7.51 4.13
N SER A 360 -57.32 7.91 3.48
CA SER A 360 -57.30 8.95 2.46
C SER A 360 -58.00 10.20 2.95
N THR A 361 -57.45 11.36 2.57
CA THR A 361 -58.05 12.64 2.92
C THR A 361 -57.64 13.64 1.86
N SER A 362 -58.62 14.18 1.12
CA SER A 362 -58.34 15.14 0.07
C SER A 362 -58.18 16.54 0.66
N ILE A 363 -57.19 17.28 0.15
CA ILE A 363 -56.97 18.66 0.58
C ILE A 363 -57.01 19.57 -0.63
N ARG A 364 -56.26 19.20 -1.68
CA ARG A 364 -56.02 20.09 -2.80
C ARG A 364 -56.52 19.47 -4.10
N GLN A 365 -57.07 20.33 -4.95
CA GLN A 365 -57.57 19.98 -6.27
C GLN A 365 -57.14 21.10 -7.21
N GLN A 366 -57.79 21.20 -8.38
CA GLN A 366 -57.65 22.36 -9.25
C GLN A 366 -56.20 22.52 -9.73
N ASP A 367 -55.80 21.59 -10.60
CA ASP A 367 -54.44 21.39 -11.09
C ASP A 367 -53.64 22.68 -11.25
N TYR A 368 -52.40 22.68 -10.75
CA TYR A 368 -51.60 23.88 -10.61
C TYR A 368 -50.98 24.29 -11.94
N GLU A 369 -50.17 25.35 -11.89
CA GLU A 369 -49.38 25.80 -13.03
C GLU A 369 -47.94 25.97 -12.59
N VAL A 370 -46.99 25.56 -13.43
CA VAL A 370 -45.58 25.55 -13.09
C VAL A 370 -44.83 26.48 -14.03
N TYR A 371 -44.00 27.34 -13.45
CA TYR A 371 -43.14 28.25 -14.19
C TYR A 371 -41.68 27.95 -13.88
N SER A 372 -40.84 28.01 -14.90
CA SER A 372 -39.41 27.73 -14.77
C SER A 372 -38.65 29.04 -14.80
N ILE A 373 -37.84 29.28 -13.77
CA ILE A 373 -37.10 30.53 -13.68
C ILE A 373 -35.97 30.55 -14.70
N TYR A 374 -35.35 29.38 -14.96
CA TYR A 374 -34.24 29.33 -15.90
C TYR A 374 -34.67 29.73 -17.30
N GLN A 375 -35.85 29.28 -17.73
CA GLN A 375 -36.35 29.64 -19.05
C GLN A 375 -36.60 31.13 -19.16
N GLU A 376 -37.13 31.74 -18.10
CA GLU A 376 -37.30 33.19 -18.08
C GLU A 376 -35.96 33.91 -18.15
N CYS A 377 -34.97 33.40 -17.42
CA CYS A 377 -33.63 33.98 -17.48
C CYS A 377 -33.07 33.93 -18.89
N LYS A 378 -33.25 32.79 -19.57
CA LYS A 378 -32.74 32.64 -20.93
C LYS A 378 -33.47 33.54 -21.91
N LEU A 379 -34.81 33.60 -21.82
CA LEU A 379 -35.59 34.33 -22.81
C LEU A 379 -35.50 35.84 -22.61
N ALA A 380 -35.57 36.30 -21.37
CA ALA A 380 -35.57 37.74 -21.09
C ALA A 380 -34.18 38.36 -21.22
N SER A 381 -33.14 37.56 -21.38
CA SER A 381 -31.78 38.07 -21.50
C SER A 381 -31.42 38.46 -22.93
N LYS A 382 -32.27 38.14 -23.91
CA LYS A 382 -32.01 38.51 -25.29
C LYS A 382 -32.42 39.94 -25.62
N THR A 383 -33.18 40.59 -24.74
CA THR A 383 -33.61 41.97 -24.94
C THR A 383 -33.10 42.94 -23.90
N TYR A 384 -32.76 42.46 -22.70
CA TYR A 384 -32.33 43.31 -21.61
C TYR A 384 -30.89 42.96 -21.23
N GLY A 385 -30.23 43.89 -20.56
CA GLY A 385 -28.90 43.61 -20.06
C GLY A 385 -28.93 42.43 -19.09
N ILE A 386 -28.08 41.43 -19.37
CA ILE A 386 -28.17 40.18 -18.64
C ILE A 386 -27.72 40.35 -17.20
N ASP A 387 -26.82 41.31 -16.94
CA ASP A 387 -26.44 41.60 -15.57
C ASP A 387 -27.61 42.15 -14.78
N SER A 388 -28.39 43.05 -15.38
CA SER A 388 -29.57 43.59 -14.72
C SER A 388 -30.60 42.49 -14.46
N VAL A 389 -30.82 41.62 -15.44
CA VAL A 389 -31.76 40.52 -15.28
C VAL A 389 -31.32 39.59 -14.15
N LEU A 390 -30.03 39.25 -14.12
CA LEU A 390 -29.51 38.38 -13.08
C LEU A 390 -29.67 39.01 -11.70
N PHE A 391 -29.35 40.30 -11.59
CA PHE A 391 -29.47 40.99 -10.30
C PHE A 391 -30.92 41.03 -9.84
N SER A 392 -31.85 41.37 -10.74
CA SER A 392 -33.24 41.47 -10.35
C SER A 392 -33.83 40.10 -10.01
N LEU A 393 -33.45 39.06 -10.75
CA LEU A 393 -33.93 37.72 -10.45
C LEU A 393 -33.37 37.22 -9.11
N LYS A 394 -32.11 37.57 -8.82
CA LYS A 394 -31.54 37.22 -7.52
C LYS A 394 -32.26 37.94 -6.39
N ASN A 395 -32.62 39.21 -6.62
CA ASN A 395 -33.41 39.94 -5.64
C ASN A 395 -34.77 39.29 -5.43
N PHE A 396 -35.40 38.84 -6.52
CA PHE A 396 -36.69 38.16 -6.42
C PHE A 396 -36.55 36.86 -5.63
N LEU A 397 -35.46 36.12 -5.86
CA LEU A 397 -35.22 34.90 -5.09
C LEU A 397 -35.01 35.19 -3.61
N ASN A 398 -34.62 36.41 -3.27
CA ASN A 398 -34.40 36.83 -1.88
C ASN A 398 -35.57 37.65 -1.35
N TYR A 399 -36.79 37.28 -1.74
CA TYR A 399 -37.97 38.04 -1.37
C TYR A 399 -38.18 38.04 0.14
N THR A 400 -37.96 36.90 0.79
CA THR A 400 -38.13 36.78 2.23
C THR A 400 -36.87 37.11 3.02
N GLY A 401 -35.81 37.54 2.35
CA GLY A 401 -34.55 37.83 3.02
C GLY A 401 -33.64 36.64 3.20
N LYS A 402 -34.03 35.46 2.74
CA LYS A 402 -33.23 34.25 2.83
C LYS A 402 -33.01 33.68 1.44
N PRO A 403 -31.77 33.58 0.96
CA PRO A 403 -31.54 33.05 -0.39
C PRO A 403 -31.93 31.58 -0.47
N VAL A 404 -32.68 31.24 -1.50
CA VAL A 404 -33.14 29.86 -1.67
C VAL A 404 -31.97 28.95 -2.01
N ASN A 405 -31.02 29.45 -2.80
CA ASN A 405 -29.84 28.65 -3.16
C ASN A 405 -29.02 28.30 -1.93
N GLU A 406 -29.03 29.16 -0.92
CA GLU A 406 -28.25 28.90 0.28
C GLU A 406 -28.77 27.66 1.02
N MET A 407 -30.09 27.50 1.09
CA MET A 407 -30.65 26.43 1.89
C MET A 407 -30.45 25.08 1.18
N PRO A 408 -30.26 24.01 1.95
CA PRO A 408 -29.84 22.73 1.37
C PRO A 408 -30.70 22.24 0.20
N ASN A 409 -30.09 21.38 -0.63
CA ASN A 409 -30.78 20.82 -1.77
C ASN A 409 -31.97 19.97 -1.35
N ALA A 410 -31.82 19.17 -0.28
CA ALA A 410 -32.86 18.23 0.11
C ALA A 410 -34.15 18.94 0.51
N ARG A 411 -34.03 20.01 1.29
CA ARG A 411 -35.19 20.74 1.82
C ARG A 411 -35.02 22.22 1.50
N ALA A 412 -35.46 22.62 0.31
CA ALA A 412 -35.45 24.02 -0.11
C ALA A 412 -36.80 24.35 -0.75
N PHE A 413 -37.76 24.73 0.09
CA PHE A 413 -39.11 25.04 -0.35
C PHE A 413 -39.64 26.20 0.46
N VAL A 414 -40.15 27.24 -0.22
CA VAL A 414 -40.67 28.41 0.47
C VAL A 414 -42.05 28.75 -0.09
N GLY A 415 -42.87 29.37 0.76
CA GLY A 415 -44.18 29.84 0.35
C GLY A 415 -44.17 31.34 0.20
N LEU A 416 -44.78 31.83 -0.87
CA LEU A 416 -44.76 33.25 -1.23
C LEU A 416 -46.19 33.76 -1.39
N ILE A 417 -46.43 34.96 -0.89
CA ILE A 417 -47.75 35.60 -0.85
C ILE A 417 -47.84 36.57 -2.01
N ASP A 418 -48.38 36.11 -3.14
CA ASP A 418 -48.60 36.90 -4.35
C ASP A 418 -47.34 37.67 -4.78
N PRO A 419 -46.22 37.00 -5.04
CA PRO A 419 -45.09 37.70 -5.63
C PRO A 419 -45.35 38.06 -7.09
N LYS A 420 -44.63 39.07 -7.56
CA LYS A 420 -44.75 39.54 -8.94
C LYS A 420 -43.69 38.86 -9.80
N PHE A 421 -44.12 38.30 -10.92
CA PHE A 421 -43.24 37.55 -11.81
C PHE A 421 -43.54 37.89 -13.26
N PRO A 422 -42.56 38.42 -14.02
CA PRO A 422 -41.24 38.83 -13.52
C PRO A 422 -41.21 40.27 -13.00
N PRO A 423 -40.26 40.58 -12.12
CA PRO A 423 -40.15 41.96 -11.62
C PRO A 423 -39.68 42.92 -12.71
N THR A 424 -39.99 44.19 -12.52
CA THR A 424 -39.53 45.22 -13.44
C THR A 424 -38.02 45.44 -13.27
N TYR A 425 -37.34 45.69 -14.40
CA TYR A 425 -35.90 45.84 -14.41
C TYR A 425 -35.52 47.31 -14.59
N PRO A 426 -34.40 47.74 -14.00
CA PRO A 426 -33.98 49.14 -14.17
C PRO A 426 -33.62 49.44 -15.62
N ASN A 427 -33.83 50.70 -16.01
CA ASN A 427 -33.55 51.14 -17.37
C ASN A 427 -32.04 51.14 -17.64
N ASN B 3 -34.23 -65.80 65.58
CA ASN B 3 -33.48 -66.78 64.81
C ASN B 3 -34.41 -67.68 63.99
N ASN B 4 -35.60 -67.17 63.70
CA ASN B 4 -36.54 -67.91 62.86
C ASN B 4 -35.98 -68.05 61.45
N ASN B 5 -36.24 -69.21 60.84
CA ASN B 5 -35.68 -69.48 59.52
C ASN B 5 -36.18 -68.49 58.48
N TYR B 6 -37.41 -68.00 58.65
CA TYR B 6 -37.93 -67.00 57.73
C TYR B 6 -37.42 -65.61 58.08
N SER B 7 -37.20 -65.35 59.37
CA SER B 7 -36.82 -64.02 59.84
C SER B 7 -35.46 -63.57 59.34
N LYS B 8 -34.43 -64.42 59.45
CA LYS B 8 -33.12 -64.00 58.96
C LYS B 8 -33.06 -64.04 57.44
N LEU B 9 -34.15 -64.48 56.80
CA LEU B 9 -34.28 -64.31 55.36
C LEU B 9 -35.01 -63.01 55.03
N ARG B 10 -36.03 -62.67 55.81
CA ARG B 10 -36.72 -61.40 55.63
C ARG B 10 -35.78 -60.23 55.85
N SER B 11 -34.87 -60.37 56.83
CA SER B 11 -33.92 -59.29 57.09
C SER B 11 -32.97 -59.08 55.90
N MET B 12 -32.53 -60.16 55.26
CA MET B 12 -31.67 -60.02 54.09
C MET B 12 -32.46 -59.47 52.91
N GLY B 13 -33.74 -59.85 52.79
CA GLY B 13 -34.58 -59.25 51.78
C GLY B 13 -34.74 -57.76 51.96
N TYR B 14 -34.73 -57.30 53.22
CA TYR B 14 -34.75 -55.86 53.48
C TYR B 14 -33.53 -55.17 52.88
N ALA B 15 -32.34 -55.74 53.07
CA ALA B 15 -31.12 -55.09 52.61
C ALA B 15 -30.96 -55.22 51.11
N LEU B 16 -31.54 -56.25 50.51
CA LEU B 16 -31.28 -56.50 49.10
C LEU B 16 -32.08 -55.55 48.14
N THR B 17 -32.69 -54.47 48.61
CA THR B 17 -33.42 -53.55 47.73
C THR B 17 -32.97 -52.10 47.85
N GLY B 18 -32.54 -51.66 49.04
CA GLY B 18 -32.00 -50.32 49.18
C GLY B 18 -30.76 -50.12 48.34
N ALA B 19 -29.96 -51.17 48.18
CA ALA B 19 -28.79 -51.10 47.31
C ALA B 19 -29.19 -50.79 45.88
N VAL B 20 -30.22 -51.47 45.38
CA VAL B 20 -30.69 -51.23 44.01
C VAL B 20 -31.21 -49.80 43.88
N GLN B 21 -32.01 -49.36 44.86
CA GLN B 21 -32.57 -48.01 44.80
C GLN B 21 -31.48 -46.95 44.78
N THR B 22 -30.51 -47.07 45.69
CA THR B 22 -29.43 -46.10 45.76
C THR B 22 -28.55 -46.15 44.52
N LEU B 23 -28.32 -47.35 43.98
CA LEU B 23 -27.54 -47.46 42.75
C LEU B 23 -28.22 -46.74 41.61
N ALA B 24 -29.55 -46.90 41.48
CA ALA B 24 -30.29 -46.18 40.46
C ALA B 24 -30.18 -44.67 40.65
N GLN B 25 -30.29 -44.21 41.90
CA GLN B 25 -30.21 -42.78 42.15
C GLN B 25 -28.84 -42.22 41.77
N ILE B 26 -27.77 -42.92 42.14
CA ILE B 26 -26.42 -42.45 41.83
C ILE B 26 -26.19 -42.47 40.32
N SER B 27 -26.70 -43.50 39.63
CA SER B 27 -26.57 -43.54 38.18
C SER B 27 -27.26 -42.35 37.53
N ASP B 28 -28.47 -42.02 37.99
CA ASP B 28 -29.17 -40.86 37.44
C ASP B 28 -28.40 -39.58 37.70
N ILE B 29 -27.86 -39.42 38.91
CA ILE B 29 -27.10 -38.21 39.23
C ILE B 29 -25.89 -38.07 38.31
N ASN B 30 -25.15 -39.17 38.12
CA ASN B 30 -23.96 -39.12 37.27
C ASN B 30 -24.34 -38.77 35.83
N ASP B 31 -25.38 -39.41 35.30
CA ASP B 31 -25.78 -39.15 33.92
C ASP B 31 -26.21 -37.70 33.74
N GLN B 32 -26.99 -37.16 34.68
CA GLN B 32 -27.42 -35.77 34.57
C GLN B 32 -26.25 -34.81 34.65
N ASN B 33 -25.29 -35.09 35.53
CA ASN B 33 -24.11 -34.22 35.63
C ASN B 33 -23.32 -34.23 34.32
N LEU B 34 -23.12 -35.41 33.73
CA LEU B 34 -22.41 -35.49 32.46
C LEU B 34 -23.13 -34.73 31.37
N GLN B 35 -24.46 -34.87 31.30
CA GLN B 35 -25.21 -34.15 30.26
C GLN B 35 -25.11 -32.64 30.45
N GLN B 36 -25.20 -32.17 31.69
CA GLN B 36 -25.08 -30.73 31.94
C GLN B 36 -23.70 -30.21 31.56
N GLY B 37 -22.65 -30.98 31.88
CA GLY B 37 -21.31 -30.56 31.47
C GLY B 37 -21.16 -30.48 29.96
N ILE B 38 -21.69 -31.47 29.25
CA ILE B 38 -21.62 -31.45 27.78
C ILE B 38 -22.36 -30.24 27.22
N TYR B 39 -23.53 -29.94 27.77
CA TYR B 39 -24.30 -28.79 27.28
C TYR B 39 -23.58 -27.48 27.53
N LEU B 40 -22.98 -27.32 28.71
CA LEU B 40 -22.23 -26.10 28.99
C LEU B 40 -21.05 -25.96 28.03
N LEU B 41 -20.34 -27.06 27.79
CA LEU B 41 -19.20 -27.01 26.87
C LEU B 41 -19.64 -26.62 25.47
N ARG B 42 -20.73 -27.19 24.98
CA ARG B 42 -21.16 -26.88 23.62
C ARG B 42 -21.63 -25.43 23.51
N ASP B 43 -22.31 -24.92 24.55
CA ASP B 43 -22.74 -23.53 24.52
C ASP B 43 -21.55 -22.58 24.44
N HIS B 44 -20.55 -22.81 25.30
CA HIS B 44 -19.37 -21.96 25.27
C HIS B 44 -18.63 -22.07 23.94
N ILE B 45 -18.56 -23.28 23.38
CA ILE B 45 -17.87 -23.48 22.11
C ILE B 45 -18.57 -22.72 20.99
N VAL B 46 -19.91 -22.77 20.96
CA VAL B 46 -20.65 -22.04 19.92
C VAL B 46 -20.43 -20.53 20.07
N THR B 47 -20.47 -20.03 21.31
CA THR B 47 -20.26 -18.60 21.51
C THR B 47 -18.87 -18.17 21.05
N LEU B 48 -17.85 -18.97 21.34
CA LEU B 48 -16.51 -18.65 20.86
C LEU B 48 -16.40 -18.79 19.35
N MET B 49 -17.14 -19.73 18.77
CA MET B 49 -17.03 -20.04 17.35
C MET B 49 -17.62 -18.95 16.47
N GLU B 50 -18.70 -18.30 16.91
CA GLU B 50 -19.31 -17.26 16.09
C GLU B 50 -18.40 -16.07 15.83
N ALA B 51 -17.69 -15.60 16.86
CA ALA B 51 -16.92 -14.37 16.78
C ALA B 51 -15.77 -14.49 15.79
N THR B 52 -15.07 -15.62 15.79
CA THR B 52 -13.95 -15.78 14.88
C THR B 52 -14.42 -15.82 13.42
N LEU B 53 -15.58 -16.44 13.17
CA LEU B 53 -16.13 -16.42 11.82
C LEU B 53 -16.45 -14.99 11.38
N HIS B 54 -17.08 -14.21 12.25
CA HIS B 54 -17.40 -12.83 11.89
C HIS B 54 -16.14 -12.02 11.63
N ASP B 55 -15.12 -12.19 12.49
CA ASP B 55 -13.88 -11.43 12.35
C ASP B 55 -13.15 -11.79 11.07
N ILE B 56 -13.09 -13.08 10.73
CA ILE B 56 -12.42 -13.47 9.50
C ILE B 56 -13.20 -12.97 8.29
N SER B 57 -14.53 -12.95 8.38
CA SER B 57 -15.33 -12.39 7.30
C SER B 57 -14.98 -10.94 7.05
N ILE B 58 -14.79 -10.15 8.11
CA ILE B 58 -14.41 -8.76 7.94
C ILE B 58 -12.99 -8.63 7.37
N MET B 59 -12.05 -9.38 7.94
CA MET B 59 -10.65 -9.22 7.54
C MET B 59 -10.40 -9.71 6.12
N GLU B 60 -11.26 -10.58 5.59
CA GLU B 60 -11.13 -10.95 4.20
C GLU B 60 -11.49 -9.80 3.26
N GLY B 61 -12.51 -9.02 3.60
CA GLY B 61 -12.90 -7.90 2.78
C GLY B 61 -12.01 -6.68 2.94
N MET B 62 -11.29 -6.60 4.07
CA MET B 62 -10.36 -5.50 4.26
C MET B 62 -9.20 -5.50 3.25
N PHE B 63 -8.80 -6.68 2.76
CA PHE B 63 -7.70 -6.76 1.80
C PHE B 63 -8.05 -6.07 0.50
N ALA B 64 -9.30 -6.22 0.04
CA ALA B 64 -9.73 -5.52 -1.17
C ALA B 64 -9.68 -4.02 -1.00
N VAL B 65 -10.07 -3.53 0.18
CA VAL B 65 -9.99 -2.10 0.46
C VAL B 65 -8.55 -1.61 0.38
N GLN B 66 -7.61 -2.37 0.96
CA GLN B 66 -6.21 -1.98 0.88
C GLN B 66 -5.71 -1.98 -0.56
N HIS B 67 -6.10 -3.00 -1.34
CA HIS B 67 -5.68 -3.09 -2.73
C HIS B 67 -6.19 -1.91 -3.54
N VAL B 68 -7.44 -1.50 -3.32
CA VAL B 68 -7.97 -0.34 -4.01
C VAL B 68 -7.27 0.93 -3.55
N HIS B 69 -6.94 1.02 -2.26
CA HIS B 69 -6.26 2.20 -1.72
C HIS B 69 -4.93 2.44 -2.40
N THR B 70 -4.15 1.37 -2.60
CA THR B 70 -2.84 1.54 -3.23
C THR B 70 -2.97 2.14 -4.63
N HIS B 71 -3.85 1.59 -5.46
CA HIS B 71 -4.01 2.07 -6.83
C HIS B 71 -4.58 3.48 -6.86
N LEU B 72 -5.51 3.79 -5.95
CA LEU B 72 -6.07 5.13 -5.91
C LEU B 72 -5.00 6.16 -5.54
N ASN B 73 -4.13 5.81 -4.60
CA ASN B 73 -3.02 6.69 -4.25
C ASN B 73 -2.08 6.90 -5.43
N HIS B 74 -1.78 5.83 -6.18
CA HIS B 74 -0.94 5.98 -7.36
C HIS B 74 -1.58 6.90 -8.39
N LEU B 75 -2.89 6.75 -8.60
CA LEU B 75 -3.59 7.63 -9.53
C LEU B 75 -3.53 9.08 -9.08
N ARG B 76 -3.70 9.33 -7.78
CA ARG B 76 -3.62 10.69 -7.27
C ARG B 76 -2.24 11.29 -7.50
N THR B 77 -1.19 10.49 -7.27
CA THR B 77 0.16 10.99 -7.53
C THR B 77 0.35 11.35 -9.00
N MET B 78 -0.09 10.46 -9.90
CA MET B 78 0.06 10.73 -11.32
C MET B 78 -0.71 11.99 -11.73
N LEU B 79 -1.92 12.16 -11.20
CA LEU B 79 -2.71 13.34 -11.54
C LEU B 79 -2.09 14.62 -11.01
N MET B 80 -1.61 14.62 -9.76
CA MET B 80 -0.88 15.78 -9.28
C MET B 80 0.38 16.03 -10.07
N GLU B 81 0.87 15.04 -10.82
CA GLU B 81 2.14 15.18 -11.52
C GLU B 81 1.96 15.57 -12.99
N ARG B 82 0.74 15.90 -13.42
CA ARG B 82 0.45 16.31 -14.79
C ARG B 82 0.82 15.21 -15.80
N ARG B 83 0.62 13.97 -15.40
CA ARG B 83 0.74 12.82 -16.27
C ARG B 83 -0.61 12.13 -16.39
N ILE B 84 -0.62 11.00 -17.09
CA ILE B 84 -1.83 10.21 -17.29
C ILE B 84 -1.59 8.81 -16.77
N ASP B 85 -2.50 8.33 -15.92
CA ASP B 85 -2.47 6.95 -15.45
C ASP B 85 -3.25 6.10 -16.44
N TRP B 86 -2.54 5.34 -17.27
CA TRP B 86 -3.17 4.54 -18.30
C TRP B 86 -3.78 3.25 -17.76
N THR B 87 -3.58 2.95 -16.48
CA THR B 87 -4.28 1.82 -15.87
C THR B 87 -5.76 2.12 -15.70
N TYR B 88 -6.10 3.38 -15.44
CA TYR B 88 -7.49 3.79 -15.25
C TYR B 88 -8.18 4.18 -16.54
N MET B 89 -7.47 4.25 -17.66
CA MET B 89 -8.03 4.66 -18.94
C MET B 89 -7.82 3.55 -19.97
N SER B 90 -8.79 3.43 -20.89
CA SER B 90 -8.78 2.33 -21.85
C SER B 90 -7.62 2.47 -22.83
N SER B 91 -7.59 3.56 -23.60
CA SER B 91 -6.58 3.85 -24.62
C SER B 91 -6.58 2.87 -25.78
N SER B 92 -7.58 1.99 -25.87
CA SER B 92 -7.66 1.05 -26.97
C SER B 92 -8.51 1.55 -28.12
N TRP B 93 -9.38 2.53 -27.87
CA TRP B 93 -10.24 3.05 -28.94
C TRP B 93 -9.48 3.96 -29.90
N LEU B 94 -8.49 4.70 -29.40
CA LEU B 94 -7.78 5.66 -30.25
C LEU B 94 -6.64 5.02 -31.03
N GLN B 95 -6.33 3.75 -30.78
CA GLN B 95 -5.37 3.05 -31.64
C GLN B 95 -5.99 2.65 -32.96
N THR B 96 -7.31 2.47 -33.01
CA THR B 96 -8.00 2.15 -34.24
C THR B 96 -8.45 3.39 -35.02
N GLN B 97 -8.83 4.45 -34.31
CA GLN B 97 -9.24 5.67 -34.99
C GLN B 97 -8.09 6.28 -35.79
N LEU B 98 -6.90 6.30 -35.21
CA LEU B 98 -5.69 6.70 -35.90
C LEU B 98 -4.76 5.48 -35.94
N GLN B 99 -4.46 5.01 -37.14
CA GLN B 99 -3.77 3.73 -37.30
C GLN B 99 -2.28 3.90 -37.01
N LYS B 100 -1.83 3.33 -35.89
CA LYS B 100 -0.43 3.39 -35.51
C LYS B 100 0.01 2.01 -35.03
N SER B 101 1.31 1.76 -35.12
CA SER B 101 1.86 0.50 -34.67
C SER B 101 1.82 0.40 -33.15
N ASP B 102 2.09 -0.81 -32.65
CA ASP B 102 2.12 -1.02 -31.20
C ASP B 102 3.25 -0.23 -30.57
N ASP B 103 4.42 -0.18 -31.21
CA ASP B 103 5.55 0.56 -30.67
C ASP B 103 5.35 2.07 -30.78
N GLU B 104 4.63 2.54 -31.79
CA GLU B 104 4.37 3.97 -31.93
C GLU B 104 3.34 4.46 -30.92
N MET B 105 2.48 3.58 -30.42
CA MET B 105 1.50 3.98 -29.41
C MET B 105 2.15 4.16 -28.04
N LYS B 106 3.24 3.47 -27.77
CA LYS B 106 3.93 3.62 -26.49
C LYS B 106 4.52 5.02 -26.35
N VAL B 107 5.05 5.58 -27.43
CA VAL B 107 5.56 6.95 -27.39
C VAL B 107 4.44 7.94 -27.13
N ILE B 108 3.29 7.72 -27.76
CA ILE B 108 2.13 8.60 -27.54
C ILE B 108 1.68 8.53 -26.09
N LYS B 109 1.64 7.32 -25.53
CA LYS B 109 1.24 7.16 -24.13
C LYS B 109 2.25 7.82 -23.19
N ARG B 110 3.53 7.70 -23.49
CA ARG B 110 4.56 8.17 -22.57
C ARG B 110 4.62 9.69 -22.47
N THR B 111 4.44 10.39 -23.58
CA THR B 111 4.64 11.84 -23.65
C THR B 111 3.33 12.62 -23.60
N ALA B 112 2.35 12.13 -22.83
CA ALA B 112 1.07 12.80 -22.71
C ALA B 112 1.03 13.66 -21.46
N ARG B 113 0.44 14.85 -21.61
CA ARG B 113 0.30 15.80 -20.52
C ARG B 113 -1.18 15.97 -20.20
N SER B 114 -1.49 16.14 -18.91
CA SER B 114 -2.87 16.19 -18.45
C SER B 114 -3.12 17.46 -17.65
N LEU B 115 -4.40 17.80 -17.52
CA LEU B 115 -4.84 18.96 -16.75
C LEU B 115 -6.21 18.68 -16.17
N VAL B 116 -6.34 18.89 -14.87
CA VAL B 116 -7.59 18.64 -14.14
C VAL B 116 -8.31 19.97 -13.97
N TYR B 117 -9.56 20.04 -14.44
CA TYR B 117 -10.30 21.29 -14.38
C TYR B 117 -11.53 21.25 -13.49
N TYR B 118 -11.91 20.09 -12.95
CA TYR B 118 -12.92 20.05 -11.91
C TYR B 118 -12.92 18.69 -11.23
N VAL B 119 -13.08 18.70 -9.90
CA VAL B 119 -13.22 17.49 -9.10
C VAL B 119 -14.43 17.70 -8.19
N LYS B 120 -15.43 16.83 -8.30
CA LYS B 120 -16.69 17.04 -7.61
C LYS B 120 -17.20 15.74 -7.03
N GLN B 121 -18.10 15.86 -6.05
CA GLN B 121 -18.76 14.73 -5.43
C GLN B 121 -20.25 14.79 -5.72
N THR B 122 -20.81 13.67 -6.16
CA THR B 122 -22.21 13.62 -6.57
C THR B 122 -23.11 12.86 -5.61
N TYR B 123 -22.58 11.87 -4.89
CA TYR B 123 -23.35 11.10 -3.93
C TYR B 123 -22.58 11.04 -2.61
N ASN B 124 -23.30 11.25 -1.50
CA ASN B 124 -22.68 11.36 -0.18
C ASN B 124 -23.46 10.53 0.84
N SER B 125 -23.73 9.27 0.51
CA SER B 125 -24.33 8.36 1.47
C SER B 125 -23.26 7.87 2.45
N LEU B 126 -23.71 7.24 3.53
CA LEU B 126 -22.79 6.70 4.53
C LEU B 126 -22.12 5.41 4.08
N THR B 127 -22.75 4.63 3.22
CA THR B 127 -22.17 3.40 2.69
C THR B 127 -22.00 3.43 1.18
N ALA B 128 -22.09 4.59 0.56
CA ALA B 128 -21.93 4.71 -0.89
C ALA B 128 -21.49 6.13 -1.22
N THR B 129 -20.59 6.25 -2.20
CA THR B 129 -20.06 7.53 -2.63
C THR B 129 -19.84 7.50 -4.14
N ALA B 130 -19.75 8.69 -4.73
CA ALA B 130 -19.48 8.82 -6.15
C ALA B 130 -18.80 10.16 -6.40
N TRP B 131 -17.70 10.12 -7.16
CA TRP B 131 -16.93 11.32 -7.48
C TRP B 131 -16.73 11.40 -8.99
N GLU B 132 -16.41 12.61 -9.45
CA GLU B 132 -16.15 12.86 -10.85
C GLU B 132 -14.92 13.76 -11.00
N ILE B 133 -14.07 13.43 -11.96
CA ILE B 133 -12.87 14.20 -12.28
C ILE B 133 -12.89 14.53 -13.77
N GLY B 134 -12.70 15.80 -14.10
CA GLY B 134 -12.64 16.24 -15.48
C GLY B 134 -11.20 16.39 -15.93
N LEU B 135 -10.83 15.65 -16.97
CA LEU B 135 -9.47 15.62 -17.47
C LEU B 135 -9.40 16.20 -18.87
N TYR B 136 -8.46 17.11 -19.08
CA TYR B 136 -8.11 17.60 -20.41
C TYR B 136 -6.64 17.26 -20.65
N TYR B 137 -6.38 16.49 -21.70
CA TYR B 137 -5.03 16.03 -21.97
C TYR B 137 -4.66 16.26 -23.43
N GLU B 138 -3.36 16.40 -23.67
CA GLU B 138 -2.82 16.68 -24.99
C GLU B 138 -1.93 15.54 -25.44
N LEU B 139 -2.07 15.14 -26.70
CA LEU B 139 -1.30 14.05 -27.27
C LEU B 139 -0.38 14.56 -28.37
N ILE B 140 0.83 14.02 -28.42
CA ILE B 140 1.82 14.37 -29.44
C ILE B 140 1.92 13.21 -30.40
N ILE B 141 1.59 13.47 -31.67
CA ILE B 141 1.66 12.45 -32.72
C ILE B 141 3.05 12.52 -33.35
N PRO B 142 3.77 11.41 -33.44
CA PRO B 142 5.09 11.42 -34.08
C PRO B 142 5.00 11.09 -35.57
N ARG B 143 6.11 11.31 -36.25
CA ARG B 143 6.27 10.95 -37.65
C ARG B 143 7.42 9.98 -37.89
N HIS B 144 8.51 10.11 -37.13
CA HIS B 144 9.61 9.16 -37.18
C HIS B 144 10.05 8.87 -35.75
N ILE B 145 10.99 7.94 -35.59
CA ILE B 145 11.41 7.56 -34.25
C ILE B 145 12.92 7.69 -34.07
N TYR B 146 13.70 7.21 -35.04
CA TYR B 146 15.15 7.36 -35.03
C TYR B 146 15.77 6.81 -33.74
N LEU B 147 15.66 5.49 -33.60
CA LEU B 147 16.04 4.82 -32.35
C LEU B 147 17.54 4.64 -32.17
N ASN B 148 18.34 4.76 -33.23
CA ASN B 148 19.78 4.55 -33.15
C ASN B 148 20.50 5.81 -33.61
N ASN B 149 21.16 6.49 -32.68
CA ASN B 149 21.70 7.82 -32.95
C ASN B 149 23.15 7.92 -32.50
N TRP B 150 23.88 8.85 -33.13
CA TRP B 150 25.24 9.21 -32.72
C TRP B 150 25.39 10.72 -32.86
N GLN B 151 25.94 11.34 -31.81
CA GLN B 151 26.23 12.77 -31.83
C GLN B 151 27.64 13.00 -32.35
N ILE B 152 27.88 14.21 -32.85
CA ILE B 152 29.14 14.57 -33.49
C ILE B 152 29.85 15.63 -32.65
N VAL B 153 31.11 15.38 -32.32
CA VAL B 153 31.96 16.31 -31.61
C VAL B 153 33.11 16.69 -32.52
N ASN B 154 33.33 17.99 -32.69
CA ASN B 154 34.37 18.51 -33.58
C ASN B 154 35.52 19.05 -32.74
N ILE B 155 36.70 18.47 -32.91
CA ILE B 155 37.90 18.90 -32.20
C ILE B 155 38.83 19.69 -33.12
N GLY B 156 39.08 19.16 -34.31
CA GLY B 156 39.98 19.81 -35.24
C GLY B 156 41.44 19.58 -34.87
N HIS B 157 42.31 20.24 -35.62
CA HIS B 157 43.73 20.19 -35.38
C HIS B 157 44.30 21.60 -35.47
N LEU B 158 45.43 21.81 -34.80
CA LEU B 158 46.09 23.11 -34.76
C LEU B 158 47.46 22.98 -35.42
N ILE B 159 47.82 24.00 -36.21
CA ILE B 159 49.08 23.99 -36.93
C ILE B 159 49.61 25.41 -37.07
N LEU B 165 49.58 30.21 -32.99
CA LEU B 165 49.13 29.01 -33.67
C LEU B 165 47.78 29.26 -34.34
N THR B 166 47.33 28.33 -35.18
CA THR B 166 46.06 28.42 -35.85
C THR B 166 45.23 27.17 -35.55
N HIS B 167 44.02 27.37 -35.03
CA HIS B 167 43.09 26.29 -34.72
C HIS B 167 42.13 26.16 -35.89
N VAL B 168 42.06 24.97 -36.49
CA VAL B 168 41.26 24.72 -37.68
C VAL B 168 40.18 23.71 -37.32
N THR B 169 38.92 24.09 -37.55
CA THR B 169 37.79 23.22 -37.32
C THR B 169 36.90 23.20 -38.56
N LEU B 170 36.56 22.00 -39.03
CA LEU B 170 35.64 21.87 -40.15
C LEU B 170 34.21 22.10 -39.69
N SER B 171 33.40 22.66 -40.56
CA SER B 171 32.01 22.98 -40.27
C SER B 171 31.10 21.95 -40.92
N HIS B 172 30.24 21.33 -40.12
CA HIS B 172 29.29 20.34 -40.58
C HIS B 172 27.87 20.85 -40.42
N PRO B 173 27.03 20.76 -41.46
CA PRO B 173 25.63 21.16 -41.27
C PRO B 173 24.83 20.20 -40.40
N TYR B 174 25.01 18.90 -40.61
CA TYR B 174 24.31 17.90 -39.82
C TYR B 174 24.90 17.79 -38.42
N GLU B 175 24.10 17.30 -37.48
CA GLU B 175 24.54 17.09 -36.11
C GLU B 175 24.33 15.68 -35.60
N ILE B 176 23.45 14.90 -36.21
CA ILE B 176 23.13 13.55 -35.74
C ILE B 176 23.35 12.57 -36.88
N ILE B 177 23.85 11.38 -36.55
CA ILE B 177 24.01 10.29 -37.51
C ILE B 177 23.15 9.13 -37.07
N ASN B 178 22.33 8.63 -37.99
CA ASN B 178 21.38 7.55 -37.73
C ASN B 178 21.85 6.29 -38.46
N ARG B 179 22.10 5.22 -37.72
CA ARG B 179 22.51 3.94 -38.28
C ARG B 179 21.44 2.87 -38.10
N GLU B 180 20.22 3.27 -37.75
CA GLU B 180 19.14 2.29 -37.59
C GLU B 180 18.85 1.57 -38.91
N CYS B 181 18.82 2.31 -40.01
CA CYS B 181 18.63 1.71 -41.32
C CYS B 181 19.94 1.10 -41.80
N SER B 182 19.87 0.45 -42.97
CA SER B 182 21.07 -0.12 -43.56
C SER B 182 22.08 0.97 -43.93
N ASN B 183 21.60 2.10 -44.44
CA ASN B 183 22.46 3.21 -44.81
C ASN B 183 22.42 4.28 -43.72
N THR B 184 23.51 5.05 -43.60
CA THR B 184 23.57 6.10 -42.61
C THR B 184 22.77 7.31 -43.07
N LEU B 185 22.08 7.94 -42.12
CA LEU B 185 21.32 9.16 -42.37
C LEU B 185 21.94 10.30 -41.57
N TYR B 186 21.98 11.49 -42.15
CA TYR B 186 22.55 12.66 -41.50
C TYR B 186 21.45 13.68 -41.23
N LEU B 187 21.20 13.94 -39.95
CA LEU B 187 20.05 14.71 -39.52
C LEU B 187 20.50 16.02 -38.87
N HIS B 188 19.85 17.10 -39.30
CA HIS B 188 19.99 18.43 -38.71
C HIS B 188 18.70 18.76 -37.98
N LEU B 189 18.80 19.06 -36.69
CA LEU B 189 17.66 19.26 -35.81
C LEU B 189 17.50 20.74 -35.52
N GLU B 190 16.25 21.21 -35.42
CA GLU B 190 16.00 22.58 -35.01
C GLU B 190 14.93 22.61 -33.92
N GLU B 191 15.04 23.61 -33.04
CA GLU B 191 14.09 23.88 -31.95
C GLU B 191 13.62 22.60 -31.26
N CYS B 192 14.56 21.86 -30.69
CA CYS B 192 14.25 20.63 -29.98
C CYS B 192 14.00 20.90 -28.51
N ARG B 193 13.17 20.05 -27.90
CA ARG B 193 12.79 20.14 -26.50
C ARG B 193 13.26 18.88 -25.76
N ARG B 194 13.85 19.06 -24.58
CA ARG B 194 14.35 17.95 -23.80
C ARG B 194 13.37 17.60 -22.67
N LEU B 195 12.37 16.81 -23.04
CA LEU B 195 11.40 16.27 -22.08
C LEU B 195 11.16 14.81 -22.43
N ASP B 196 11.57 13.92 -21.53
CA ASP B 196 11.60 12.47 -21.79
C ASP B 196 12.44 12.27 -23.07
N TYR B 197 11.89 11.63 -24.10
CA TYR B 197 12.60 11.56 -25.38
C TYR B 197 12.67 12.92 -26.03
N VAL B 198 13.72 13.16 -26.82
CA VAL B 198 13.92 14.46 -27.44
C VAL B 198 12.80 14.74 -28.43
N ILE B 199 12.14 15.89 -28.28
CA ILE B 199 11.03 16.29 -29.13
C ILE B 199 11.50 17.45 -30.00
N CYS B 200 11.36 17.30 -31.31
CA CYS B 200 11.81 18.32 -32.25
C CYS B 200 10.69 18.62 -33.24
N ASP B 201 10.51 19.91 -33.57
CA ASP B 201 9.54 20.27 -34.58
C ASP B 201 10.00 19.91 -35.98
N VAL B 202 11.25 20.24 -36.31
CA VAL B 202 11.77 20.00 -37.65
C VAL B 202 13.13 19.32 -37.57
N VAL B 203 13.28 18.24 -38.33
CA VAL B 203 14.54 17.56 -38.55
C VAL B 203 14.67 17.36 -40.06
N LYS B 204 15.88 17.54 -40.57
CA LYS B 204 16.10 17.48 -42.02
C LYS B 204 17.25 16.55 -42.35
N ILE B 205 17.08 15.77 -43.42
CA ILE B 205 18.14 14.90 -43.90
C ILE B 205 19.02 15.67 -44.89
N VAL B 206 20.33 15.64 -44.65
CA VAL B 206 21.29 16.37 -45.47
C VAL B 206 22.41 15.43 -45.90
N GLN B 207 23.16 15.86 -46.90
CA GLN B 207 24.21 15.03 -47.48
C GLN B 207 25.45 15.05 -46.59
N PRO B 208 26.28 14.00 -46.65
CA PRO B 208 27.43 13.87 -45.72
C PRO B 208 28.68 14.60 -46.16
N CYS B 209 28.57 15.93 -46.31
CA CYS B 209 29.72 16.80 -46.57
C CYS B 209 30.50 16.34 -47.80
N GLY B 210 29.79 15.91 -48.82
CA GLY B 210 30.42 15.41 -50.03
C GLY B 210 31.00 16.52 -50.90
N SER B 215 28.00 15.58 -52.21
CA SER B 215 26.88 16.38 -52.68
C SER B 215 26.56 17.51 -51.71
N SER B 216 27.52 17.84 -50.85
CA SER B 216 27.37 18.90 -49.87
C SER B 216 28.66 19.70 -49.78
N ASP B 217 28.54 20.94 -49.32
CA ASP B 217 29.66 21.85 -49.17
C ASP B 217 29.83 22.20 -47.69
N CYS B 218 31.07 22.24 -47.22
CA CYS B 218 31.37 22.51 -45.82
C CYS B 218 32.41 23.61 -45.72
N PRO B 219 32.08 24.76 -45.14
CA PRO B 219 33.08 25.83 -44.97
C PRO B 219 34.15 25.43 -43.97
N VAL B 220 35.32 26.06 -44.11
CA VAL B 220 36.45 25.84 -43.22
C VAL B 220 36.76 27.15 -42.51
N TRP B 221 36.77 27.13 -41.19
CA TRP B 221 37.05 28.31 -40.38
C TRP B 221 38.30 28.05 -39.55
N ALA B 222 39.27 28.96 -39.64
CA ALA B 222 40.52 28.86 -38.89
C ALA B 222 40.71 30.13 -38.08
N GLU B 223 41.01 29.97 -36.80
CA GLU B 223 41.15 31.10 -35.90
C GLU B 223 42.53 31.10 -35.24
N PRO B 224 43.22 32.23 -35.18
CA PRO B 224 44.51 32.28 -34.47
C PRO B 224 44.29 32.14 -32.97
N VAL B 225 45.17 31.38 -32.33
CA VAL B 225 45.11 31.11 -30.89
C VAL B 225 46.53 31.12 -30.34
N LYS B 226 46.67 31.56 -29.09
CA LYS B 226 47.98 31.66 -28.47
C LYS B 226 48.32 30.38 -27.72
N GLU B 227 49.62 30.10 -27.61
CA GLU B 227 50.08 28.92 -26.90
C GLU B 227 49.84 29.05 -25.39
N PRO B 228 49.72 27.94 -24.67
CA PRO B 228 49.78 26.54 -25.12
C PRO B 228 48.50 26.05 -25.80
N HIS B 229 47.35 26.55 -25.36
CA HIS B 229 46.05 26.16 -25.90
C HIS B 229 45.84 24.65 -25.84
N VAL B 230 45.78 24.11 -24.63
CA VAL B 230 45.44 22.70 -24.44
C VAL B 230 43.98 22.59 -24.03
N GLN B 231 43.26 21.65 -24.63
CA GLN B 231 41.87 21.40 -24.29
C GLN B 231 41.68 19.92 -24.03
N ILE B 232 40.99 19.61 -22.92
CA ILE B 232 40.72 18.25 -22.48
C ILE B 232 39.23 18.13 -22.22
N SER B 233 38.62 17.07 -22.75
CA SER B 233 37.18 16.86 -22.61
C SER B 233 36.90 15.45 -22.11
N PRO B 234 36.14 15.29 -21.03
CA PRO B 234 35.73 13.95 -20.60
C PRO B 234 34.86 13.27 -21.66
N LEU B 235 34.98 11.95 -21.76
CA LEU B 235 34.35 11.20 -22.83
C LEU B 235 33.12 10.41 -22.37
N LYS B 236 32.74 10.51 -21.10
CA LYS B 236 31.55 9.92 -20.51
C LYS B 236 31.67 8.41 -20.33
N ASN B 237 32.74 7.78 -20.83
CA ASN B 237 33.00 6.37 -20.57
C ASN B 237 34.34 6.17 -19.85
N GLY B 238 34.92 7.25 -19.32
CA GLY B 238 36.17 7.17 -18.61
C GLY B 238 37.38 7.65 -19.37
N SER B 239 37.30 7.77 -20.69
CA SER B 239 38.42 8.24 -21.48
C SER B 239 38.44 9.76 -21.52
N TYR B 240 39.53 10.30 -22.08
CA TYR B 240 39.68 11.74 -22.22
C TYR B 240 40.08 12.08 -23.65
N LEU B 241 39.57 13.21 -24.13
CA LEU B 241 39.95 13.76 -25.44
C LEU B 241 40.92 14.90 -25.21
N VAL B 242 42.13 14.79 -25.76
CA VAL B 242 43.21 15.73 -25.51
C VAL B 242 43.64 16.34 -26.83
N LEU B 243 43.75 17.68 -26.86
CA LEU B 243 44.32 18.41 -28.00
C LEU B 243 45.32 19.43 -27.45
N ALA B 244 46.60 19.10 -27.54
CA ALA B 244 47.65 19.89 -26.92
C ALA B 244 48.76 20.20 -27.93
N SER B 245 49.17 21.46 -27.99
CA SER B 245 50.33 21.83 -28.79
C SER B 245 51.62 21.35 -28.12
N SER B 246 51.74 21.58 -26.81
CA SER B 246 52.87 21.08 -26.05
C SER B 246 52.64 19.64 -25.62
N THR B 247 53.71 19.00 -25.15
CA THR B 247 53.66 17.60 -24.73
C THR B 247 54.52 17.40 -23.48
N ASP B 248 53.87 17.43 -22.30
CA ASP B 248 54.55 17.05 -21.08
C ASP B 248 54.39 15.56 -20.81
N CYS B 249 53.21 15.02 -21.09
CA CYS B 249 53.01 13.59 -21.04
C CYS B 249 53.34 12.96 -22.38
N GLN B 250 53.42 11.62 -22.40
CA GLN B 250 53.83 10.88 -23.59
C GLN B 250 52.70 10.89 -24.62
N ILE B 251 52.47 12.07 -25.19
CA ILE B 251 51.39 12.27 -26.16
C ILE B 251 51.93 13.02 -27.36
N PRO B 252 51.67 12.52 -28.56
CA PRO B 252 52.08 13.23 -29.78
C PRO B 252 51.42 14.60 -29.84
N PRO B 253 52.16 15.63 -30.24
CA PRO B 253 51.58 16.97 -30.25
C PRO B 253 50.82 17.26 -31.53
N TYR B 254 49.99 18.30 -31.47
CA TYR B 254 49.23 18.85 -32.60
C TYR B 254 48.18 17.89 -33.14
N VAL B 255 48.00 16.73 -32.52
CA VAL B 255 47.01 15.76 -33.00
C VAL B 255 46.09 15.36 -31.83
N PRO B 256 44.77 15.45 -32.00
CA PRO B 256 43.87 15.02 -30.92
C PRO B 256 44.03 13.54 -30.64
N SER B 257 43.86 13.17 -29.37
CA SER B 257 44.06 11.79 -28.95
C SER B 257 43.04 11.41 -27.89
N VAL B 258 42.83 10.11 -27.74
CA VAL B 258 41.97 9.52 -26.71
C VAL B 258 42.88 8.84 -25.70
N VAL B 259 42.74 9.21 -24.43
CA VAL B 259 43.66 8.79 -23.38
C VAL B 259 42.89 8.03 -22.31
N THR B 260 43.41 6.88 -21.92
CA THR B 260 42.89 6.08 -20.81
C THR B 260 44.06 5.69 -19.92
N VAL B 261 43.88 5.82 -18.60
CA VAL B 261 44.94 5.59 -17.63
C VAL B 261 44.49 4.55 -16.63
N ASN B 262 45.43 3.72 -16.15
CA ASN B 262 45.07 2.67 -15.20
C ASN B 262 44.98 3.22 -13.78
N GLU B 263 45.79 4.21 -13.45
CA GLU B 263 45.79 4.85 -12.14
C GLU B 263 45.83 6.37 -12.31
N THR B 264 45.62 7.09 -11.20
CA THR B 264 45.54 8.55 -11.27
C THR B 264 46.91 9.15 -11.57
N THR B 265 46.98 9.89 -12.68
CA THR B 265 48.19 10.60 -13.07
C THR B 265 47.83 12.03 -13.45
N GLN B 266 48.82 12.90 -13.46
CA GLN B 266 48.65 14.30 -13.81
C GLN B 266 49.40 14.62 -15.10
N CYS B 267 48.67 15.08 -16.10
CA CYS B 267 49.23 15.64 -17.33
C CYS B 267 48.82 17.10 -17.42
N PHE B 268 49.80 17.99 -17.60
CA PHE B 268 49.57 19.44 -17.56
C PHE B 268 49.02 19.77 -16.17
N GLY B 269 47.90 20.49 -16.06
CA GLY B 269 47.31 20.76 -14.77
C GLY B 269 46.20 19.79 -14.43
N VAL B 270 45.57 19.21 -15.46
CA VAL B 270 44.43 18.33 -15.24
C VAL B 270 44.91 16.94 -14.82
N THR B 271 44.18 16.35 -13.88
CA THR B 271 44.44 15.00 -13.40
C THR B 271 43.47 14.03 -14.06
N PHE B 272 43.97 12.87 -14.46
CA PHE B 272 43.16 11.85 -15.12
C PHE B 272 42.92 10.70 -14.15
N LYS B 273 41.69 10.18 -14.15
CA LYS B 273 41.32 9.07 -13.29
C LYS B 273 40.87 7.88 -14.15
N LYS B 274 41.09 6.69 -13.62
CA LYS B 274 40.78 5.48 -14.36
C LYS B 274 39.28 5.31 -14.53
N PRO B 275 38.83 4.69 -15.63
CA PRO B 275 37.42 4.36 -15.76
C PRO B 275 37.00 3.34 -14.72
N LEU B 276 35.74 3.41 -14.30
CA LEU B 276 35.22 2.53 -13.26
C LEU B 276 34.45 1.38 -13.90
N VAL B 277 34.71 0.16 -13.43
CA VAL B 277 33.98 -1.00 -13.90
C VAL B 277 32.63 -1.05 -13.18
N ALA B 278 31.63 -1.61 -13.86
CA ALA B 278 30.27 -1.63 -13.35
C ALA B 278 29.78 -3.07 -13.23
N GLU B 279 29.08 -3.36 -12.13
CA GLU B 279 28.45 -4.66 -11.98
C GLU B 279 27.35 -4.82 -13.03
N GLU B 280 27.33 -5.98 -13.68
CA GLU B 280 26.43 -6.17 -14.81
C GLU B 280 24.97 -6.31 -14.36
N LYS B 281 24.73 -7.08 -13.31
CA LYS B 281 23.39 -7.38 -12.86
C LYS B 281 23.26 -7.14 -11.36
N THR B 282 22.03 -6.89 -10.92
CA THR B 282 21.69 -6.81 -9.51
C THR B 282 20.45 -7.65 -9.27
N SER B 283 20.31 -8.18 -8.06
CA SER B 283 19.15 -8.97 -7.68
C SER B 283 18.50 -8.34 -6.45
N LEU B 284 17.18 -8.24 -6.47
CA LEU B 284 16.42 -7.60 -5.40
C LEU B 284 15.76 -8.64 -4.52
N GLU B 285 16.10 -8.62 -3.23
CA GLU B 285 15.54 -9.54 -2.25
C GLU B 285 15.06 -8.73 -1.05
N PRO B 286 13.85 -8.15 -1.11
CA PRO B 286 13.45 -7.25 -0.03
C PRO B 286 13.21 -7.99 1.28
N GLN B 287 13.39 -7.27 2.38
CA GLN B 287 13.10 -7.81 3.71
C GLN B 287 11.60 -7.79 3.97
N LEU B 288 11.11 -8.86 4.62
CA LEU B 288 9.69 -9.01 4.87
C LEU B 288 9.45 -9.11 6.38
N PRO B 289 8.37 -8.51 6.89
CA PRO B 289 8.08 -8.63 8.32
C PRO B 289 7.71 -10.06 8.69
N HIS B 290 8.02 -10.43 9.93
CA HIS B 290 7.72 -11.77 10.45
C HIS B 290 6.59 -11.66 11.46
N LEU B 291 5.41 -12.15 11.09
CA LEU B 291 4.27 -12.07 11.99
C LEU B 291 4.37 -13.10 13.10
N GLN B 292 4.92 -14.28 12.81
CA GLN B 292 5.10 -15.35 13.78
C GLN B 292 3.77 -15.80 14.40
N LEU B 293 2.80 -16.10 13.54
CA LEU B 293 1.53 -16.64 14.01
C LEU B 293 1.73 -18.06 14.54
N ARG B 294 0.93 -18.43 15.53
CA ARG B 294 1.13 -19.69 16.22
C ARG B 294 0.06 -20.74 15.90
N LEU B 295 -1.13 -20.32 15.43
CA LEU B 295 -2.15 -21.29 15.07
C LEU B 295 -1.69 -22.19 13.92
N PRO B 296 -1.08 -21.67 12.85
CA PRO B 296 -0.54 -22.57 11.82
C PRO B 296 0.50 -23.51 12.40
N HIS B 297 0.80 -24.55 11.61
CA HIS B 297 1.63 -25.70 12.03
C HIS B 297 1.23 -26.20 13.42
N LEU B 298 -0.07 -26.34 13.66
CA LEU B 298 -0.61 -27.01 14.83
C LEU B 298 -1.54 -28.15 14.45
N VAL B 299 -1.30 -28.80 13.30
CA VAL B 299 -2.19 -29.82 12.80
C VAL B 299 -2.19 -31.05 13.71
N GLY B 300 -1.07 -31.29 14.39
CA GLY B 300 -0.97 -32.45 15.26
C GLY B 300 -2.01 -32.46 16.36
N ILE B 301 -2.34 -31.29 16.89
CA ILE B 301 -3.36 -31.21 17.93
C ILE B 301 -4.73 -31.60 17.37
N ILE B 302 -5.03 -31.15 16.15
CA ILE B 302 -6.28 -31.55 15.50
C ILE B 302 -6.32 -33.05 15.30
N ALA B 303 -5.20 -33.63 14.84
CA ALA B 303 -5.14 -35.08 14.65
C ALA B 303 -5.36 -35.82 15.97
N LYS B 304 -4.79 -35.31 17.05
CA LYS B 304 -5.02 -35.91 18.37
C LYS B 304 -6.49 -35.80 18.76
N ILE B 305 -7.13 -34.67 18.43
CA ILE B 305 -8.56 -34.51 18.73
C ILE B 305 -9.37 -35.54 17.96
N LYS B 306 -8.95 -35.87 16.73
CA LYS B 306 -9.72 -36.82 15.93
C LYS B 306 -9.82 -38.18 16.60
N GLY B 307 -8.73 -38.66 17.18
CA GLY B 307 -8.73 -39.97 17.80
C GLY B 307 -8.98 -40.00 19.30
N ILE B 308 -10.18 -39.59 19.73
CA ILE B 308 -10.49 -39.61 21.15
C ILE B 308 -10.66 -41.04 21.65
N LYS B 309 -11.44 -41.85 20.93
CA LYS B 309 -11.59 -43.28 21.19
C LYS B 309 -12.11 -43.55 22.60
N ILE B 310 -13.35 -43.13 22.86
CA ILE B 310 -13.98 -43.44 24.14
C ILE B 310 -14.52 -44.86 24.11
N GLU B 311 -14.22 -45.62 25.17
CA GLU B 311 -14.60 -47.02 25.27
C GLU B 311 -15.73 -47.17 26.28
N VAL B 312 -16.83 -47.78 25.85
CA VAL B 312 -17.98 -48.06 26.70
C VAL B 312 -18.32 -49.54 26.58
N THR B 313 -18.43 -50.21 27.73
CA THR B 313 -18.75 -51.63 27.78
C THR B 313 -20.20 -51.80 28.24
N SER B 314 -20.94 -52.65 27.54
CA SER B 314 -22.33 -52.87 27.89
C SER B 314 -22.46 -53.50 29.27
N SER B 315 -23.36 -52.93 30.08
CA SER B 315 -23.61 -53.41 31.43
C SER B 315 -24.90 -54.21 31.45
N GLY B 316 -24.82 -55.44 31.94
CA GLY B 316 -25.94 -56.35 31.92
C GLY B 316 -25.79 -57.52 30.96
N GLU B 317 -24.99 -57.37 29.90
CA GLU B 317 -24.69 -58.51 29.04
C GLU B 317 -23.88 -59.55 29.80
N SER B 318 -22.94 -59.11 30.65
CA SER B 318 -22.13 -60.05 31.41
C SER B 318 -22.92 -60.70 32.53
N ILE B 319 -23.90 -59.99 33.10
CA ILE B 319 -24.62 -60.47 34.27
C ILE B 319 -25.93 -61.12 33.82
N LYS B 320 -26.11 -61.26 32.51
CA LYS B 320 -27.32 -61.90 31.99
C LYS B 320 -27.41 -63.35 32.44
N ASP B 321 -26.28 -64.06 32.44
CA ASP B 321 -26.27 -65.45 32.89
C ASP B 321 -26.64 -65.57 34.36
N GLN B 322 -26.18 -64.62 35.18
CA GLN B 322 -26.51 -64.66 36.61
C GLN B 322 -28.00 -64.48 36.84
N LEU B 323 -28.62 -63.54 36.12
CA LEU B 323 -30.06 -63.36 36.24
C LEU B 323 -30.81 -64.58 35.71
N GLU B 324 -30.31 -65.18 34.62
CA GLU B 324 -30.96 -66.37 34.09
C GLU B 324 -30.89 -67.52 35.07
N ARG B 325 -29.75 -67.69 35.74
CA ARG B 325 -29.64 -68.74 36.77
C ARG B 325 -30.52 -68.42 37.96
N ALA B 326 -30.67 -67.14 38.29
CA ALA B 326 -31.58 -66.74 39.36
C ALA B 326 -33.02 -67.14 39.01
N LYS B 327 -33.41 -66.96 37.76
CA LYS B 327 -34.75 -67.37 37.34
C LYS B 327 -34.85 -68.88 37.19
N ALA B 328 -33.71 -69.55 37.00
CA ALA B 328 -33.73 -71.02 36.94
C ALA B 328 -33.85 -71.64 38.32
N GLU B 329 -33.35 -70.95 39.34
CA GLU B 329 -33.31 -71.48 40.70
C GLU B 329 -34.63 -71.27 41.43
N LEU B 330 -35.70 -71.06 40.67
CA LEU B 330 -37.02 -70.84 41.24
C LEU B 330 -38.14 -71.66 40.61
N LEU B 331 -37.92 -72.25 39.43
CA LEU B 331 -38.97 -73.01 38.77
C LEU B 331 -39.18 -74.39 39.37
N ARG B 332 -38.31 -74.81 40.28
CA ARG B 332 -38.43 -76.12 40.90
C ARG B 332 -39.08 -76.02 42.28
N GLU C 13 -15.25 14.76 -48.85
CA GLU C 13 -15.69 16.14 -48.88
C GLU C 13 -14.87 17.00 -47.92
N VAL C 14 -15.05 18.32 -47.99
CA VAL C 14 -14.35 19.26 -47.14
C VAL C 14 -15.38 20.22 -46.52
N ASN C 15 -14.96 20.85 -45.42
CA ASN C 15 -15.76 21.83 -44.72
C ASN C 15 -14.99 23.13 -44.66
N MET C 16 -15.70 24.25 -44.76
CA MET C 16 -15.05 25.54 -44.99
C MET C 16 -15.60 26.61 -44.07
N THR C 17 -14.76 27.62 -43.84
CA THR C 17 -15.13 28.85 -43.17
C THR C 17 -14.04 29.87 -43.45
N SER C 18 -14.42 31.06 -43.90
CA SER C 18 -13.48 32.09 -44.28
C SER C 18 -13.21 33.02 -43.10
N ILE C 19 -11.96 33.13 -42.71
CA ILE C 19 -11.59 34.05 -41.62
C ILE C 19 -11.64 35.48 -42.16
N PRO C 20 -12.35 36.40 -41.49
CA PRO C 20 -12.54 37.74 -42.05
C PRO C 20 -11.26 38.54 -42.22
N GLN C 21 -10.48 38.72 -41.15
CA GLN C 21 -9.28 39.55 -41.20
C GLN C 21 -8.00 38.76 -40.95
N GLY C 22 -8.03 37.44 -41.06
CA GLY C 22 -6.83 36.66 -40.85
C GLY C 22 -6.39 36.51 -39.42
N VAL C 23 -7.28 36.71 -38.46
CA VAL C 23 -6.98 36.57 -37.04
C VAL C 23 -7.85 35.46 -36.48
N PHE C 24 -7.22 34.49 -35.83
CA PHE C 24 -7.90 33.32 -35.27
C PHE C 24 -7.65 33.27 -33.77
N TYR C 25 -8.52 32.58 -33.04
CA TYR C 25 -8.40 32.47 -31.59
C TYR C 25 -8.31 31.01 -31.16
N GLN C 26 -7.28 30.70 -30.39
CA GLN C 26 -6.93 29.44 -29.78
C GLN C 26 -7.55 29.32 -28.39
N PRO C 27 -8.04 28.15 -28.01
CA PRO C 27 -8.58 27.98 -26.64
C PRO C 27 -7.63 28.37 -25.52
N HIS C 28 -6.44 27.76 -25.45
CA HIS C 28 -5.46 28.03 -24.40
C HIS C 28 -6.09 27.92 -23.01
N PRO C 29 -6.35 26.71 -22.53
CA PRO C 29 -7.13 26.55 -21.29
C PRO C 29 -6.35 26.69 -19.99
N GLU C 30 -5.05 26.94 -20.03
CA GLU C 30 -4.32 27.05 -18.76
C GLU C 30 -4.53 28.44 -18.15
N PRO C 31 -4.60 28.54 -16.83
CA PRO C 31 -4.75 29.84 -16.17
C PRO C 31 -3.46 30.64 -16.19
N ILE C 32 -3.59 31.93 -15.84
CA ILE C 32 -2.48 32.87 -15.80
C ILE C 32 -2.51 33.55 -14.44
N ILE C 33 -1.41 33.44 -13.69
CA ILE C 33 -1.46 33.76 -12.26
C ILE C 33 -1.12 35.22 -11.97
N HIS C 34 -0.08 35.78 -12.58
CA HIS C 34 0.36 37.15 -12.31
C HIS C 34 0.71 37.32 -10.82
N THR C 35 1.80 36.66 -10.44
CA THR C 35 2.28 36.67 -9.07
C THR C 35 2.52 38.08 -8.56
N GLU C 36 2.55 38.21 -7.24
CA GLU C 36 2.79 39.48 -6.56
C GLU C 36 4.09 39.48 -5.77
N ARG C 37 4.32 38.49 -4.92
CA ARG C 37 5.56 38.37 -4.16
C ARG C 37 5.73 36.92 -3.74
N VAL C 38 6.94 36.59 -3.32
CA VAL C 38 7.32 35.24 -2.92
C VAL C 38 7.78 35.27 -1.47
N LEU C 39 7.34 34.28 -0.68
CA LEU C 39 7.66 34.20 0.74
C LEU C 39 8.39 32.90 1.03
N GLY C 40 9.16 32.89 2.10
CA GLY C 40 9.89 31.70 2.52
C GLY C 40 9.63 31.39 3.97
N LEU C 41 9.50 30.09 4.27
CA LEU C 41 9.15 29.64 5.60
C LEU C 41 9.96 28.41 5.97
N SER C 42 9.97 28.08 7.25
CA SER C 42 10.64 26.90 7.78
C SER C 42 9.71 26.15 8.72
N GLN C 43 9.89 24.84 8.80
CA GLN C 43 9.00 24.01 9.62
C GLN C 43 9.68 22.67 9.86
N VAL C 44 9.27 22.01 10.95
CA VAL C 44 9.79 20.70 11.34
C VAL C 44 8.62 19.72 11.43
N LEU C 45 8.86 18.48 10.98
CA LEU C 45 7.79 17.50 10.86
C LEU C 45 7.58 16.66 12.12
N MET C 46 8.66 16.20 12.76
CA MET C 46 8.59 15.48 14.04
C MET C 46 7.73 14.21 13.92
N ILE C 47 8.26 13.25 13.16
CA ILE C 47 7.62 11.94 13.03
C ILE C 47 7.88 11.13 14.30
N ASN C 48 6.81 10.65 14.93
CA ASN C 48 6.90 9.87 16.15
C ASN C 48 5.93 8.70 16.07
N SER C 49 6.38 7.52 16.53
CA SER C 49 5.56 6.32 16.46
C SER C 49 4.73 6.07 17.70
N GLU C 50 5.06 6.72 18.82
CA GLU C 50 4.29 6.50 20.05
C GLU C 50 2.87 6.99 19.91
N ASN C 51 2.66 8.10 19.21
CA ASN C 51 1.30 8.61 19.01
C ASN C 51 0.46 7.61 18.21
N VAL C 52 1.03 7.04 17.16
CA VAL C 52 0.30 6.05 16.36
C VAL C 52 0.05 4.80 17.17
N ALA C 53 1.03 4.36 17.97
CA ALA C 53 0.84 3.18 18.80
C ALA C 53 -0.27 3.39 19.82
N ASN C 54 -0.34 4.58 20.43
CA ASN C 54 -1.37 4.85 21.42
C ASN C 54 -2.74 4.97 20.77
N SER C 55 -2.82 5.60 19.59
CA SER C 55 -4.10 5.71 18.91
C SER C 55 -4.65 4.35 18.54
N ALA C 56 -3.80 3.47 18.01
CA ALA C 56 -4.17 2.08 17.78
C ALA C 56 -4.07 1.34 19.10
N ASN C 57 -4.12 0.01 19.06
CA ASN C 57 -4.05 -0.77 20.28
C ASN C 57 -2.96 -1.83 20.17
N LEU C 58 -1.77 -1.40 19.76
CA LEU C 58 -0.67 -2.33 19.58
C LEU C 58 -0.29 -2.99 20.90
N SER C 59 0.22 -4.22 20.81
CA SER C 59 0.37 -5.10 21.97
C SER C 59 1.80 -5.57 22.13
N GLN C 60 2.74 -4.63 22.05
CA GLN C 60 4.14 -4.86 22.44
C GLN C 60 4.85 -5.82 21.49
N GLU C 61 4.13 -6.36 20.51
CA GLU C 61 4.73 -7.16 19.45
C GLU C 61 4.46 -6.60 18.07
N THR C 62 3.31 -5.96 17.85
CA THR C 62 3.09 -5.20 16.63
C THR C 62 3.74 -3.82 16.69
N LYS C 63 4.15 -3.37 17.88
CA LYS C 63 4.91 -2.14 17.99
C LYS C 63 6.26 -2.27 17.31
N ALA C 64 6.94 -3.41 17.50
CA ALA C 64 8.21 -3.67 16.85
C ALA C 64 8.04 -3.83 15.34
N LEU C 65 6.85 -4.25 14.88
CA LEU C 65 6.58 -4.32 13.46
C LEU C 65 6.32 -2.95 12.86
N LEU C 66 5.97 -1.95 13.67
CA LEU C 66 5.74 -0.59 13.22
C LEU C 66 7.02 0.23 13.23
N THR C 67 7.82 0.10 14.29
CA THR C 67 9.07 0.83 14.36
C THR C 67 10.02 0.40 13.26
N GLU C 68 10.01 -0.88 12.87
CA GLU C 68 10.86 -1.35 11.79
C GLU C 68 10.51 -0.65 10.48
N MET C 69 9.22 -0.58 10.14
CA MET C 69 8.79 0.09 8.93
C MET C 69 9.12 1.57 8.95
N VAL C 70 8.86 2.24 10.08
CA VAL C 70 9.16 3.66 10.18
C VAL C 70 10.65 3.90 10.01
N ASN C 71 11.48 3.07 10.65
CA ASN C 71 12.92 3.23 10.55
C ASN C 71 13.41 3.03 9.13
N GLU C 72 12.91 2.01 8.44
CA GLU C 72 13.43 1.73 7.11
C GLU C 72 13.00 2.82 6.12
N GLU C 73 11.76 3.31 6.25
CA GLU C 73 11.31 4.40 5.38
C GLU C 73 12.11 5.68 5.64
N MET C 74 12.30 6.03 6.90
CA MET C 74 13.05 7.24 7.23
C MET C 74 14.51 7.14 6.80
N GLN C 75 15.13 5.97 6.95
CA GLN C 75 16.49 5.81 6.46
C GLN C 75 16.56 5.94 4.95
N GLY C 76 15.61 5.35 4.23
CA GLY C 76 15.58 5.51 2.79
C GLY C 76 15.46 6.96 2.37
N LEU C 77 14.65 7.73 3.09
CA LEU C 77 14.57 9.16 2.81
C LEU C 77 15.88 9.87 3.14
N SER C 78 16.50 9.53 4.27
CA SER C 78 17.71 10.20 4.74
C SER C 78 18.94 9.85 3.92
N ASP C 79 18.89 8.81 3.10
CA ASP C 79 20.05 8.40 2.32
C ASP C 79 20.37 9.34 1.16
N VAL C 80 19.52 10.33 0.87
CA VAL C 80 19.72 11.18 -0.29
C VAL C 80 19.64 12.66 0.08
N MET C 81 19.72 12.97 1.36
CA MET C 81 19.67 14.36 1.83
C MET C 81 20.97 14.72 2.54
N ILE C 82 21.47 15.93 2.25
CA ILE C 82 22.84 16.30 2.56
C ILE C 82 23.02 16.90 3.95
N ASP C 83 21.95 17.31 4.62
CA ASP C 83 22.00 17.80 6.01
C ASP C 83 22.88 19.05 6.14
N PHE C 84 22.42 20.14 5.50
CA PHE C 84 23.09 21.42 5.59
C PHE C 84 22.31 22.36 6.51
N GLU C 85 22.74 23.63 6.56
CA GLU C 85 22.13 24.64 7.42
C GLU C 85 21.62 25.81 6.58
N ILE C 86 20.52 26.39 7.03
CA ILE C 86 19.85 27.47 6.29
C ILE C 86 20.46 28.80 6.73
N PRO C 87 21.00 29.60 5.81
CA PRO C 87 21.48 30.93 6.20
C PRO C 87 20.31 31.85 6.55
N LEU C 88 20.48 32.61 7.63
CA LEU C 88 19.41 33.48 8.12
C LEU C 88 19.85 34.89 8.46
N GLY C 89 21.12 35.14 8.74
CA GLY C 89 21.54 36.45 9.21
C GLY C 89 22.38 37.25 8.24
N ASP C 90 23.58 37.63 8.66
CA ASP C 90 24.46 38.48 7.87
C ASP C 90 25.83 37.82 7.75
N PRO C 91 26.43 37.80 6.55
CA PRO C 91 27.72 37.12 6.40
C PRO C 91 28.85 37.73 7.22
N ARG C 92 28.80 39.04 7.48
CA ARG C 92 29.91 39.70 8.16
C ARG C 92 30.03 39.26 9.61
N ASP C 93 28.91 39.02 10.28
CA ASP C 93 28.92 38.85 11.73
C ASP C 93 29.76 37.66 12.16
N GLN C 94 30.59 37.86 13.18
CA GLN C 94 31.45 36.83 13.73
C GLN C 94 30.82 36.07 14.89
N GLU C 95 29.93 36.71 15.66
CA GLU C 95 29.35 36.07 16.83
C GLU C 95 28.54 34.83 16.49
N GLN C 96 27.74 34.88 15.43
CA GLN C 96 26.96 33.71 15.03
C GLN C 96 27.85 32.54 14.64
N TYR C 97 28.92 32.81 13.89
CA TYR C 97 29.83 31.73 13.49
C TYR C 97 30.55 31.15 14.70
N ILE C 98 30.98 32.02 15.62
CA ILE C 98 31.63 31.56 16.85
C ILE C 98 30.68 30.66 17.64
N HIS C 99 29.44 31.10 17.81
CA HIS C 99 28.43 30.28 18.48
C HIS C 99 28.32 28.92 17.78
N ARG C 100 27.88 28.94 16.52
CA ARG C 100 27.73 27.72 15.73
C ARG C 100 28.89 26.74 15.90
N LYS C 101 30.12 27.24 15.80
CA LYS C 101 31.29 26.35 15.92
C LYS C 101 31.40 25.77 17.32
N CYS C 102 31.32 26.61 18.35
CA CYS C 102 31.47 26.12 19.72
C CYS C 102 30.38 25.12 20.07
N TYR C 103 29.14 25.40 19.65
CA TYR C 103 28.04 24.49 19.92
C TYR C 103 28.18 23.17 19.16
N GLN C 104 28.60 23.24 17.89
CA GLN C 104 28.78 22.00 17.13
C GLN C 104 29.90 21.16 17.71
N GLU C 105 30.90 21.78 18.35
CA GLU C 105 32.01 21.00 18.89
C GLU C 105 31.73 20.49 20.30
N PHE C 106 31.52 21.39 21.25
CA PHE C 106 31.53 21.08 22.68
C PHE C 106 30.24 21.53 23.35
N ALA C 107 29.10 21.17 22.76
CA ALA C 107 27.81 21.60 23.30
C ALA C 107 27.57 21.04 24.70
N HIS C 108 27.79 19.75 24.88
CA HIS C 108 27.43 19.06 26.11
C HIS C 108 28.64 18.63 26.93
N CYS C 109 29.77 19.32 26.80
CA CYS C 109 31.00 18.94 27.48
C CYS C 109 31.12 19.68 28.80
N TYR C 110 31.36 18.93 29.88
CA TYR C 110 31.51 19.49 31.21
C TYR C 110 32.65 18.78 31.93
N LEU C 111 33.19 19.48 32.93
CA LEU C 111 34.27 18.94 33.77
C LEU C 111 33.96 19.22 35.22
N VAL C 112 33.90 18.18 36.04
CA VAL C 112 33.62 18.31 37.46
C VAL C 112 34.90 18.05 38.24
N LYS C 113 35.02 18.71 39.39
CA LYS C 113 36.24 18.78 40.17
C LYS C 113 35.91 18.56 41.64
N TYR C 114 36.63 17.64 42.28
CA TYR C 114 36.40 17.29 43.67
C TYR C 114 36.98 18.36 44.59
N LYS C 115 36.98 18.07 45.89
CA LYS C 115 37.82 18.80 46.85
C LYS C 115 38.94 17.94 47.40
N THR C 116 38.69 16.65 47.60
CA THR C 116 39.70 15.69 48.01
C THR C 116 39.57 14.46 47.12
N PRO C 117 40.65 13.98 46.51
CA PRO C 117 40.57 12.79 45.65
C PRO C 117 40.13 11.57 46.46
N GLN C 118 39.05 10.94 46.02
CA GLN C 118 38.47 9.79 46.71
C GLN C 118 37.93 8.80 45.70
N PRO C 119 38.55 7.62 45.56
CA PRO C 119 38.07 6.65 44.56
C PRO C 119 37.03 5.70 45.12
N TRP C 120 36.61 4.74 44.31
CA TRP C 120 35.63 3.75 44.73
C TRP C 120 36.27 2.79 45.73
N PRO C 121 35.74 2.66 46.95
CA PRO C 121 36.38 1.77 47.93
C PRO C 121 36.13 0.29 47.65
N ASN C 122 34.91 -0.08 47.28
CA ASN C 122 34.56 -1.47 47.13
C ASN C 122 35.15 -2.05 45.84
N GLU C 123 35.28 -3.37 45.80
CA GLU C 123 35.79 -4.09 44.64
C GLU C 123 34.70 -4.72 43.80
N GLY C 124 33.70 -5.35 44.43
CA GLY C 124 32.63 -6.00 43.70
C GLY C 124 31.27 -5.39 43.95
N LEU C 125 30.62 -4.92 42.88
CA LEU C 125 29.32 -4.28 43.01
C LEU C 125 28.21 -5.32 43.12
N ILE C 126 27.31 -5.14 44.07
CA ILE C 126 26.17 -6.03 44.27
C ILE C 126 24.92 -5.20 44.01
N ALA C 127 24.32 -5.41 42.83
CA ALA C 127 23.12 -4.67 42.44
C ALA C 127 22.41 -5.47 41.34
N ASP C 128 21.16 -5.85 41.60
CA ASP C 128 20.39 -6.68 40.68
C ASP C 128 19.04 -6.04 40.36
N GLN C 129 19.07 -4.74 40.05
CA GLN C 129 17.84 -4.02 39.73
C GLN C 129 17.32 -4.31 38.34
N CYS C 130 18.13 -4.87 37.46
CA CYS C 130 17.78 -5.13 36.08
C CYS C 130 18.16 -6.56 35.71
N PRO C 131 17.50 -7.14 34.67
CA PRO C 131 17.68 -8.58 34.40
C PRO C 131 19.07 -8.96 33.91
N LEU C 132 19.23 -10.25 33.65
CA LEU C 132 20.49 -10.88 33.26
C LEU C 132 20.32 -11.62 31.94
N PRO C 133 21.41 -11.81 31.18
CA PRO C 133 21.27 -12.46 29.86
C PRO C 133 20.78 -13.89 29.93
N GLY C 134 21.15 -14.64 30.96
CA GLY C 134 20.84 -16.05 31.02
C GLY C 134 21.86 -16.88 30.27
N LEU C 135 21.45 -17.53 29.19
CA LEU C 135 22.36 -18.28 28.34
C LEU C 135 22.19 -18.01 26.85
N ALA C 136 21.03 -17.56 26.40
CA ALA C 136 20.80 -17.31 24.98
C ALA C 136 21.59 -16.09 24.52
N ASP C 137 22.07 -16.16 23.27
CA ASP C 137 22.82 -15.05 22.70
C ASP C 137 21.94 -13.81 22.56
N VAL C 138 20.71 -13.98 22.08
CA VAL C 138 19.77 -12.88 21.91
C VAL C 138 18.78 -12.98 23.07
N SER C 139 19.06 -12.24 24.14
CA SER C 139 18.19 -12.24 25.29
C SER C 139 16.91 -11.44 25.00
N PHE C 140 15.86 -11.76 25.76
CA PHE C 140 14.60 -11.06 25.58
C PHE C 140 14.74 -9.58 25.91
N TYR C 141 15.43 -9.25 27.00
CA TYR C 141 15.67 -7.87 27.36
C TYR C 141 16.77 -7.27 26.49
N PRO C 142 16.75 -5.96 26.27
CA PRO C 142 17.79 -5.32 25.47
C PRO C 142 19.14 -5.40 26.18
N TYR C 143 20.20 -5.33 25.36
CA TYR C 143 21.56 -5.40 25.86
C TYR C 143 21.83 -4.29 26.86
N GLN C 144 22.04 -4.66 28.12
CA GLN C 144 22.30 -3.69 29.19
C GLN C 144 23.78 -3.34 29.22
N ALA C 145 24.08 -2.20 29.86
CA ALA C 145 25.45 -1.73 29.97
C ALA C 145 26.20 -2.35 31.14
N ILE C 146 25.50 -3.02 32.07
CA ILE C 146 26.15 -3.66 33.20
C ILE C 146 26.69 -5.04 32.88
N TRP C 147 26.22 -5.65 31.78
CA TRP C 147 26.65 -7.00 31.41
C TRP C 147 28.11 -7.07 31.01
N ASP C 148 28.77 -5.93 30.81
CA ASP C 148 30.21 -5.91 30.61
C ASP C 148 30.99 -6.23 31.87
N TYR C 149 30.32 -6.26 33.03
CA TYR C 149 30.95 -6.61 34.30
C TYR C 149 30.38 -7.89 34.89
N TYR C 150 29.55 -8.62 34.14
CA TYR C 150 28.87 -9.79 34.68
C TYR C 150 29.85 -10.92 34.96
N ALA C 151 29.64 -11.60 36.10
CA ALA C 151 30.42 -12.78 36.47
C ALA C 151 29.57 -14.01 36.16
N LYS C 152 29.59 -14.41 34.89
CA LYS C 152 28.76 -15.54 34.45
C LYS C 152 29.26 -16.85 35.06
N ILE C 153 28.31 -17.73 35.35
CA ILE C 153 28.65 -19.01 35.97
C ILE C 153 29.37 -19.89 34.96
N GLU C 154 30.52 -20.42 35.37
CA GLU C 154 31.34 -21.27 34.51
C GLU C 154 31.20 -22.73 34.93
N ASN C 155 31.38 -23.63 33.96
CA ASN C 155 31.21 -25.06 34.19
C ASN C 155 32.55 -25.80 34.30
N ILE C 156 33.51 -25.48 33.44
CA ILE C 156 34.78 -26.18 33.37
C ILE C 156 35.87 -25.31 34.00
N ARG C 157 36.49 -25.82 35.06
CA ARG C 157 37.56 -25.14 35.77
C ARG C 157 38.42 -26.18 36.46
N PRO C 158 39.71 -25.89 36.65
CA PRO C 158 40.59 -26.87 37.32
C PRO C 158 40.22 -27.05 38.78
N ALA C 159 40.74 -28.14 39.36
CA ALA C 159 40.48 -28.43 40.76
C ALA C 159 41.02 -27.35 41.68
N ASN C 160 42.21 -26.85 41.39
CA ASN C 160 42.85 -25.82 42.20
C ASN C 160 42.39 -24.41 41.85
N TRP C 161 41.25 -24.27 41.18
CA TRP C 161 40.72 -22.96 40.84
C TRP C 161 40.29 -22.21 42.10
N THR C 162 40.45 -20.89 42.08
CA THR C 162 40.09 -20.04 43.19
C THR C 162 39.28 -18.85 42.68
N SER C 163 38.50 -18.26 43.58
CA SER C 163 37.64 -17.13 43.25
C SER C 163 38.35 -15.79 43.36
N SER C 164 39.61 -15.77 43.80
CA SER C 164 40.36 -14.54 43.95
C SER C 164 41.29 -14.26 42.78
N LYS C 165 41.32 -15.12 41.76
CA LYS C 165 42.24 -14.92 40.65
C LYS C 165 41.82 -13.72 39.80
N LEU C 166 40.54 -13.64 39.44
CA LEU C 166 40.06 -12.55 38.61
C LEU C 166 38.75 -11.91 39.06
N TYR C 167 37.93 -12.59 39.87
CA TYR C 167 36.66 -12.04 40.31
C TYR C 167 36.74 -11.33 41.66
N GLY C 168 37.89 -11.36 42.33
CA GLY C 168 38.06 -10.63 43.57
C GLY C 168 37.15 -11.13 44.68
N LYS C 169 36.78 -10.19 45.55
CA LYS C 169 35.93 -10.50 46.70
C LYS C 169 34.45 -10.57 46.35
N ALA C 170 34.07 -10.23 45.12
CA ALA C 170 32.68 -10.21 44.74
C ALA C 170 32.06 -11.60 44.78
N ARG C 171 30.81 -11.68 45.21
CA ARG C 171 30.10 -12.95 45.21
C ARG C 171 29.88 -13.42 43.78
N MET C 172 29.80 -14.74 43.62
CA MET C 172 29.70 -15.32 42.29
C MET C 172 28.36 -14.96 41.68
N GLY C 173 28.38 -14.52 40.41
CA GLY C 173 27.19 -14.04 39.76
C GLY C 173 26.94 -12.56 39.89
N SER C 174 27.73 -11.85 40.70
CA SER C 174 27.59 -10.41 40.85
C SER C 174 28.39 -9.72 39.75
N TYR C 175 28.59 -8.41 39.88
CA TYR C 175 29.33 -7.63 38.90
C TYR C 175 30.68 -7.21 39.46
N TYR C 176 31.72 -7.44 38.69
CA TYR C 176 33.09 -7.12 39.09
C TYR C 176 33.62 -5.97 38.25
N ILE C 177 34.17 -4.96 38.90
CA ILE C 177 34.69 -3.77 38.23
C ILE C 177 36.22 -3.78 38.31
N PRO C 178 36.91 -3.22 37.32
CA PRO C 178 38.37 -3.20 37.35
C PRO C 178 38.90 -2.06 38.21
N LYS C 179 40.22 -2.07 38.41
CA LYS C 179 40.87 -1.04 39.21
C LYS C 179 40.97 0.29 38.48
N ARG C 180 40.92 0.29 37.14
CA ARG C 180 41.10 1.51 36.38
C ARG C 180 40.03 2.55 36.65
N LEU C 181 38.90 2.17 37.23
CA LEU C 181 37.83 3.10 37.56
C LEU C 181 37.91 3.62 38.98
N ARG C 182 38.94 3.25 39.75
CA ARG C 182 39.06 3.66 41.14
C ARG C 182 40.50 4.04 41.46
N ASN C 183 41.16 4.74 40.55
CA ASN C 183 42.52 5.22 40.82
C ASN C 183 42.48 6.31 41.90
N ILE C 184 43.42 6.23 42.83
CA ILE C 184 43.43 7.18 43.95
C ILE C 184 43.77 8.59 43.47
N ASN C 185 44.51 8.71 42.37
CA ASN C 185 44.94 10.01 41.87
C ASN C 185 43.94 10.68 40.95
N ASN C 186 42.83 10.03 40.63
CA ASN C 186 41.79 10.65 39.81
C ASN C 186 41.20 11.84 40.54
N THR C 187 41.39 13.03 39.97
CA THR C 187 40.91 14.26 40.60
C THR C 187 39.88 15.02 39.80
N HIS C 188 39.89 14.92 38.47
CA HIS C 188 38.89 15.60 37.66
C HIS C 188 38.13 14.58 36.82
N ILE C 189 36.89 14.91 36.47
CA ILE C 189 36.08 14.05 35.61
C ILE C 189 35.59 14.87 34.42
N LEU C 190 35.73 14.33 33.23
CA LEU C 190 35.30 15.00 32.01
C LEU C 190 34.23 14.13 31.33
N PHE C 191 33.15 14.77 30.89
CA PHE C 191 32.10 14.02 30.22
C PHE C 191 31.36 14.92 29.23
N CYS C 192 31.00 14.36 28.07
CA CYS C 192 30.25 15.07 27.04
C CYS C 192 29.03 14.22 26.71
N SER C 193 27.93 14.46 27.42
CA SER C 193 26.71 13.70 27.22
C SER C 193 25.52 14.53 27.69
N ASP C 194 24.33 14.12 27.27
CA ASP C 194 23.09 14.83 27.59
C ASP C 194 22.08 13.93 28.28
N VAL C 195 22.55 12.90 28.97
CA VAL C 195 21.67 11.95 29.64
C VAL C 195 21.49 12.37 31.09
N LEU C 196 21.87 13.60 31.42
CA LEU C 196 21.78 14.09 32.79
C LEU C 196 21.06 15.42 32.89
N TYR C 197 20.41 15.87 31.81
CA TYR C 197 19.71 17.14 31.82
C TYR C 197 18.38 17.02 32.55
N SER C 198 17.80 18.18 32.86
CA SER C 198 16.55 18.24 33.61
C SER C 198 15.37 17.97 32.67
N LYS C 199 14.15 18.25 33.15
CA LYS C 199 12.95 17.95 32.38
C LYS C 199 12.76 18.87 31.19
N TRP C 200 13.47 20.01 31.13
CA TRP C 200 13.33 20.91 30.00
C TRP C 200 13.94 20.35 28.72
N TYR C 201 14.74 19.29 28.81
CA TYR C 201 15.32 18.63 27.66
C TYR C 201 14.50 17.37 27.36
N ASN C 202 13.78 17.38 26.25
CA ASN C 202 12.85 16.31 25.95
C ASN C 202 12.72 16.14 24.44
N LEU C 203 12.11 15.02 24.05
CA LEU C 203 11.95 14.72 22.62
C LEU C 203 10.87 15.57 21.99
N GLN C 204 9.95 16.10 22.79
CA GLN C 204 8.83 16.85 22.23
C GLN C 204 9.30 18.15 21.57
N ASN C 205 10.44 18.67 22.00
CA ASN C 205 11.00 19.86 21.39
C ASN C 205 11.89 19.48 20.19
N SER C 206 12.11 20.45 19.32
CA SER C 206 13.00 20.27 18.18
C SER C 206 14.44 20.51 18.60
N ILE C 207 15.36 20.26 17.67
CA ILE C 207 16.79 20.41 17.96
C ILE C 207 17.12 21.89 18.19
N LEU C 208 16.60 22.78 17.35
CA LEU C 208 16.83 24.21 17.55
C LEU C 208 16.23 24.69 18.85
N GLN C 209 15.04 24.19 19.19
CA GLN C 209 14.40 24.59 20.44
C GLN C 209 15.25 24.18 21.64
N ASN C 210 15.77 22.95 21.63
CA ASN C 210 16.65 22.50 22.71
C ASN C 210 17.93 23.30 22.76
N GLU C 211 18.50 23.62 21.60
CA GLU C 211 19.73 24.42 21.57
C GLU C 211 19.51 25.80 22.18
N ASN C 212 18.40 26.45 21.82
CA ASN C 212 18.09 27.75 22.41
C ASN C 212 17.88 27.64 23.91
N GLU C 213 17.17 26.60 24.36
CA GLU C 213 16.97 26.41 25.78
C GLU C 213 18.30 26.27 26.52
N LEU C 214 19.20 25.42 25.99
CA LEU C 214 20.48 25.19 26.63
C LEU C 214 21.33 26.45 26.65
N THR C 215 21.35 27.19 25.54
CA THR C 215 22.14 28.42 25.49
C THR C 215 21.64 29.44 26.50
N LYS C 216 20.32 29.64 26.57
CA LYS C 216 19.77 30.61 27.52
C LYS C 216 20.06 30.19 28.95
N ARG C 217 19.87 28.91 29.28
CA ARG C 217 20.09 28.44 30.65
C ARG C 217 21.56 28.56 31.04
N LEU C 218 22.47 28.23 30.12
CA LEU C 218 23.89 28.35 30.43
C LEU C 218 24.30 29.81 30.60
N SER C 219 23.75 30.70 29.76
CA SER C 219 24.08 32.12 29.90
C SER C 219 23.53 32.70 31.20
N ASN C 220 22.38 32.21 31.66
CA ASN C 220 21.78 32.76 32.87
C ASN C 220 22.54 32.33 34.11
N LEU C 221 23.03 31.10 34.15
CA LEU C 221 23.53 30.48 35.38
C LEU C 221 25.03 30.18 35.31
N THR C 222 25.82 31.11 34.81
CA THR C 222 27.28 30.91 34.74
C THR C 222 28.01 32.19 35.07
N ILE C 223 29.05 32.08 35.89
CA ILE C 223 29.99 33.15 36.16
C ILE C 223 31.34 32.75 35.58
N GLY C 224 31.82 33.49 34.60
CA GLY C 224 33.02 33.09 33.91
C GLY C 224 32.76 31.79 33.15
N ASN C 225 33.42 30.72 33.60
CA ASN C 225 33.21 29.38 33.06
C ASN C 225 32.80 28.40 34.17
N LYS C 226 32.29 28.92 35.28
CA LYS C 226 31.90 28.13 36.44
C LYS C 226 30.40 28.22 36.64
N LEU C 227 29.75 27.08 36.86
CA LEU C 227 28.30 27.03 37.04
C LEU C 227 27.93 27.37 38.48
N LYS C 228 26.71 27.89 38.64
CA LYS C 228 26.18 28.18 39.96
C LYS C 228 25.84 26.89 40.71
N ASN C 229 25.77 27.01 42.04
CA ASN C 229 25.37 25.85 42.84
C ASN C 229 23.93 25.46 42.59
N ARG C 230 23.07 26.44 42.28
CA ARG C 230 21.65 26.17 42.06
C ARG C 230 21.38 25.32 40.83
N ALA C 231 22.35 25.18 39.93
CA ALA C 231 22.19 24.36 38.74
C ALA C 231 22.56 22.90 38.97
N LEU C 232 22.91 22.52 40.19
CA LEU C 232 23.33 21.18 40.55
C LEU C 232 22.29 20.52 41.45
N PRO C 233 22.28 19.20 41.54
CA PRO C 233 21.39 18.52 42.48
C PRO C 233 21.79 18.81 43.92
N TYR C 234 20.90 18.42 44.85
CA TYR C 234 21.14 18.70 46.25
C TYR C 234 22.35 17.95 46.79
N GLU C 235 22.66 16.79 46.23
CA GLU C 235 23.82 16.04 46.69
C GLU C 235 25.13 16.62 46.17
N TRP C 236 25.12 17.20 44.97
CA TRP C 236 26.36 17.72 44.40
C TRP C 236 26.76 19.06 45.02
N ALA C 237 25.81 19.84 45.50
CA ALA C 237 26.13 21.13 46.11
C ALA C 237 25.12 21.43 47.20
N LYS C 238 25.54 22.23 48.18
CA LYS C 238 24.67 22.55 49.31
C LYS C 238 23.46 23.36 48.88
N GLY C 239 23.66 24.35 48.00
CA GLY C 239 22.57 25.19 47.55
C GLY C 239 22.00 24.75 46.21
N GLY C 240 21.88 23.44 46.01
CA GLY C 240 21.40 22.92 44.73
C GLY C 240 19.89 22.97 44.64
N LEU C 241 19.41 23.37 43.45
CA LEU C 241 17.98 23.45 43.17
C LEU C 241 17.58 22.62 41.96
N ASN C 242 18.49 21.84 41.38
CA ASN C 242 18.22 21.02 40.20
C ASN C 242 17.72 21.87 39.04
N ARG C 243 18.31 23.06 38.88
CA ARG C 243 17.89 23.96 37.81
C ARG C 243 18.38 23.49 36.44
N LEU C 244 19.53 22.82 36.39
CA LEU C 244 20.09 22.34 35.14
C LEU C 244 20.14 20.83 35.05
N PHE C 245 20.62 20.16 36.10
CA PHE C 245 20.68 18.71 36.12
C PHE C 245 19.52 18.14 36.95
N ARG C 246 19.42 16.82 36.96
CA ARG C 246 18.36 16.10 37.65
C ARG C 246 18.96 15.16 38.69
N ASN C 247 18.08 14.41 39.34
CA ASN C 247 18.50 13.43 40.36
C ASN C 247 18.77 12.08 39.71
N ILE C 248 19.80 11.40 40.18
CA ILE C 248 20.17 10.10 39.66
C ILE C 248 19.28 9.04 40.28
N SER C 249 18.62 8.24 39.44
CA SER C 249 17.71 7.20 39.91
C SER C 249 18.49 5.91 40.20
N VAL C 250 17.78 4.93 40.77
CA VAL C 250 18.42 3.67 41.15
C VAL C 250 18.80 2.87 39.91
N LEU C 251 17.90 2.79 38.92
CA LEU C 251 18.14 1.96 37.75
C LEU C 251 19.34 2.42 36.94
N ASP C 252 19.67 3.71 36.98
CA ASP C 252 20.76 4.25 36.19
C ASP C 252 22.07 3.51 36.43
N VAL C 253 22.26 2.96 37.63
CA VAL C 253 23.50 2.26 37.96
C VAL C 253 23.77 1.10 37.02
N CYS C 254 22.74 0.52 36.40
CA CYS C 254 22.97 -0.55 35.43
C CYS C 254 22.53 -0.16 34.03
N SER C 255 22.32 1.14 33.77
CA SER C 255 22.16 1.65 32.42
C SER C 255 23.35 2.49 31.97
N ARG C 256 23.90 3.29 32.88
CA ARG C 256 25.16 4.01 32.66
C ARG C 256 26.01 3.80 33.90
N PRO C 257 26.62 2.61 34.04
CA PRO C 257 27.34 2.30 35.30
C PRO C 257 28.50 3.24 35.58
N GLU C 258 29.19 3.74 34.56
CA GLU C 258 30.39 4.53 34.80
C GLU C 258 30.08 5.83 35.54
N MET C 259 29.01 6.53 35.15
CA MET C 259 28.71 7.80 35.78
C MET C 259 28.29 7.62 37.23
N VAL C 260 27.54 6.56 37.54
CA VAL C 260 27.16 6.29 38.91
C VAL C 260 28.37 5.88 39.73
N LEU C 261 29.27 5.09 39.14
CA LEU C 261 30.48 4.69 39.85
C LEU C 261 31.38 5.89 40.15
N LEU C 262 31.47 6.83 39.22
CA LEU C 262 32.42 7.93 39.33
C LEU C 262 31.83 9.20 39.94
N LEU C 263 30.51 9.28 40.12
CA LEU C 263 29.91 10.54 40.52
C LEU C 263 29.03 10.43 41.76
N ASN C 264 28.44 9.25 41.97
CA ASN C 264 27.53 9.08 43.10
C ASN C 264 28.28 9.22 44.42
N LYS C 265 27.64 9.88 45.39
CA LYS C 265 28.24 10.12 46.69
C LYS C 265 27.89 9.04 47.70
N THR C 266 26.64 8.57 47.69
CA THR C 266 26.17 7.56 48.63
C THR C 266 25.92 6.25 47.88
N TYR C 267 26.46 5.16 48.41
CA TYR C 267 26.32 3.84 47.79
C TYR C 267 25.15 3.14 48.46
N TYR C 268 23.99 3.17 47.82
CA TYR C 268 22.79 2.51 48.32
C TYR C 268 22.66 1.18 47.58
N THR C 269 23.27 0.14 48.12
CA THR C 269 23.21 -1.16 47.48
C THR C 269 21.90 -1.86 47.80
N PHE C 270 21.43 -2.64 46.83
CA PHE C 270 20.16 -3.36 46.91
C PHE C 270 20.44 -4.82 47.12
N SER C 271 20.11 -5.33 48.32
CA SER C 271 20.36 -6.71 48.69
C SER C 271 19.05 -7.47 48.66
N LEU C 272 19.03 -8.57 47.89
CA LEU C 272 17.90 -9.47 47.77
C LEU C 272 18.26 -10.92 48.04
N TRP C 273 19.55 -11.25 48.04
CA TRP C 273 19.98 -12.63 48.27
C TRP C 273 19.73 -13.04 49.72
N GLU C 274 19.78 -14.35 49.94
CA GLU C 274 19.57 -14.89 51.28
C GLU C 274 20.85 -14.78 52.10
N GLY C 275 20.70 -14.35 53.36
CA GLY C 275 21.84 -14.23 54.25
C GLY C 275 22.13 -12.80 54.65
N ASP C 276 21.94 -11.87 53.71
CA ASP C 276 22.19 -10.47 53.99
C ASP C 276 21.04 -9.86 54.79
N CYS C 277 21.37 -8.81 55.54
CA CYS C 277 20.41 -7.97 56.25
C CYS C 277 19.60 -8.76 57.27
N ASN C 278 20.18 -9.85 57.79
CA ASN C 278 19.58 -10.66 58.84
C ASN C 278 18.24 -11.24 58.41
N ILE C 279 18.24 -11.93 57.27
CA ILE C 279 17.08 -12.67 56.78
C ILE C 279 17.54 -14.07 56.40
N THR C 280 16.84 -15.08 56.93
CA THR C 280 17.20 -16.47 56.73
C THR C 280 15.95 -17.26 56.37
N ARG C 281 16.17 -18.37 55.63
CA ARG C 281 15.06 -19.17 55.14
C ARG C 281 14.12 -19.63 56.25
N TYR C 282 14.66 -19.85 57.45
CA TYR C 282 13.87 -20.35 58.57
C TYR C 282 13.09 -19.24 59.29
N ASN C 283 13.27 -17.98 58.90
CA ASN C 283 12.54 -16.89 59.54
C ASN C 283 12.00 -15.87 58.55
N VAL C 284 11.79 -16.26 57.29
CA VAL C 284 11.25 -15.31 56.31
C VAL C 284 9.81 -14.96 56.65
N ASN C 285 9.02 -15.93 57.11
CA ASN C 285 7.61 -15.69 57.38
C ASN C 285 7.42 -14.92 58.69
N GLU C 286 8.30 -15.15 59.67
CA GLU C 286 8.12 -14.62 61.01
C GLU C 286 8.94 -13.35 61.26
N THR C 287 9.55 -12.78 60.23
CA THR C 287 10.30 -11.54 60.39
C THR C 287 9.59 -10.38 59.69
N GLU C 290 9.05 -7.58 55.13
CA GLU C 290 8.34 -8.22 56.23
C GLU C 290 6.86 -8.40 55.89
N CYS C 291 6.58 -9.17 54.84
CA CYS C 291 5.20 -9.41 54.43
C CYS C 291 4.49 -10.26 55.47
N LYS C 292 3.29 -9.83 55.87
CA LYS C 292 2.53 -10.57 56.87
C LYS C 292 1.96 -11.86 56.29
N ASP C 293 1.40 -11.80 55.09
CA ASP C 293 0.83 -12.98 54.46
C ASP C 293 0.86 -12.86 52.94
N ASN C 300 -0.57 -11.34 46.13
CA ASN C 300 -0.18 -12.72 45.85
C ASN C 300 -0.35 -13.05 44.37
N ASP C 301 -0.90 -14.23 44.09
CA ASP C 301 -1.13 -14.71 42.73
C ASP C 301 0.18 -14.71 41.92
N HIS C 302 1.28 -15.06 42.60
CA HIS C 302 2.59 -15.06 41.97
C HIS C 302 3.53 -15.96 42.76
N PRO C 303 4.27 -16.86 42.10
CA PRO C 303 5.15 -17.78 42.84
C PRO C 303 6.27 -17.08 43.59
N TYR C 304 6.63 -15.85 43.21
CA TYR C 304 7.73 -15.14 43.84
C TYR C 304 7.30 -14.26 45.00
N SER C 305 6.02 -14.27 45.36
CA SER C 305 5.55 -13.47 46.49
C SER C 305 6.16 -14.01 47.78
N CYS C 306 6.82 -13.12 48.53
CA CYS C 306 7.51 -13.48 49.77
C CYS C 306 8.50 -14.62 49.54
N ARG C 307 9.20 -14.56 48.41
CA ARG C 307 10.16 -15.57 48.01
C ARG C 307 11.51 -14.91 47.72
N LEU C 308 12.58 -15.68 47.86
CA LEU C 308 13.92 -15.18 47.67
C LEU C 308 14.47 -15.67 46.33
N TRP C 309 15.66 -15.17 45.99
CA TRP C 309 16.24 -15.39 44.66
C TRP C 309 17.44 -16.32 44.69
N ARG C 310 18.46 -15.99 45.48
CA ARG C 310 19.69 -16.78 45.53
C ARG C 310 19.77 -17.50 46.86
N TYR C 311 19.99 -18.81 46.81
CA TYR C 311 19.96 -19.68 47.98
C TYR C 311 21.37 -20.11 48.35
N ARG C 312 21.49 -20.64 49.56
CA ARG C 312 22.75 -21.14 50.09
C ARG C 312 22.70 -22.66 50.10
N GLU C 313 23.50 -23.28 49.24
CA GLU C 313 23.55 -24.73 49.14
C GLU C 313 24.78 -25.34 49.81
N GLY C 314 25.86 -24.57 49.94
CA GLY C 314 27.07 -25.07 50.56
C GLY C 314 28.25 -24.14 50.39
N LYS C 315 29.42 -24.69 50.07
CA LYS C 315 30.61 -23.88 49.86
C LYS C 315 31.27 -24.23 48.53
N GLU C 316 32.42 -23.64 48.26
CA GLU C 316 33.13 -23.89 47.01
C GLU C 316 33.78 -25.26 47.06
N GLU C 317 33.28 -26.19 46.25
CA GLU C 317 33.82 -27.55 46.19
C GLU C 317 33.99 -27.95 44.74
N VAL C 318 35.00 -28.78 44.48
CA VAL C 318 35.31 -29.25 43.14
C VAL C 318 35.45 -30.76 43.20
N LYS C 319 34.62 -31.48 42.45
CA LYS C 319 34.64 -32.93 42.39
C LYS C 319 34.60 -33.37 40.94
N CYS C 320 35.58 -34.17 40.53
CA CYS C 320 35.60 -34.78 39.20
C CYS C 320 36.64 -35.88 39.18
N LEU C 321 36.23 -37.06 38.69
CA LEU C 321 37.11 -38.22 38.56
C LEU C 321 37.18 -38.70 37.12
N THR C 322 36.89 -37.81 36.17
CA THR C 322 36.83 -38.17 34.76
C THR C 322 38.21 -38.61 34.25
N SER C 323 38.22 -39.11 33.02
CA SER C 323 39.45 -39.59 32.42
C SER C 323 40.46 -38.46 32.24
N ASP C 324 40.00 -37.28 31.86
CA ASP C 324 40.87 -36.13 31.65
C ASP C 324 40.71 -35.15 32.80
N HIS C 325 41.80 -34.46 33.12
CA HIS C 325 41.84 -33.54 34.26
C HIS C 325 41.50 -32.10 33.89
N THR C 326 41.31 -31.80 32.60
CA THR C 326 41.04 -30.42 32.20
C THR C 326 39.58 -30.05 32.42
N ARG C 327 38.67 -30.76 31.74
CA ARG C 327 37.23 -30.49 31.86
C ARG C 327 36.73 -31.08 33.17
N CYS C 328 36.45 -30.23 34.15
CA CYS C 328 36.08 -30.65 35.48
C CYS C 328 34.82 -29.91 35.94
N LEU C 329 33.98 -30.59 36.71
CA LEU C 329 32.75 -30.01 37.21
C LEU C 329 33.06 -29.03 38.35
N TYR C 330 32.21 -28.01 38.47
CA TYR C 330 32.40 -26.96 39.45
C TYR C 330 31.10 -26.71 40.22
N TYR C 331 31.24 -26.39 41.50
CA TYR C 331 30.11 -26.07 42.38
C TYR C 331 30.17 -24.60 42.76
N PRO C 332 29.19 -23.78 42.40
CA PRO C 332 29.16 -22.39 42.89
C PRO C 332 28.86 -22.36 44.39
N GLU C 333 29.44 -21.34 45.05
CA GLU C 333 29.24 -21.18 46.49
C GLU C 333 27.87 -20.57 46.82
N TYR C 334 27.34 -19.73 45.94
CA TYR C 334 25.99 -19.18 46.08
C TYR C 334 25.14 -19.74 44.94
N SER C 335 24.46 -20.84 45.21
CA SER C 335 23.75 -21.57 44.16
C SER C 335 22.49 -20.82 43.72
N ASN C 336 22.09 -21.06 42.47
CA ASN C 336 20.87 -20.51 41.93
C ASN C 336 19.80 -21.60 41.89
N PRO C 337 18.75 -21.53 42.72
CA PRO C 337 17.73 -22.58 42.71
C PRO C 337 16.86 -22.58 41.47
N GLU C 338 16.87 -21.52 40.66
CA GLU C 338 16.05 -21.45 39.46
C GLU C 338 16.81 -21.06 38.21
N ALA C 339 17.99 -20.44 38.32
CA ALA C 339 18.80 -20.03 37.17
C ALA C 339 18.04 -19.09 36.24
N LEU C 340 17.14 -18.29 36.79
CA LEU C 340 16.36 -17.35 36.01
C LEU C 340 17.01 -15.97 36.06
N PHE C 341 16.39 -14.99 35.42
CA PHE C 341 17.00 -13.67 35.29
C PHE C 341 16.05 -12.51 35.50
N ASP C 342 14.78 -12.74 35.79
CA ASP C 342 13.77 -11.68 35.87
C ASP C 342 13.07 -11.70 37.22
N PHE C 343 13.86 -11.77 38.30
CA PHE C 343 13.33 -11.77 39.65
C PHE C 343 13.43 -10.39 40.30
N GLY C 344 14.64 -9.83 40.37
CA GLY C 344 14.82 -8.53 40.98
C GLY C 344 14.18 -7.41 40.17
N PHE C 345 14.25 -7.51 38.84
CA PHE C 345 13.66 -6.48 37.98
C PHE C 345 12.17 -6.37 38.19
N LEU C 346 11.46 -7.50 38.26
CA LEU C 346 10.03 -7.46 38.55
C LEU C 346 9.76 -7.05 39.99
N SER C 347 10.65 -7.41 40.92
CA SER C 347 10.47 -7.00 42.30
C SER C 347 10.61 -5.50 42.47
N TYR C 348 11.36 -4.84 41.59
CA TYR C 348 11.53 -3.39 41.67
C TYR C 348 10.24 -2.64 41.36
N MET C 349 9.31 -3.25 40.62
CA MET C 349 8.09 -2.58 40.22
C MET C 349 6.98 -2.64 41.27
N ARG C 350 7.22 -3.27 42.41
CA ARG C 350 6.25 -3.37 43.49
C ARG C 350 4.95 -4.04 43.03
N ASN C 351 5.10 -5.19 42.35
CA ASN C 351 3.96 -5.98 41.93
C ASN C 351 3.66 -7.14 42.87
N PHE C 352 4.69 -7.75 43.46
CA PHE C 352 4.51 -8.78 44.47
C PHE C 352 5.39 -8.47 45.67
N PRO C 353 4.97 -8.92 46.86
CA PRO C 353 5.80 -8.67 48.05
C PRO C 353 7.04 -9.54 48.10
N GLY C 354 7.90 -9.32 49.08
CA GLY C 354 9.11 -10.10 49.22
C GLY C 354 10.20 -9.35 49.95
N PRO C 355 11.20 -10.08 50.44
CA PRO C 355 12.32 -9.44 51.13
C PRO C 355 13.09 -8.51 50.21
N GLN C 356 13.67 -7.47 50.81
CA GLN C 356 14.50 -6.50 50.14
C GLN C 356 15.18 -5.65 51.22
N CYS C 357 16.42 -5.24 50.97
CA CYS C 357 17.11 -4.43 51.97
C CYS C 357 18.08 -3.48 51.29
N ILE C 358 17.96 -2.20 51.60
CA ILE C 358 18.82 -1.17 51.01
C ILE C 358 19.86 -0.77 52.04
N GLU C 359 21.13 -0.80 51.65
CA GLU C 359 22.22 -0.45 52.54
C GLU C 359 22.91 0.83 52.07
N SER C 360 23.35 1.62 53.03
CA SER C 360 23.99 2.90 52.78
C SER C 360 25.48 2.84 53.11
N THR C 361 26.28 3.53 52.29
CA THR C 361 27.72 3.60 52.52
C THR C 361 28.20 4.90 51.89
N SER C 362 28.73 5.80 52.71
CA SER C 362 29.23 7.09 52.24
C SER C 362 30.65 6.94 51.69
N ILE C 363 30.91 7.60 50.56
CA ILE C 363 32.24 7.59 49.96
C ILE C 363 32.72 9.02 49.81
N ARG C 364 31.88 9.87 49.23
CA ARG C 364 32.28 11.21 48.81
C ARG C 364 31.46 12.28 49.51
N GLN C 365 32.13 13.37 49.84
CA GLN C 365 31.54 14.55 50.46
C GLN C 365 32.18 15.76 49.79
N GLN C 366 32.09 16.93 50.43
CA GLN C 366 32.84 18.11 50.02
C GLN C 366 32.47 18.54 48.59
N ASP C 367 31.25 19.07 48.49
CA ASP C 367 30.56 19.42 47.25
C ASP C 367 31.49 19.93 46.15
N TYR C 368 31.31 19.39 44.94
CA TYR C 368 32.25 19.58 43.84
C TYR C 368 32.06 20.95 43.19
N GLU C 369 32.83 21.18 42.13
CA GLU C 369 32.68 22.37 41.29
C GLU C 369 32.60 21.94 39.84
N VAL C 370 31.72 22.58 39.07
CA VAL C 370 31.44 22.18 37.69
C VAL C 370 31.82 23.32 36.76
N TYR C 371 32.56 22.99 35.71
CA TYR C 371 32.95 23.94 34.67
C TYR C 371 32.38 23.48 33.34
N SER C 372 31.90 24.44 32.54
CA SER C 372 31.31 24.17 31.24
C SER C 372 32.31 24.55 30.16
N ILE C 373 32.63 23.60 29.28
CA ILE C 373 33.61 23.86 28.23
C ILE C 373 33.02 24.79 27.17
N TYR C 374 31.71 24.66 26.89
CA TYR C 374 31.09 25.49 25.87
C TYR C 374 31.13 26.97 26.24
N GLN C 375 30.91 27.29 27.52
CA GLN C 375 30.97 28.68 27.95
C GLN C 375 32.38 29.24 27.80
N GLU C 376 33.39 28.44 28.10
CA GLU C 376 34.77 28.87 27.89
C GLU C 376 35.06 29.08 26.42
N CYS C 377 34.54 28.20 25.56
CA CYS C 377 34.71 28.37 24.12
C CYS C 377 34.08 29.67 23.64
N LYS C 378 32.89 29.98 24.15
CA LYS C 378 32.21 31.20 23.74
C LYS C 378 32.93 32.45 24.26
N LEU C 379 33.36 32.44 25.52
CA LEU C 379 33.94 33.63 26.12
C LEU C 379 35.35 33.90 25.63
N ALA C 380 36.17 32.85 25.53
CA ALA C 380 37.57 33.03 25.13
C ALA C 380 37.75 33.27 23.64
N SER C 381 36.69 33.14 22.85
CA SER C 381 36.76 33.35 21.42
C SER C 381 36.60 34.81 21.02
N LYS C 382 36.22 35.69 21.96
CA LYS C 382 36.07 37.10 21.66
C LYS C 382 37.40 37.86 21.70
N THR C 383 38.47 37.24 22.21
CA THR C 383 39.77 37.88 22.28
C THR C 383 40.84 37.15 21.48
N TYR C 384 40.68 35.85 21.25
CA TYR C 384 41.67 35.04 20.55
C TYR C 384 41.09 34.52 19.26
N GLY C 385 41.97 34.13 18.34
CA GLY C 385 41.52 33.51 17.12
C GLY C 385 40.74 32.22 17.41
N ILE C 386 39.51 32.16 16.88
CA ILE C 386 38.60 31.09 17.27
C ILE C 386 39.08 29.75 16.73
N ASP C 387 39.80 29.76 15.60
CA ASP C 387 40.38 28.52 15.11
C ASP C 387 41.43 27.98 16.07
N SER C 388 42.28 28.86 16.60
CA SER C 388 43.28 28.44 17.57
C SER C 388 42.62 27.92 18.84
N VAL C 389 41.58 28.60 19.31
CA VAL C 389 40.87 28.15 20.51
C VAL C 389 40.24 26.78 20.29
N LEU C 390 39.60 26.59 19.13
CA LEU C 390 38.98 25.31 18.82
C LEU C 390 40.02 24.19 18.76
N PHE C 391 41.15 24.46 18.11
CA PHE C 391 42.20 23.45 17.99
C PHE C 391 42.77 23.09 19.36
N SER C 392 43.04 24.09 20.20
CA SER C 392 43.62 23.81 21.50
C SER C 392 42.62 23.10 22.41
N LEU C 393 41.34 23.48 22.35
CA LEU C 393 40.34 22.80 23.16
C LEU C 393 40.13 21.36 22.69
N LYS C 394 40.21 21.13 21.38
CA LYS C 394 40.13 19.76 20.87
C LYS C 394 41.32 18.94 21.33
N ASN C 395 42.51 19.55 21.35
CA ASN C 395 43.68 18.86 21.88
C ASN C 395 43.51 18.53 23.36
N PHE C 396 42.94 19.47 24.13
CA PHE C 396 42.68 19.22 25.54
C PHE C 396 41.69 18.08 25.73
N LEU C 397 40.66 18.03 24.88
CA LEU C 397 39.71 16.91 24.93
C LEU C 397 40.36 15.58 24.61
N ASN C 398 41.49 15.60 23.89
CA ASN C 398 42.23 14.40 23.52
C ASN C 398 43.45 14.19 24.41
N TYR C 399 43.31 14.51 25.70
CA TYR C 399 44.43 14.43 26.61
C TYR C 399 44.94 13.00 26.76
N THR C 400 44.03 12.02 26.82
CA THR C 400 44.41 10.63 26.97
C THR C 400 44.62 9.92 25.65
N GLY C 401 44.52 10.64 24.53
CA GLY C 401 44.66 10.04 23.22
C GLY C 401 43.39 9.47 22.63
N LYS C 402 42.27 9.56 23.35
CA LYS C 402 40.98 9.08 22.88
C LYS C 402 39.98 10.23 22.89
N PRO C 403 39.41 10.59 21.73
CA PRO C 403 38.46 11.71 21.70
C PRO C 403 37.19 11.36 22.47
N VAL C 404 36.76 12.29 23.33
CA VAL C 404 35.57 12.05 24.13
C VAL C 404 34.32 12.04 23.25
N ASN C 405 34.30 12.91 22.23
CA ASN C 405 33.15 12.96 21.33
C ASN C 405 32.98 11.64 20.58
N GLU C 406 34.09 10.93 20.33
CA GLU C 406 34.00 9.67 19.60
C GLU C 406 33.22 8.62 20.40
N MET C 407 33.44 8.57 21.71
CA MET C 407 32.84 7.51 22.50
C MET C 407 31.35 7.77 22.69
N PRO C 408 30.54 6.71 22.76
CA PRO C 408 29.08 6.86 22.72
C PRO C 408 28.51 7.87 23.72
N ASN C 409 27.31 8.37 23.39
CA ASN C 409 26.63 9.32 24.25
C ASN C 409 26.30 8.71 25.60
N ALA C 410 25.84 7.45 25.62
CA ALA C 410 25.37 6.85 26.86
C ALA C 410 26.48 6.72 27.89
N ARG C 411 27.67 6.30 27.47
CA ARG C 411 28.80 6.08 28.38
C ARG C 411 30.02 6.81 27.84
N ALA C 412 30.14 8.08 28.20
CA ALA C 412 31.29 8.91 27.84
C ALA C 412 31.76 9.67 29.07
N PHE C 413 32.61 9.03 29.86
CA PHE C 413 33.12 9.60 31.11
C PHE C 413 34.58 9.20 31.28
N VAL C 414 35.44 10.18 31.52
CA VAL C 414 36.86 9.91 31.70
C VAL C 414 37.38 10.60 32.95
N GLY C 415 38.41 10.02 33.56
CA GLY C 415 39.06 10.61 34.70
C GLY C 415 40.40 11.20 34.30
N LEU C 416 40.68 12.40 34.81
CA LEU C 416 41.86 13.16 34.42
C LEU C 416 42.65 13.53 35.67
N ILE C 417 43.97 13.42 35.56
CA ILE C 417 44.91 13.64 36.67
C ILE C 417 45.49 15.04 36.54
N ASP C 418 44.86 16.00 37.23
CA ASP C 418 45.27 17.40 37.27
C ASP C 418 45.52 17.99 35.89
N PRO C 419 44.54 17.99 34.99
CA PRO C 419 44.70 18.71 33.73
C PRO C 419 44.66 20.21 33.95
N LYS C 420 45.25 20.94 33.00
CA LYS C 420 45.29 22.40 33.04
C LYS C 420 44.14 22.96 32.24
N PHE C 421 43.40 23.89 32.84
CA PHE C 421 42.22 24.47 32.23
C PHE C 421 42.17 25.97 32.48
N PRO C 422 42.16 26.80 31.42
CA PRO C 422 42.34 26.39 30.02
C PRO C 422 43.81 26.33 29.60
N PRO C 423 44.11 25.54 28.57
CA PRO C 423 45.50 25.48 28.08
C PRO C 423 45.92 26.79 27.42
N THR C 424 47.24 26.99 27.37
CA THR C 424 47.78 28.16 26.68
C THR C 424 47.63 28.00 25.18
N TYR C 425 47.34 29.12 24.50
CA TYR C 425 47.11 29.11 23.06
C TYR C 425 48.29 29.70 22.32
N PRO C 426 48.58 29.22 21.10
CA PRO C 426 49.69 29.79 20.33
C PRO C 426 49.44 31.24 19.96
N ASN C 427 50.53 32.00 19.85
CA ASN C 427 50.45 33.41 19.51
C ASN C 427 49.97 33.61 18.07
N ASN D 3 -31.53 -80.74 47.84
CA ASN D 3 -32.86 -80.34 47.40
C ASN D 3 -33.69 -79.78 48.57
N ASN D 4 -33.01 -79.30 49.60
CA ASN D 4 -33.68 -78.68 50.72
C ASN D 4 -34.38 -77.41 50.28
N ASN D 5 -35.57 -77.16 50.85
CA ASN D 5 -36.36 -76.01 50.44
C ASN D 5 -35.63 -74.70 50.70
N TYR D 6 -34.81 -74.66 51.75
CA TYR D 6 -34.04 -73.45 52.02
C TYR D 6 -32.79 -73.39 51.15
N SER D 7 -32.22 -74.56 50.83
CA SER D 7 -30.95 -74.63 50.09
C SER D 7 -31.05 -74.07 48.68
N LYS D 8 -32.06 -74.48 47.90
CA LYS D 8 -32.18 -73.94 46.55
C LYS D 8 -32.69 -72.50 46.56
N LEU D 9 -32.99 -71.99 47.75
CA LEU D 9 -33.24 -70.55 47.89
C LEU D 9 -31.96 -69.81 48.26
N ARG D 10 -31.15 -70.40 49.13
CA ARG D 10 -29.85 -69.83 49.46
C ARG D 10 -28.96 -69.73 48.24
N SER D 11 -29.02 -70.74 47.36
CA SER D 11 -28.22 -70.71 46.15
C SER D 11 -28.63 -69.55 45.23
N MET D 12 -29.93 -69.29 45.11
CA MET D 12 -30.37 -68.16 44.29
C MET D 12 -30.02 -66.84 44.95
N GLY D 13 -30.07 -66.79 46.28
CA GLY D 13 -29.61 -65.60 46.99
C GLY D 13 -28.14 -65.33 46.73
N TYR D 14 -27.34 -66.38 46.56
CA TYR D 14 -25.94 -66.20 46.18
C TYR D 14 -25.81 -65.47 44.85
N ALA D 15 -26.59 -65.89 43.84
CA ALA D 15 -26.44 -65.30 42.52
C ALA D 15 -27.07 -63.92 42.45
N LEU D 16 -28.04 -63.63 43.30
CA LEU D 16 -28.76 -62.36 43.17
C LEU D 16 -27.97 -61.14 43.74
N THR D 17 -26.67 -61.23 44.02
CA THR D 17 -25.90 -60.08 44.51
C THR D 17 -24.65 -59.79 43.69
N GLY D 18 -24.01 -60.81 43.11
CA GLY D 18 -22.88 -60.55 42.24
C GLY D 18 -23.28 -59.76 41.02
N ALA D 19 -24.50 -59.96 40.53
CA ALA D 19 -25.00 -59.16 39.42
C ALA D 19 -25.04 -57.68 39.78
N VAL D 20 -25.56 -57.37 40.97
CA VAL D 20 -25.62 -55.97 41.41
C VAL D 20 -24.21 -55.39 41.55
N GLN D 21 -23.30 -56.16 42.16
CA GLN D 21 -21.93 -55.66 42.35
C GLN D 21 -21.26 -55.38 41.00
N THR D 22 -21.34 -56.33 40.08
CA THR D 22 -20.71 -56.15 38.78
C THR D 22 -21.37 -55.02 37.99
N LEU D 23 -22.69 -54.88 38.10
CA LEU D 23 -23.36 -53.78 37.43
C LEU D 23 -22.88 -52.43 37.95
N ALA D 24 -22.72 -52.31 39.26
CA ALA D 24 -22.17 -51.08 39.83
C ALA D 24 -20.76 -50.82 39.32
N GLN D 25 -19.93 -51.86 39.25
CA GLN D 25 -18.56 -51.68 38.79
C GLN D 25 -18.52 -51.21 37.34
N ILE D 26 -19.33 -51.82 36.47
CA ILE D 26 -19.35 -51.43 35.06
C ILE D 26 -19.88 -50.02 34.90
N SER D 27 -20.90 -49.64 35.70
CA SER D 27 -21.42 -48.28 35.64
C SER D 27 -20.34 -47.27 36.01
N ASP D 28 -19.57 -47.57 37.08
CA ASP D 28 -18.49 -46.66 37.46
C ASP D 28 -17.44 -46.55 36.37
N ILE D 29 -17.07 -47.68 35.76
CA ILE D 29 -16.07 -47.65 34.70
C ILE D 29 -16.54 -46.79 33.53
N ASN D 30 -17.79 -46.98 33.11
CA ASN D 30 -18.31 -46.20 31.99
C ASN D 30 -18.34 -44.71 32.31
N ASP D 31 -18.81 -44.35 33.51
CA ASP D 31 -18.88 -42.94 33.88
C ASP D 31 -17.49 -42.32 33.91
N GLN D 32 -16.51 -43.01 34.49
CA GLN D 32 -15.15 -42.48 34.54
C GLN D 32 -14.57 -42.30 33.16
N ASN D 33 -14.80 -43.28 32.26
CA ASN D 33 -14.28 -43.16 30.90
C ASN D 33 -14.90 -41.96 30.19
N LEU D 34 -16.21 -41.76 30.34
CA LEU D 34 -16.85 -40.60 29.72
C LEU D 34 -16.29 -39.30 30.26
N GLN D 35 -16.09 -39.21 31.57
CA GLN D 35 -15.55 -37.98 32.15
C GLN D 35 -14.14 -37.71 31.64
N GLN D 36 -13.30 -38.75 31.56
CA GLN D 36 -11.94 -38.55 31.05
C GLN D 36 -11.96 -38.09 29.61
N GLY D 37 -12.83 -38.67 28.78
CA GLY D 37 -12.93 -38.22 27.40
C GLY D 37 -13.34 -36.77 27.29
N ILE D 38 -14.32 -36.36 28.10
CA ILE D 38 -14.76 -34.96 28.07
C ILE D 38 -13.62 -34.04 28.48
N TYR D 39 -12.87 -34.41 29.52
CA TYR D 39 -11.77 -33.56 29.98
C TYR D 39 -10.69 -33.44 28.92
N LEU D 40 -10.34 -34.54 28.26
CA LEU D 40 -9.34 -34.48 27.21
C LEU D 40 -9.80 -33.58 26.06
N LEU D 41 -11.08 -33.71 25.68
CA LEU D 41 -11.60 -32.87 24.60
C LEU D 41 -11.55 -31.40 24.97
N ARG D 42 -11.94 -31.05 26.20
CA ARG D 42 -11.96 -29.64 26.58
C ARG D 42 -10.53 -29.09 26.66
N ASP D 43 -9.58 -29.89 27.13
CA ASP D 43 -8.19 -29.42 27.19
C ASP D 43 -7.66 -29.12 25.79
N HIS D 44 -7.88 -30.05 24.86
CA HIS D 44 -7.41 -29.82 23.50
C HIS D 44 -8.11 -28.61 22.87
N ILE D 45 -9.41 -28.44 23.13
CA ILE D 45 -10.16 -27.32 22.58
C ILE D 45 -9.61 -26.00 23.09
N VAL D 46 -9.31 -25.92 24.39
CA VAL D 46 -8.76 -24.69 24.95
C VAL D 46 -7.40 -24.39 24.33
N THR D 47 -6.56 -25.41 24.20
CA THR D 47 -5.24 -25.20 23.61
C THR D 47 -5.34 -24.68 22.18
N LEU D 48 -6.26 -25.24 21.39
CA LEU D 48 -6.46 -24.75 20.03
C LEU D 48 -7.08 -23.36 20.02
N MET D 49 -7.92 -23.06 21.01
CA MET D 49 -8.66 -21.80 21.03
C MET D 49 -7.78 -20.60 21.35
N GLU D 50 -6.76 -20.79 22.20
CA GLU D 50 -5.90 -19.66 22.55
C GLU D 50 -5.13 -19.09 21.36
N ALA D 51 -4.56 -19.97 20.53
CA ALA D 51 -3.67 -19.55 19.46
C ALA D 51 -4.37 -18.70 18.41
N THR D 52 -5.59 -19.08 18.04
CA THR D 52 -6.31 -18.30 17.03
C THR D 52 -6.66 -16.91 17.55
N LEU D 53 -6.99 -16.80 18.85
CA LEU D 53 -7.24 -15.49 19.43
C LEU D 53 -5.99 -14.61 19.38
N HIS D 54 -4.84 -15.18 19.74
CA HIS D 54 -3.60 -14.41 19.70
C HIS D 54 -3.26 -13.98 18.27
N ASP D 55 -3.43 -14.89 17.31
CA ASP D 55 -3.09 -14.58 15.93
C ASP D 55 -4.01 -13.51 15.36
N ILE D 56 -5.30 -13.58 15.65
CA ILE D 56 -6.22 -12.55 15.16
C ILE D 56 -5.92 -11.21 15.82
N SER D 57 -5.53 -11.23 17.10
CA SER D 57 -5.13 -10.00 17.76
C SER D 57 -3.95 -9.34 17.06
N ILE D 58 -2.97 -10.13 16.62
CA ILE D 58 -1.85 -9.55 15.89
C ILE D 58 -2.28 -9.04 14.51
N MET D 59 -3.04 -9.85 13.78
CA MET D 59 -3.37 -9.48 12.41
C MET D 59 -4.32 -8.30 12.35
N GLU D 60 -5.05 -8.01 13.42
CA GLU D 60 -5.84 -6.80 13.45
C GLU D 60 -4.98 -5.55 13.53
N GLY D 61 -3.89 -5.58 14.30
CA GLY D 61 -3.01 -4.45 14.41
C GLY D 61 -2.09 -4.28 13.22
N MET D 62 -1.86 -5.36 12.46
CA MET D 62 -1.03 -5.26 11.26
C MET D 62 -1.64 -4.35 10.19
N PHE D 63 -2.97 -4.25 10.14
CA PHE D 63 -3.62 -3.41 9.14
C PHE D 63 -3.29 -1.94 9.35
N ALA D 64 -3.24 -1.49 10.60
CA ALA D 64 -2.86 -0.11 10.87
C ALA D 64 -1.43 0.17 10.43
N VAL D 65 -0.53 -0.79 10.62
CA VAL D 65 0.85 -0.63 10.16
C VAL D 65 0.88 -0.47 8.65
N GLN D 66 0.12 -1.29 7.92
CA GLN D 66 0.09 -1.16 6.47
C GLN D 66 -0.49 0.20 6.04
N HIS D 67 -1.54 0.64 6.72
CA HIS D 67 -2.16 1.92 6.39
C HIS D 67 -1.19 3.07 6.60
N VAL D 68 -0.42 3.03 7.68
CA VAL D 68 0.58 4.07 7.92
C VAL D 68 1.70 3.97 6.89
N HIS D 69 2.07 2.76 6.49
CA HIS D 69 3.14 2.57 5.52
C HIS D 69 2.81 3.23 4.20
N THR D 70 1.57 3.07 3.73
CA THR D 70 1.19 3.66 2.45
C THR D 70 1.35 5.19 2.47
N HIS D 71 0.82 5.85 3.50
CA HIS D 71 0.89 7.31 3.58
C HIS D 71 2.33 7.78 3.76
N LEU D 72 3.13 7.05 4.54
CA LEU D 72 4.52 7.44 4.72
C LEU D 72 5.30 7.35 3.41
N ASN D 73 5.03 6.31 2.61
CA ASN D 73 5.65 6.19 1.30
C ASN D 73 5.24 7.34 0.39
N HIS D 74 3.96 7.71 0.42
CA HIS D 74 3.51 8.84 -0.39
C HIS D 74 4.22 10.13 0.02
N LEU D 75 4.36 10.35 1.33
CA LEU D 75 5.07 11.54 1.82
C LEU D 75 6.52 11.53 1.35
N ARG D 76 7.17 10.38 1.40
CA ARG D 76 8.56 10.30 0.95
C ARG D 76 8.67 10.63 -0.54
N THR D 77 7.74 10.13 -1.35
CA THR D 77 7.76 10.47 -2.77
C THR D 77 7.60 11.97 -2.99
N MET D 78 6.63 12.57 -2.29
CA MET D 78 6.40 14.01 -2.45
C MET D 78 7.63 14.81 -2.04
N LEU D 79 8.28 14.41 -0.93
CA LEU D 79 9.46 15.13 -0.47
C LEU D 79 10.64 14.98 -1.42
N MET D 80 10.89 13.76 -1.93
CA MET D 80 11.90 13.61 -2.97
C MET D 80 11.56 14.40 -4.22
N GLU D 81 10.30 14.79 -4.39
CA GLU D 81 9.88 15.45 -5.62
C GLU D 81 9.84 16.97 -5.50
N ARG D 82 10.33 17.53 -4.39
CA ARG D 82 10.37 18.98 -4.17
C ARG D 82 8.98 19.58 -4.20
N ARG D 83 8.00 18.84 -3.69
CA ARG D 83 6.65 19.32 -3.48
C ARG D 83 6.34 19.29 -1.99
N ILE D 84 5.09 19.62 -1.65
CA ILE D 84 4.63 19.62 -0.27
C ILE D 84 3.44 18.69 -0.15
N ASP D 85 3.49 17.78 0.81
CA ASP D 85 2.36 16.91 1.13
C ASP D 85 1.49 17.64 2.15
N TRP D 86 0.36 18.17 1.69
CA TRP D 86 -0.53 18.94 2.56
C TRP D 86 -1.38 18.06 3.46
N THR D 87 -1.33 16.75 3.30
CA THR D 87 -1.99 15.86 4.24
C THR D 87 -1.27 15.84 5.59
N TYR D 88 0.05 15.99 5.58
CA TYR D 88 0.84 16.00 6.79
C TYR D 88 0.99 17.38 7.42
N MET D 89 0.53 18.43 6.75
CA MET D 89 0.67 19.80 7.24
C MET D 89 -0.71 20.44 7.36
N SER D 90 -0.84 21.32 8.36
CA SER D 90 -2.14 21.91 8.68
C SER D 90 -2.62 22.83 7.56
N SER D 91 -1.86 23.89 7.28
CA SER D 91 -2.15 24.90 6.27
C SER D 91 -3.40 25.71 6.57
N SER D 92 -3.98 25.58 7.77
CA SER D 92 -5.16 26.35 8.13
C SER D 92 -4.82 27.64 8.86
N TRP D 93 -3.62 27.74 9.43
CA TRP D 93 -3.24 28.94 10.16
C TRP D 93 -2.89 30.09 9.22
N LEU D 94 -2.32 29.81 8.07
CA LEU D 94 -1.89 30.86 7.15
C LEU D 94 -3.01 31.36 6.25
N GLN D 95 -4.18 30.73 6.27
CA GLN D 95 -5.33 31.29 5.58
C GLN D 95 -5.94 32.46 6.32
N THR D 96 -5.76 32.51 7.65
CA THR D 96 -6.26 33.62 8.45
C THR D 96 -5.24 34.75 8.58
N GLN D 97 -3.95 34.42 8.65
CA GLN D 97 -2.92 35.45 8.74
C GLN D 97 -2.91 36.34 7.51
N LEU D 98 -3.02 35.74 6.33
CA LEU D 98 -3.19 36.47 5.08
C LEU D 98 -4.55 36.10 4.51
N GLN D 99 -5.43 37.08 4.38
CA GLN D 99 -6.83 36.82 4.07
C GLN D 99 -6.98 36.53 2.58
N LYS D 100 -7.28 35.27 2.25
CA LYS D 100 -7.49 34.86 0.87
C LYS D 100 -8.72 33.97 0.80
N SER D 101 -9.31 33.92 -0.39
CA SER D 101 -10.49 33.09 -0.62
C SER D 101 -10.11 31.62 -0.61
N ASP D 102 -11.13 30.77 -0.55
CA ASP D 102 -10.90 29.33 -0.59
C ASP D 102 -10.28 28.90 -1.91
N ASP D 103 -10.74 29.48 -3.02
CA ASP D 103 -10.19 29.14 -4.33
C ASP D 103 -8.79 29.70 -4.53
N GLU D 104 -8.48 30.84 -3.92
CA GLU D 104 -7.14 31.41 -4.05
C GLU D 104 -6.11 30.65 -3.22
N MET D 105 -6.55 29.94 -2.18
CA MET D 105 -5.62 29.14 -1.39
C MET D 105 -5.20 27.87 -2.10
N LYS D 106 -6.05 27.35 -2.99
CA LYS D 106 -5.70 26.14 -3.74
C LYS D 106 -4.52 26.41 -4.67
N VAL D 107 -4.48 27.58 -5.30
CA VAL D 107 -3.35 27.93 -6.16
C VAL D 107 -2.07 28.03 -5.34
N ILE D 108 -2.15 28.62 -4.15
CA ILE D 108 -0.98 28.73 -3.28
C ILE D 108 -0.49 27.34 -2.87
N LYS D 109 -1.42 26.45 -2.54
CA LYS D 109 -1.04 25.09 -2.17
C LYS D 109 -0.41 24.34 -3.34
N ARG D 110 -0.95 24.53 -4.54
CA ARG D 110 -0.52 23.75 -5.70
C ARG D 110 0.89 24.11 -6.16
N THR D 111 1.25 25.39 -6.12
CA THR D 111 2.50 25.88 -6.70
C THR D 111 3.58 26.12 -5.64
N ALA D 112 3.61 25.29 -4.60
CA ALA D 112 4.60 25.43 -3.54
C ALA D 112 5.78 24.50 -3.77
N ARG D 113 6.98 25.02 -3.53
CA ARG D 113 8.22 24.28 -3.67
C ARG D 113 8.86 24.09 -2.31
N SER D 114 9.49 22.93 -2.10
CA SER D 114 10.03 22.57 -0.81
C SER D 114 11.50 22.20 -0.92
N LEU D 115 12.19 22.24 0.22
CA LEU D 115 13.60 21.88 0.30
C LEU D 115 13.88 21.29 1.67
N VAL D 116 14.50 20.12 1.70
CA VAL D 116 14.81 19.42 2.94
C VAL D 116 16.27 19.68 3.27
N TYR D 117 16.53 20.21 4.48
CA TYR D 117 17.89 20.55 4.86
C TYR D 117 18.44 19.75 6.02
N TYR D 118 17.63 18.90 6.66
CA TYR D 118 18.19 17.95 7.62
C TYR D 118 17.14 16.89 7.95
N VAL D 119 17.59 15.64 8.05
CA VAL D 119 16.77 14.51 8.48
C VAL D 119 17.54 13.77 9.55
N LYS D 120 16.98 13.66 10.75
CA LYS D 120 17.71 13.12 11.88
C LYS D 120 16.82 12.20 12.70
N GLN D 121 17.47 11.34 13.49
CA GLN D 121 16.80 10.42 14.40
C GLN D 121 17.16 10.80 15.83
N THR D 122 16.14 10.91 16.69
CA THR D 122 16.34 11.34 18.06
C THR D 122 16.17 10.24 19.09
N TYR D 123 15.34 9.23 18.82
CA TYR D 123 15.13 8.12 19.73
C TYR D 123 15.27 6.81 18.96
N ASN D 124 15.98 5.85 19.55
CA ASN D 124 16.32 4.60 18.88
C ASN D 124 16.07 3.41 19.80
N SER D 125 14.89 3.36 20.40
CA SER D 125 14.50 2.19 21.18
C SER D 125 14.06 1.07 20.25
N LEU D 126 13.93 -0.13 20.81
CA LEU D 126 13.50 -1.28 20.03
C LEU D 126 12.00 -1.28 19.74
N THR D 127 11.19 -0.65 20.59
CA THR D 127 9.75 -0.56 20.37
C THR D 127 9.27 0.88 20.25
N ALA D 128 10.18 1.84 20.07
CA ALA D 128 9.81 3.25 19.93
C ALA D 128 10.89 3.96 19.14
N THR D 129 10.47 4.89 18.27
CA THR D 129 11.39 5.66 17.46
C THR D 129 10.85 7.08 17.30
N ALA D 130 11.73 7.99 16.92
CA ALA D 130 11.35 9.38 16.68
C ALA D 130 12.31 9.99 15.67
N TRP D 131 11.77 10.65 14.66
CA TRP D 131 12.57 11.29 13.62
C TRP D 131 12.14 12.73 13.46
N GLU D 132 13.02 13.52 12.85
CA GLU D 132 12.76 14.92 12.58
C GLU D 132 13.21 15.27 11.17
N ILE D 133 12.40 16.06 10.47
CA ILE D 133 12.70 16.54 9.13
C ILE D 133 12.55 18.06 9.12
N GLY D 134 13.57 18.75 8.61
CA GLY D 134 13.53 20.19 8.49
C GLY D 134 13.17 20.60 7.08
N LEU D 135 12.08 21.36 6.96
CA LEU D 135 11.53 21.76 5.67
C LEU D 135 11.63 23.27 5.51
N TYR D 136 12.15 23.70 4.37
CA TYR D 136 12.11 25.09 3.95
C TYR D 136 11.34 25.16 2.64
N TYR D 137 10.24 25.91 2.63
CA TYR D 137 9.39 25.98 1.46
C TYR D 137 9.06 27.41 1.09
N GLU D 138 8.78 27.63 -0.18
CA GLU D 138 8.50 28.95 -0.73
C GLU D 138 7.08 28.99 -1.28
N LEU D 139 6.37 30.08 -0.99
CA LEU D 139 4.99 30.26 -1.42
C LEU D 139 4.90 31.42 -2.39
N ILE D 140 4.07 31.25 -3.42
CA ILE D 140 3.82 32.27 -4.42
C ILE D 140 2.44 32.85 -4.17
N ILE D 141 2.37 34.15 -3.88
CA ILE D 141 1.11 34.83 -3.63
C ILE D 141 0.62 35.40 -4.97
N PRO D 142 -0.62 35.11 -5.37
CA PRO D 142 -1.14 35.67 -6.61
C PRO D 142 -1.87 36.99 -6.39
N ARG D 143 -2.17 37.65 -7.50
CA ARG D 143 -2.96 38.88 -7.50
C ARG D 143 -4.23 38.76 -8.34
N HIS D 144 -4.17 38.03 -9.45
CA HIS D 144 -5.34 37.74 -10.26
C HIS D 144 -5.29 36.28 -10.66
N ILE D 145 -6.34 35.81 -11.33
CA ILE D 145 -6.40 34.39 -11.69
C ILE D 145 -6.61 34.19 -13.18
N TYR D 146 -7.55 34.94 -13.77
CA TYR D 146 -7.80 34.91 -15.21
C TYR D 146 -8.08 33.48 -15.71
N LEU D 147 -9.21 32.96 -15.27
CA LEU D 147 -9.55 31.56 -15.50
C LEU D 147 -10.05 31.25 -16.91
N ASN D 148 -10.47 32.27 -17.67
CA ASN D 148 -11.02 32.06 -19.00
C ASN D 148 -10.19 32.85 -20.00
N ASN D 149 -9.47 32.14 -20.87
CA ASN D 149 -8.46 32.77 -21.72
C ASN D 149 -8.62 32.31 -23.16
N TRP D 150 -8.14 33.15 -24.09
CA TRP D 150 -8.05 32.82 -25.50
C TRP D 150 -6.75 33.39 -26.06
N GLN D 151 -6.01 32.56 -26.78
CA GLN D 151 -4.78 32.99 -27.44
C GLN D 151 -5.09 33.49 -28.84
N ILE D 152 -4.20 34.32 -29.37
CA ILE D 152 -4.39 34.99 -30.66
C ILE D 152 -3.36 34.47 -31.64
N VAL D 153 -3.83 34.03 -32.81
CA VAL D 153 -2.97 33.59 -33.90
C VAL D 153 -3.21 34.53 -35.07
N ASN D 154 -2.12 35.06 -35.63
CA ASN D 154 -2.19 36.02 -36.73
C ASN D 154 -1.73 35.33 -38.01
N ILE D 155 -2.63 35.26 -38.99
CA ILE D 155 -2.34 34.67 -40.29
C ILE D 155 -2.14 35.73 -41.36
N GLY D 156 -3.04 36.70 -41.41
CA GLY D 156 -2.97 37.74 -42.42
C GLY D 156 -3.44 37.26 -43.77
N HIS D 157 -3.30 38.14 -44.76
CA HIS D 157 -3.65 37.83 -46.14
C HIS D 157 -2.53 38.31 -47.05
N LEU D 158 -2.43 37.68 -48.22
CA LEU D 158 -1.41 38.01 -49.19
C LEU D 158 -2.07 38.53 -50.45
N ILE D 159 -1.48 39.57 -51.04
CA ILE D 159 -2.03 40.20 -52.23
C ILE D 159 -0.91 40.75 -53.10
N LEU D 165 4.73 38.30 -54.50
CA LEU D 165 3.54 38.61 -53.72
C LEU D 165 3.92 39.38 -52.46
N THR D 166 2.93 39.91 -51.76
CA THR D 166 3.14 40.64 -50.51
C THR D 166 2.31 40.01 -49.40
N HIS D 167 2.96 39.63 -48.32
CA HIS D 167 2.31 39.06 -47.15
C HIS D 167 2.09 40.18 -46.13
N VAL D 168 0.84 40.39 -45.74
CA VAL D 168 0.46 41.49 -44.86
C VAL D 168 -0.07 40.89 -43.56
N THR D 169 0.54 41.28 -42.44
CA THR D 169 0.10 40.85 -41.12
C THR D 169 -0.05 42.06 -40.21
N LEU D 170 -1.20 42.16 -39.55
CA LEU D 170 -1.42 43.23 -38.60
C LEU D 170 -0.70 42.92 -37.29
N SER D 171 -0.23 43.97 -36.62
CA SER D 171 0.52 43.85 -35.38
C SER D 171 -0.38 44.19 -34.21
N HIS D 172 -0.49 43.28 -33.25
CA HIS D 172 -1.28 43.47 -32.05
C HIS D 172 -0.40 43.52 -30.83
N PRO D 173 -0.56 44.53 -29.95
CA PRO D 173 0.23 44.54 -28.70
C PRO D 173 -0.20 43.45 -27.73
N TYR D 174 -1.49 43.25 -27.55
CA TYR D 174 -1.98 42.23 -26.63
C TYR D 174 -1.82 40.84 -27.23
N GLU D 175 -1.77 39.83 -26.37
CA GLU D 175 -1.67 38.44 -26.79
C GLU D 175 -2.75 37.54 -26.23
N ILE D 176 -3.42 37.93 -25.15
CA ILE D 176 -4.43 37.09 -24.51
C ILE D 176 -5.73 37.87 -24.42
N ILE D 177 -6.86 37.17 -24.61
CA ILE D 177 -8.18 37.75 -24.44
C ILE D 177 -8.88 37.02 -23.30
N ASN D 178 -9.41 37.78 -22.35
CA ASN D 178 -10.07 37.25 -21.17
C ASN D 178 -11.57 37.56 -21.26
N ARG D 179 -12.38 36.51 -21.24
CA ARG D 179 -13.83 36.64 -21.28
C ARG D 179 -14.49 36.20 -19.97
N GLU D 180 -13.69 36.04 -18.91
CA GLU D 180 -14.26 35.64 -17.62
C GLU D 180 -15.24 36.69 -17.11
N CYS D 181 -14.88 37.96 -17.23
CA CYS D 181 -15.78 39.04 -16.83
C CYS D 181 -16.84 39.26 -17.91
N SER D 182 -17.76 40.18 -17.64
CA SER D 182 -18.78 40.52 -18.62
C SER D 182 -18.16 41.15 -19.87
N ASN D 183 -17.15 42.00 -19.68
CA ASN D 183 -16.46 42.64 -20.79
C ASN D 183 -15.14 41.94 -21.07
N THR D 184 -14.70 42.01 -22.33
CA THR D 184 -13.45 41.37 -22.71
C THR D 184 -12.26 42.20 -22.23
N LEU D 185 -11.22 41.52 -21.77
CA LEU D 185 -9.98 42.16 -21.36
C LEU D 185 -8.85 41.72 -22.27
N TYR D 186 -7.95 42.63 -22.60
CA TYR D 186 -6.83 42.33 -23.49
C TYR D 186 -5.53 42.44 -22.71
N LEU D 187 -4.84 41.30 -22.59
CA LEU D 187 -3.69 41.17 -21.71
C LEU D 187 -2.42 40.93 -22.50
N HIS D 188 -1.39 41.69 -22.15
CA HIS D 188 -0.04 41.53 -22.65
C HIS D 188 0.83 40.98 -21.52
N LEU D 189 1.47 39.84 -21.76
CA LEU D 189 2.21 39.12 -20.73
C LEU D 189 3.70 39.30 -20.98
N GLU D 190 4.49 39.40 -19.91
CA GLU D 190 5.94 39.42 -20.04
C GLU D 190 6.58 38.45 -19.07
N GLU D 191 7.73 37.90 -19.47
CA GLU D 191 8.55 36.98 -18.66
C GLU D 191 7.71 35.97 -17.90
N CYS D 192 6.96 35.15 -18.64
CA CYS D 192 6.13 34.13 -18.03
C CYS D 192 6.89 32.81 -17.91
N ARG D 193 6.50 32.02 -16.92
CA ARG D 193 7.11 30.72 -16.64
C ARG D 193 6.06 29.63 -16.77
N ARG D 194 6.43 28.53 -17.43
CA ARG D 194 5.50 27.42 -17.66
C ARG D 194 5.78 26.29 -16.67
N LEU D 195 5.22 26.45 -15.48
CA LEU D 195 5.27 25.42 -14.44
C LEU D 195 3.88 25.32 -13.81
N ASP D 196 3.22 24.18 -14.00
CA ASP D 196 1.81 23.99 -13.64
C ASP D 196 1.03 25.11 -14.34
N TYR D 197 0.27 25.93 -13.62
CA TYR D 197 -0.37 27.09 -14.22
C TYR D 197 0.68 28.11 -14.63
N VAL D 198 0.37 28.89 -15.68
CA VAL D 198 1.32 29.86 -16.18
C VAL D 198 1.57 30.94 -15.14
N ILE D 199 2.85 31.17 -14.82
CA ILE D 199 3.25 32.16 -13.82
C ILE D 199 3.92 33.31 -14.55
N CYS D 200 3.43 34.52 -14.33
CA CYS D 200 3.97 35.70 -14.98
C CYS D 200 4.24 36.79 -13.95
N ASP D 201 5.36 37.49 -14.11
CA ASP D 201 5.64 38.61 -13.22
C ASP D 201 4.78 39.82 -13.52
N VAL D 202 4.64 40.17 -14.79
CA VAL D 202 3.89 41.35 -15.19
C VAL D 202 2.94 41.01 -16.32
N VAL D 203 1.68 41.40 -16.15
CA VAL D 203 0.65 41.35 -17.18
C VAL D 203 -0.02 42.72 -17.20
N LYS D 204 -0.33 43.22 -18.38
CA LYS D 204 -0.87 44.57 -18.53
C LYS D 204 -2.13 44.55 -19.38
N ILE D 205 -3.12 45.35 -18.97
CA ILE D 205 -4.34 45.49 -19.75
C ILE D 205 -4.17 46.63 -20.76
N VAL D 206 -4.47 46.33 -22.03
CA VAL D 206 -4.30 47.29 -23.11
C VAL D 206 -5.59 47.37 -23.92
N GLN D 207 -5.69 48.42 -24.71
CA GLN D 207 -6.90 48.66 -25.50
C GLN D 207 -6.95 47.77 -26.74
N PRO D 208 -8.14 47.47 -27.25
CA PRO D 208 -8.28 46.50 -28.36
C PRO D 208 -8.07 47.09 -29.74
N CYS D 209 -6.87 47.63 -29.97
CA CYS D 209 -6.45 48.08 -31.30
C CYS D 209 -7.44 49.08 -31.89
N GLY D 210 -7.96 49.97 -31.04
CA GLY D 210 -8.94 50.94 -31.48
C GLY D 210 -8.35 52.07 -32.30
N SER D 215 -8.81 53.17 -29.12
CA SER D 215 -7.93 53.91 -28.23
C SER D 215 -6.52 53.34 -28.25
N SER D 216 -6.21 52.57 -29.30
CA SER D 216 -4.90 51.97 -29.46
C SER D 216 -4.48 52.06 -30.93
N ASP D 217 -3.17 52.00 -31.14
CA ASP D 217 -2.59 52.08 -32.48
C ASP D 217 -1.86 50.78 -32.79
N CYS D 218 -2.01 50.29 -34.01
CA CYS D 218 -1.42 49.02 -34.43
C CYS D 218 -0.65 49.21 -35.73
N PRO D 219 0.66 49.02 -35.73
CA PRO D 219 1.42 49.13 -36.98
C PRO D 219 1.08 48.01 -37.95
N VAL D 220 1.31 48.28 -39.24
CA VAL D 220 1.08 47.32 -40.31
C VAL D 220 2.42 47.03 -40.97
N TRP D 221 2.79 45.76 -41.02
CA TRP D 221 4.04 45.33 -41.65
C TRP D 221 3.73 44.40 -42.80
N ALA D 222 4.27 44.72 -43.98
CA ALA D 222 4.09 43.92 -45.18
C ALA D 222 5.44 43.52 -45.73
N GLU D 223 5.60 42.24 -46.04
CA GLU D 223 6.88 41.71 -46.50
C GLU D 223 6.71 41.02 -47.86
N PRO D 224 7.59 41.28 -48.82
CA PRO D 224 7.51 40.56 -50.09
C PRO D 224 7.88 39.09 -49.91
N VAL D 225 7.15 38.22 -50.58
CA VAL D 225 7.36 36.77 -50.50
C VAL D 225 7.16 36.19 -51.90
N LYS D 226 7.90 35.12 -52.19
CA LYS D 226 7.83 34.50 -53.52
C LYS D 226 6.79 33.38 -53.53
N GLU D 227 6.23 33.13 -54.71
CA GLU D 227 5.24 32.09 -54.87
C GLU D 227 5.88 30.71 -54.73
N PRO D 228 5.12 29.68 -54.35
CA PRO D 228 3.68 29.69 -54.02
C PRO D 228 3.36 30.25 -52.64
N HIS D 229 4.26 30.02 -51.68
CA HIS D 229 4.09 30.48 -50.30
C HIS D 229 2.77 29.98 -49.70
N VAL D 230 2.66 28.67 -49.54
CA VAL D 230 1.51 28.08 -48.86
C VAL D 230 1.92 27.72 -47.43
N GLN D 231 1.06 28.04 -46.47
CA GLN D 231 1.30 27.71 -45.08
C GLN D 231 0.07 27.02 -44.51
N ILE D 232 0.30 25.90 -43.81
CA ILE D 232 -0.75 25.09 -43.20
C ILE D 232 -0.39 24.88 -41.75
N SER D 233 -1.35 25.08 -40.86
CA SER D 233 -1.13 24.95 -39.42
C SER D 233 -2.20 24.06 -38.80
N PRO D 234 -1.82 23.02 -38.06
CA PRO D 234 -2.81 22.23 -37.33
C PRO D 234 -3.52 23.07 -36.28
N LEU D 235 -4.79 22.76 -36.05
CA LEU D 235 -5.64 23.57 -35.19
C LEU D 235 -5.90 22.96 -33.82
N LYS D 236 -5.33 21.80 -33.53
CA LYS D 236 -5.37 21.11 -32.24
C LYS D 236 -6.75 20.48 -31.98
N ASN D 237 -7.75 20.72 -32.82
CA ASN D 237 -9.03 20.03 -32.71
C ASN D 237 -9.34 19.23 -33.97
N GLY D 238 -8.35 19.02 -34.83
CA GLY D 238 -8.52 18.26 -36.05
C GLY D 238 -8.65 19.08 -37.31
N SER D 239 -8.92 20.39 -37.21
CA SER D 239 -9.02 21.23 -38.39
C SER D 239 -7.64 21.72 -38.81
N TYR D 240 -7.59 22.37 -39.97
CA TYR D 240 -6.35 22.92 -40.50
C TYR D 240 -6.58 24.37 -40.92
N LEU D 241 -5.55 25.20 -40.71
CA LEU D 241 -5.55 26.58 -41.16
C LEU D 241 -4.69 26.67 -42.42
N VAL D 242 -5.27 27.10 -43.52
CA VAL D 242 -4.61 27.10 -44.82
C VAL D 242 -4.57 28.52 -45.36
N LEU D 243 -3.38 28.95 -45.81
CA LEU D 243 -3.21 30.23 -46.51
C LEU D 243 -2.37 29.96 -47.75
N ALA D 244 -3.04 29.90 -48.91
CA ALA D 244 -2.40 29.50 -50.16
C ALA D 244 -2.71 30.51 -51.25
N SER D 245 -1.67 30.93 -51.99
CA SER D 245 -1.89 31.74 -53.18
C SER D 245 -2.46 30.90 -54.31
N SER D 246 -1.89 29.72 -54.54
CA SER D 246 -2.41 28.80 -55.53
C SER D 246 -3.54 27.96 -54.94
N THR D 247 -4.27 27.28 -55.82
CA THR D 247 -5.41 26.45 -55.41
C THR D 247 -5.45 25.16 -56.24
N ASP D 248 -4.89 24.08 -55.67
CA ASP D 248 -5.04 22.77 -56.28
C ASP D 248 -6.29 22.08 -55.74
N CYS D 249 -6.56 22.23 -54.45
CA CYS D 249 -7.81 21.76 -53.87
C CYS D 249 -8.88 22.83 -53.99
N GLN D 250 -10.13 22.44 -53.70
CA GLN D 250 -11.28 23.34 -53.86
C GLN D 250 -11.28 24.37 -52.73
N ILE D 251 -10.30 25.28 -52.79
CA ILE D 251 -10.13 26.32 -51.78
C ILE D 251 -9.95 27.66 -52.45
N PRO D 252 -10.71 28.67 -52.01
CA PRO D 252 -10.52 30.01 -52.55
C PRO D 252 -9.12 30.52 -52.27
N PRO D 253 -8.48 31.17 -53.24
CA PRO D 253 -7.11 31.62 -53.04
C PRO D 253 -7.03 32.96 -52.33
N TYR D 254 -5.84 33.25 -51.81
CA TYR D 254 -5.47 34.52 -51.18
C TYR D 254 -6.24 34.79 -49.90
N VAL D 255 -7.07 33.87 -49.43
CA VAL D 255 -7.85 34.08 -48.21
C VAL D 255 -7.63 32.89 -47.27
N PRO D 256 -7.24 33.13 -46.01
CA PRO D 256 -7.08 32.01 -45.08
C PRO D 256 -8.39 31.29 -44.84
N SER D 257 -8.31 29.98 -44.63
CA SER D 257 -9.50 29.16 -44.48
C SER D 257 -9.25 28.08 -43.43
N VAL D 258 -10.35 27.56 -42.89
CA VAL D 258 -10.35 26.44 -41.95
C VAL D 258 -10.91 25.22 -42.69
N VAL D 259 -10.15 24.13 -42.70
CA VAL D 259 -10.46 22.97 -43.52
C VAL D 259 -10.63 21.75 -42.60
N THR D 260 -11.70 21.00 -42.82
CA THR D 260 -11.96 19.74 -42.16
C THR D 260 -12.36 18.71 -43.21
N VAL D 261 -11.80 17.51 -43.12
CA VAL D 261 -12.00 16.47 -44.12
C VAL D 261 -12.53 15.22 -43.45
N ASN D 262 -13.40 14.49 -44.15
CA ASN D 262 -13.97 13.27 -43.57
C ASN D 262 -13.02 12.09 -43.68
N GLU D 263 -12.22 12.03 -44.74
CA GLU D 263 -11.23 10.98 -44.95
C GLU D 263 -9.90 11.60 -45.38
N THR D 264 -8.86 10.77 -45.42
CA THR D 264 -7.52 11.27 -45.72
C THR D 264 -7.42 11.68 -47.18
N THR D 265 -7.09 12.95 -47.42
CA THR D 265 -6.88 13.48 -48.75
C THR D 265 -5.59 14.30 -48.76
N GLN D 266 -5.06 14.52 -49.95
CA GLN D 266 -3.83 15.29 -50.13
C GLN D 266 -4.12 16.58 -50.90
N CYS D 267 -3.81 17.70 -50.27
CA CYS D 267 -3.82 19.01 -50.92
C CYS D 267 -2.40 19.56 -50.90
N PHE D 268 -1.89 19.95 -52.07
CA PHE D 268 -0.49 20.35 -52.24
C PHE D 268 0.38 19.16 -51.84
N GLY D 269 1.36 19.32 -50.96
CA GLY D 269 2.15 18.20 -50.51
C GLY D 269 1.66 17.64 -49.19
N VAL D 270 0.99 18.47 -48.40
CA VAL D 270 0.54 18.05 -47.08
C VAL D 270 -0.73 17.20 -47.19
N THR D 271 -0.80 16.16 -46.36
CA THR D 271 -1.96 15.29 -46.28
C THR D 271 -2.79 15.67 -45.06
N PHE D 272 -4.10 15.68 -45.22
CA PHE D 272 -5.03 16.03 -44.16
C PHE D 272 -5.72 14.78 -43.65
N LYS D 273 -5.88 14.68 -42.34
CA LYS D 273 -6.54 13.54 -41.70
C LYS D 273 -7.76 14.02 -40.93
N LYS D 274 -8.77 13.15 -40.85
CA LYS D 274 -10.02 13.50 -40.20
C LYS D 274 -9.82 13.69 -38.70
N PRO D 275 -10.61 14.56 -38.07
CA PRO D 275 -10.58 14.65 -36.61
C PRO D 275 -11.09 13.38 -35.98
N LEU D 276 -10.57 13.06 -34.80
CA LEU D 276 -10.93 11.82 -34.11
C LEU D 276 -11.96 12.12 -33.04
N VAL D 277 -13.01 11.29 -32.99
CA VAL D 277 -14.02 11.42 -31.96
C VAL D 277 -13.51 10.78 -30.68
N ALA D 278 -13.96 11.30 -29.54
CA ALA D 278 -13.47 10.88 -28.23
C ALA D 278 -14.62 10.35 -27.39
N GLU D 279 -14.38 9.25 -26.69
CA GLU D 279 -15.36 8.74 -25.74
C GLU D 279 -15.52 9.73 -24.60
N GLU D 280 -16.79 10.02 -24.25
CA GLU D 280 -17.06 11.07 -23.28
C GLU D 280 -16.66 10.66 -21.87
N LYS D 281 -17.00 9.44 -21.47
CA LYS D 281 -16.78 8.98 -20.11
C LYS D 281 -16.09 7.63 -20.11
N THR D 282 -15.40 7.34 -19.01
CA THR D 282 -14.81 6.03 -18.76
C THR D 282 -15.18 5.62 -17.34
N SER D 283 -15.26 4.31 -17.12
CA SER D 283 -15.56 3.76 -15.80
C SER D 283 -14.45 2.81 -15.39
N LEU D 284 -14.00 2.92 -14.13
CA LEU D 284 -12.90 2.12 -13.62
C LEU D 284 -13.41 1.00 -12.74
N GLU D 285 -13.10 -0.24 -13.12
CA GLU D 285 -13.51 -1.42 -12.37
C GLU D 285 -12.27 -2.30 -12.18
N PRO D 286 -11.45 -2.02 -11.16
CA PRO D 286 -10.18 -2.75 -11.04
C PRO D 286 -10.41 -4.22 -10.68
N GLN D 287 -9.46 -5.06 -11.08
CA GLN D 287 -9.47 -6.47 -10.71
C GLN D 287 -8.99 -6.65 -9.28
N LEU D 288 -9.64 -7.56 -8.55
CA LEU D 288 -9.33 -7.79 -7.15
C LEU D 288 -8.90 -9.24 -6.95
N PRO D 289 -7.92 -9.50 -6.09
CA PRO D 289 -7.52 -10.89 -5.83
C PRO D 289 -8.62 -11.65 -5.11
N HIS D 290 -8.67 -12.96 -5.36
CA HIS D 290 -9.66 -13.84 -4.74
C HIS D 290 -8.96 -14.72 -3.72
N LEU D 291 -9.20 -14.46 -2.44
CA LEU D 291 -8.57 -15.24 -1.39
C LEU D 291 -9.20 -16.62 -1.26
N GLN D 292 -10.51 -16.72 -1.46
CA GLN D 292 -11.24 -17.98 -1.40
C GLN D 292 -11.12 -18.64 -0.02
N LEU D 293 -11.41 -17.87 1.03
CA LEU D 293 -11.43 -18.42 2.37
C LEU D 293 -12.62 -19.36 2.54
N ARG D 294 -12.44 -20.39 3.36
CA ARG D 294 -13.45 -21.43 3.49
C ARG D 294 -14.22 -21.39 4.81
N LEU D 295 -13.68 -20.77 5.85
CA LEU D 295 -14.40 -20.66 7.11
C LEU D 295 -15.70 -19.86 6.95
N PRO D 296 -15.70 -18.71 6.26
CA PRO D 296 -16.97 -18.03 6.02
C PRO D 296 -17.94 -18.91 5.25
N HIS D 297 -19.21 -18.49 5.25
CA HIS D 297 -20.34 -19.26 4.75
C HIS D 297 -20.29 -20.72 5.21
N LEU D 298 -20.00 -20.93 6.50
CA LEU D 298 -20.12 -22.23 7.15
C LEU D 298 -21.04 -22.16 8.37
N VAL D 299 -22.04 -21.29 8.33
CA VAL D 299 -22.89 -21.06 9.49
C VAL D 299 -23.75 -22.30 9.77
N GLY D 300 -24.06 -23.07 8.73
CA GLY D 300 -24.89 -24.25 8.91
C GLY D 300 -24.29 -25.25 9.87
N ILE D 301 -22.96 -25.40 9.86
CA ILE D 301 -22.31 -26.32 10.79
C ILE D 301 -22.47 -25.84 12.23
N ILE D 302 -22.37 -24.53 12.44
CA ILE D 302 -22.58 -23.98 13.78
C ILE D 302 -24.03 -24.23 14.22
N ALA D 303 -24.98 -24.02 13.31
CA ALA D 303 -26.38 -24.28 13.65
C ALA D 303 -26.61 -25.74 14.00
N LYS D 304 -25.96 -26.65 13.27
CA LYS D 304 -26.05 -28.07 13.60
C LYS D 304 -25.44 -28.35 14.98
N ILE D 305 -24.35 -27.66 15.31
CA ILE D 305 -23.74 -27.84 16.63
C ILE D 305 -24.69 -27.38 17.72
N LYS D 306 -25.48 -26.33 17.45
CA LYS D 306 -26.39 -25.81 18.47
C LYS D 306 -27.40 -26.86 18.90
N GLY D 307 -27.96 -27.60 17.95
CA GLY D 307 -28.98 -28.59 18.27
C GLY D 307 -28.47 -30.01 18.46
N ILE D 308 -27.66 -30.25 19.50
CA ILE D 308 -27.16 -31.61 19.74
C ILE D 308 -28.28 -32.50 20.27
N LYS D 309 -29.04 -32.01 21.27
CA LYS D 309 -30.23 -32.69 21.77
C LYS D 309 -29.91 -34.09 22.30
N ILE D 310 -29.12 -34.15 23.36
CA ILE D 310 -28.85 -35.43 24.02
C ILE D 310 -30.04 -35.82 24.90
N GLU D 311 -30.49 -37.06 24.77
CA GLU D 311 -31.63 -37.57 25.50
C GLU D 311 -31.17 -38.52 26.60
N VAL D 312 -31.58 -38.25 27.83
CA VAL D 312 -31.27 -39.09 28.99
C VAL D 312 -32.57 -39.40 29.71
N THR D 313 -32.82 -40.69 29.94
CA THR D 313 -34.01 -41.15 30.63
C THR D 313 -33.66 -41.59 32.04
N SER D 314 -34.45 -41.14 33.01
CA SER D 314 -34.19 -41.47 34.41
C SER D 314 -34.30 -42.97 34.64
N SER D 315 -33.31 -43.53 35.32
CA SER D 315 -33.27 -44.95 35.64
C SER D 315 -33.66 -45.15 37.10
N GLY D 316 -34.66 -45.99 37.32
CA GLY D 316 -35.22 -46.20 38.64
C GLY D 316 -36.60 -45.64 38.84
N GLU D 317 -36.99 -44.63 38.07
CA GLU D 317 -38.38 -44.16 38.11
C GLU D 317 -39.32 -45.23 37.58
N SER D 318 -38.91 -45.95 36.53
CA SER D 318 -39.75 -46.99 35.97
C SER D 318 -39.80 -48.23 36.86
N ILE D 319 -38.71 -48.51 37.59
CA ILE D 319 -38.62 -49.73 38.38
C ILE D 319 -39.01 -49.45 39.82
N LYS D 320 -39.49 -48.23 40.07
CA LYS D 320 -39.91 -47.88 41.42
C LYS D 320 -41.08 -48.74 41.88
N ASP D 321 -42.02 -49.01 40.97
CA ASP D 321 -43.17 -49.84 41.33
C ASP D 321 -42.73 -51.27 41.66
N GLN D 322 -41.74 -51.79 40.93
CA GLN D 322 -41.27 -53.14 41.20
C GLN D 322 -40.64 -53.24 42.59
N LEU D 323 -39.82 -52.24 42.96
CA LEU D 323 -39.24 -52.24 44.30
C LEU D 323 -40.32 -52.06 45.36
N GLU D 324 -41.33 -51.23 45.09
CA GLU D 324 -42.42 -51.05 46.04
C GLU D 324 -43.20 -52.34 46.24
N ARG D 325 -43.44 -53.09 45.15
CA ARG D 325 -44.13 -54.37 45.29
C ARG D 325 -43.24 -55.38 46.01
N ALA D 326 -41.93 -55.31 45.80
CA ALA D 326 -41.01 -56.16 46.54
C ALA D 326 -41.09 -55.88 48.04
N LYS D 327 -41.21 -54.61 48.42
CA LYS D 327 -41.35 -54.28 49.83
C LYS D 327 -42.77 -54.58 50.33
N ALA D 328 -43.73 -54.67 49.43
CA ALA D 328 -45.09 -55.04 49.83
C ALA D 328 -45.21 -56.54 50.06
N GLU D 329 -44.40 -57.33 49.34
CA GLU D 329 -44.49 -58.79 49.40
C GLU D 329 -43.72 -59.36 50.59
N LEU D 330 -43.49 -58.52 51.60
CA LEU D 330 -42.76 -58.95 52.78
C LEU D 330 -43.42 -58.54 54.11
N LEU D 331 -44.36 -57.61 54.09
CA LEU D 331 -44.99 -57.15 55.33
C LEU D 331 -46.01 -58.13 55.88
N ARG D 332 -46.36 -59.16 55.12
CA ARG D 332 -47.34 -60.14 55.56
C ARG D 332 -46.66 -61.40 56.10
N GLU E 13 2.80 51.66 12.66
CA GLU E 13 4.18 52.12 12.73
C GLU E 13 5.04 51.43 11.68
N VAL E 14 6.27 51.90 11.51
CA VAL E 14 7.21 51.35 10.56
C VAL E 14 8.54 51.08 11.26
N ASN E 15 9.34 50.21 10.66
CA ASN E 15 10.66 49.87 11.14
C ASN E 15 11.67 50.17 10.06
N MET E 16 12.85 50.63 10.45
CA MET E 16 13.79 51.21 9.49
C MET E 16 15.20 50.69 9.70
N THR E 17 15.97 50.73 8.61
CA THR E 17 17.41 50.47 8.62
C THR E 17 17.96 51.00 7.31
N SER E 18 19.01 51.81 7.39
CA SER E 18 19.60 52.44 6.22
C SER E 18 20.74 51.59 5.68
N ILE E 19 20.63 51.19 4.43
CA ILE E 19 21.70 50.42 3.78
C ILE E 19 22.86 51.35 3.47
N PRO E 20 24.09 51.03 3.89
CA PRO E 20 25.20 51.97 3.75
C PRO E 20 25.55 52.32 2.30
N GLN E 21 25.84 51.32 1.47
CA GLN E 21 26.26 51.56 0.09
C GLN E 21 25.28 51.03 -0.94
N GLY E 22 24.05 50.74 -0.56
CA GLY E 22 23.07 50.25 -1.52
C GLY E 22 23.25 48.82 -1.97
N VAL E 23 23.96 48.01 -1.19
CA VAL E 23 24.18 46.60 -1.50
C VAL E 23 23.56 45.77 -0.39
N PHE E 24 22.70 44.83 -0.77
CA PHE E 24 21.99 43.98 0.18
C PHE E 24 22.32 42.52 -0.11
N TYR E 25 22.14 41.65 0.88
CA TYR E 25 22.44 40.24 0.74
C TYR E 25 21.21 39.39 1.03
N GLN E 26 20.88 38.52 0.09
CA GLN E 26 19.81 37.54 0.06
C GLN E 26 20.29 36.21 0.63
N PRO E 27 19.47 35.50 1.40
CA PRO E 27 19.87 34.19 1.91
C PRO E 27 20.31 33.19 0.85
N HIS E 28 19.47 32.89 -0.13
CA HIS E 28 19.76 31.92 -1.19
C HIS E 28 20.24 30.59 -0.62
N PRO E 29 19.35 29.78 -0.06
CA PRO E 29 19.79 28.59 0.69
C PRO E 29 20.10 27.36 -0.15
N GLU E 30 19.97 27.41 -1.47
CA GLU E 30 20.27 26.21 -2.25
C GLU E 30 21.78 26.04 -2.44
N PRO E 31 22.28 24.82 -2.45
CA PRO E 31 23.72 24.60 -2.66
C PRO E 31 24.12 24.79 -4.13
N ILE E 32 25.42 24.86 -4.35
CA ILE E 32 26.02 25.05 -5.67
C ILE E 32 27.06 23.96 -5.87
N ILE E 33 26.89 23.17 -6.93
CA ILE E 33 27.62 21.90 -7.02
C ILE E 33 28.96 22.05 -7.74
N HIS E 34 29.02 22.75 -8.87
CA HIS E 34 30.24 22.88 -9.67
C HIS E 34 30.76 21.51 -10.11
N THR E 35 29.97 20.90 -11.00
CA THR E 35 30.27 19.57 -11.51
C THR E 35 31.66 19.50 -12.13
N GLU E 36 32.17 18.27 -12.25
CA GLU E 36 33.48 18.00 -12.85
C GLU E 36 33.37 17.19 -14.13
N ARG E 37 32.66 16.07 -14.11
CA ARG E 37 32.46 15.27 -15.30
C ARG E 37 31.21 14.41 -15.11
N VAL E 38 30.71 13.86 -16.21
CA VAL E 38 29.50 13.05 -16.22
C VAL E 38 29.84 11.66 -16.74
N LEU E 39 29.30 10.63 -16.08
CA LEU E 39 29.56 9.24 -16.43
C LEU E 39 28.26 8.54 -16.79
N GLY E 40 28.37 7.48 -17.57
CA GLY E 40 27.22 6.69 -17.98
C GLY E 40 27.43 5.23 -17.70
N LEU E 41 26.37 4.56 -17.25
CA LEU E 41 26.46 3.17 -16.84
C LEU E 41 25.22 2.42 -17.31
N SER E 42 25.31 1.09 -17.28
CA SER E 42 24.20 0.21 -17.64
C SER E 42 24.05 -0.88 -16.58
N GLN E 43 22.82 -1.36 -16.41
CA GLN E 43 22.54 -2.34 -15.37
C GLN E 43 21.20 -3.01 -15.68
N VAL E 44 21.04 -4.22 -15.14
CA VAL E 44 19.83 -5.02 -15.32
C VAL E 44 19.25 -5.34 -13.94
N LEU E 45 17.93 -5.30 -13.84
CA LEU E 45 17.27 -5.43 -12.53
C LEU E 45 16.93 -6.87 -12.16
N MET E 46 16.42 -7.67 -13.09
CA MET E 46 16.16 -9.10 -12.89
C MET E 46 15.18 -9.33 -11.72
N ILE E 47 13.94 -8.91 -11.95
CA ILE E 47 12.88 -9.16 -10.99
C ILE E 47 12.45 -10.62 -11.07
N ASN E 48 12.48 -11.32 -9.94
CA ASN E 48 12.10 -12.72 -9.87
C ASN E 48 11.25 -12.96 -8.63
N SER E 49 10.21 -13.77 -8.76
CA SER E 49 9.29 -14.02 -7.64
C SER E 49 9.66 -15.24 -6.83
N GLU E 50 10.50 -16.13 -7.36
CA GLU E 50 10.87 -17.34 -6.61
C GLU E 50 11.66 -16.99 -5.36
N ASN E 51 12.53 -15.98 -5.42
CA ASN E 51 13.28 -15.57 -4.24
C ASN E 51 12.35 -15.08 -3.14
N VAL E 52 11.35 -14.27 -3.50
CA VAL E 52 10.40 -13.78 -2.51
C VAL E 52 9.56 -14.91 -1.96
N ALA E 53 9.15 -15.85 -2.82
CA ALA E 53 8.37 -16.98 -2.35
C ALA E 53 9.16 -17.85 -1.38
N ASN E 54 10.44 -18.06 -1.66
CA ASN E 54 11.27 -18.88 -0.77
C ASN E 54 11.54 -18.17 0.54
N SER E 55 11.78 -16.85 0.50
CA SER E 55 12.02 -16.11 1.73
C SER E 55 10.79 -16.15 2.63
N ALA E 56 9.61 -15.94 2.07
CA ALA E 56 8.37 -16.13 2.80
C ALA E 56 8.05 -17.62 2.84
N ASN E 57 6.83 -17.96 3.26
CA ASN E 57 6.47 -19.38 3.34
C ASN E 57 5.19 -19.63 2.58
N LEU E 58 5.14 -19.17 1.33
CA LEU E 58 3.93 -19.32 0.51
C LEU E 58 3.64 -20.79 0.28
N SER E 59 2.36 -21.11 0.11
CA SER E 59 1.86 -22.48 0.16
C SER E 59 1.10 -22.84 -1.11
N GLN E 60 1.68 -22.53 -2.26
CA GLN E 60 1.23 -23.02 -3.56
C GLN E 60 -0.13 -22.44 -3.95
N GLU E 61 -0.72 -21.63 -3.08
CA GLU E 61 -1.93 -20.89 -3.41
C GLU E 61 -1.78 -19.39 -3.25
N THR E 62 -0.95 -18.95 -2.30
CA THR E 62 -0.56 -17.54 -2.25
C THR E 62 0.56 -17.21 -3.22
N LYS E 63 1.21 -18.22 -3.78
CA LYS E 63 2.17 -17.99 -4.85
C LYS E 63 1.49 -17.45 -6.10
N ALA E 64 0.34 -18.01 -6.45
CA ALA E 64 -0.44 -17.51 -7.58
C ALA E 64 -1.00 -16.12 -7.31
N LEU E 65 -1.20 -15.76 -6.05
CA LEU E 65 -1.62 -14.41 -5.72
C LEU E 65 -0.48 -13.41 -5.79
N LEU E 66 0.76 -13.87 -5.75
CA LEU E 66 1.93 -13.02 -5.88
C LEU E 66 2.36 -12.85 -7.33
N THR E 67 2.35 -13.94 -8.10
CA THR E 67 2.71 -13.83 -9.51
C THR E 67 1.73 -12.95 -10.27
N GLU E 68 0.46 -12.97 -9.90
CA GLU E 68 -0.53 -12.12 -10.56
C GLU E 68 -0.20 -10.64 -10.36
N MET E 69 0.11 -10.25 -9.12
CA MET E 69 0.46 -8.86 -8.83
C MET E 69 1.74 -8.46 -9.54
N VAL E 70 2.77 -9.32 -9.51
CA VAL E 70 4.02 -9.00 -10.17
C VAL E 70 3.79 -8.83 -11.67
N ASN E 71 3.01 -9.73 -12.27
CA ASN E 71 2.75 -9.65 -13.70
C ASN E 71 2.00 -8.38 -14.06
N GLU E 72 0.99 -8.01 -13.29
CA GLU E 72 0.20 -6.85 -13.67
C GLU E 72 1.02 -5.56 -13.51
N GLU E 73 1.83 -5.48 -12.44
CA GLU E 73 2.69 -4.31 -12.27
C GLU E 73 3.72 -4.20 -13.38
N MET E 74 4.38 -5.31 -13.71
CA MET E 74 5.39 -5.29 -14.76
C MET E 74 4.80 -4.98 -16.12
N GLN E 75 3.60 -5.49 -16.42
CA GLN E 75 2.95 -5.15 -17.67
C GLN E 75 2.58 -3.67 -17.71
N GLY E 76 2.08 -3.12 -16.61
CA GLY E 76 1.80 -1.69 -16.57
C GLY E 76 3.03 -0.85 -16.82
N LEU E 77 4.18 -1.28 -16.27
CA LEU E 77 5.42 -0.58 -16.56
C LEU E 77 5.82 -0.73 -18.03
N SER E 78 5.68 -1.93 -18.57
CA SER E 78 6.13 -2.23 -19.93
C SER E 78 5.23 -1.62 -21.00
N ASP E 79 4.04 -1.14 -20.64
CA ASP E 79 3.13 -0.58 -21.63
C ASP E 79 3.57 0.80 -22.13
N VAL E 80 4.60 1.41 -21.57
CA VAL E 80 4.98 2.76 -21.94
C VAL E 80 6.47 2.86 -22.27
N MET E 81 7.13 1.72 -22.48
CA MET E 81 8.55 1.69 -22.81
C MET E 81 8.75 1.07 -24.19
N ILE E 82 9.64 1.69 -24.97
CA ILE E 82 9.71 1.45 -26.41
C ILE E 82 10.63 0.29 -26.79
N ASP E 83 11.50 -0.18 -25.90
CA ASP E 83 12.35 -1.35 -26.13
C ASP E 83 13.30 -1.13 -27.30
N PHE E 84 14.23 -0.19 -27.13
CA PHE E 84 15.26 0.09 -28.12
C PHE E 84 16.61 -0.47 -27.64
N GLU E 85 17.66 -0.16 -28.39
CA GLU E 85 19.01 -0.64 -28.10
C GLU E 85 19.96 0.53 -27.89
N ILE E 86 20.92 0.33 -27.00
CA ILE E 86 21.86 1.38 -26.61
C ILE E 86 23.05 1.34 -27.57
N PRO E 87 23.37 2.43 -28.26
CA PRO E 87 24.58 2.44 -29.09
C PRO E 87 25.83 2.44 -28.22
N LEU E 88 26.81 1.63 -28.62
CA LEU E 88 28.03 1.48 -27.84
C LEU E 88 29.32 1.55 -28.65
N GLY E 89 29.29 1.30 -29.96
CA GLY E 89 30.52 1.22 -30.73
C GLY E 89 30.75 2.36 -31.70
N ASP E 90 30.91 2.01 -32.98
CA ASP E 90 31.22 2.99 -34.01
C ASP E 90 30.22 2.84 -35.16
N PRO E 91 29.69 3.95 -35.68
CA PRO E 91 28.67 3.84 -36.74
C PRO E 91 29.19 3.18 -38.02
N ARG E 92 30.47 3.33 -38.33
CA ARG E 92 30.99 2.84 -39.60
C ARG E 92 31.00 1.31 -39.66
N ASP E 93 31.27 0.66 -38.54
CA ASP E 93 31.55 -0.78 -38.56
C ASP E 93 30.36 -1.58 -39.07
N GLN E 94 30.65 -2.54 -39.96
CA GLN E 94 29.64 -3.41 -40.54
C GLN E 94 29.46 -4.71 -39.77
N GLU E 95 30.50 -5.21 -39.12
CA GLU E 95 30.43 -6.50 -38.44
C GLU E 95 29.40 -6.51 -37.31
N GLN E 96 29.34 -5.44 -36.51
CA GLN E 96 28.35 -5.38 -35.44
C GLN E 96 26.93 -5.41 -35.98
N TYR E 97 26.67 -4.65 -37.04
CA TYR E 97 25.32 -4.64 -37.63
C TYR E 97 24.96 -6.00 -38.22
N ILE E 98 25.92 -6.64 -38.89
CA ILE E 98 25.71 -7.97 -39.44
C ILE E 98 25.36 -8.95 -38.33
N HIS E 99 26.15 -8.93 -37.24
CA HIS E 99 25.85 -9.76 -36.08
C HIS E 99 24.44 -9.51 -35.59
N ARG E 100 24.18 -8.28 -35.13
CA ARG E 100 22.86 -7.88 -34.63
C ARG E 100 21.72 -8.40 -35.50
N LYS E 101 21.82 -8.20 -36.82
CA LYS E 101 20.74 -8.63 -37.70
C LYS E 101 20.60 -10.15 -37.72
N CYS E 102 21.70 -10.87 -37.89
CA CYS E 102 21.62 -12.33 -37.96
C CYS E 102 21.10 -12.92 -36.66
N TYR E 103 21.55 -12.37 -35.53
CA TYR E 103 21.09 -12.86 -34.23
C TYR E 103 19.61 -12.54 -34.00
N GLN E 104 19.19 -11.33 -34.37
CA GLN E 104 17.78 -10.99 -34.19
C GLN E 104 16.88 -11.84 -35.08
N GLU E 105 17.38 -12.31 -36.21
CA GLU E 105 16.54 -13.10 -37.10
C GLU E 105 16.57 -14.59 -36.75
N PHE E 106 17.74 -15.21 -36.83
CA PHE E 106 17.87 -16.67 -36.81
C PHE E 106 18.84 -17.12 -35.71
N ALA E 107 18.63 -16.61 -34.49
CA ALA E 107 19.53 -16.94 -33.39
C ALA E 107 19.49 -18.43 -33.06
N HIS E 108 18.30 -19.00 -32.95
CA HIS E 108 18.14 -20.37 -32.45
C HIS E 108 17.68 -21.33 -33.53
N CYS E 109 17.97 -21.04 -34.80
CA CYS E 109 17.50 -21.86 -35.91
C CYS E 109 18.56 -22.91 -36.27
N TYR E 110 18.13 -24.17 -36.35
CA TYR E 110 19.00 -25.27 -36.69
C TYR E 110 18.27 -26.23 -37.63
N LEU E 111 19.06 -27.00 -38.37
CA LEU E 111 18.54 -28.00 -39.31
C LEU E 111 19.33 -29.29 -39.13
N VAL E 112 18.63 -30.38 -38.83
CA VAL E 112 19.25 -31.68 -38.66
C VAL E 112 18.90 -32.56 -39.85
N LYS E 113 19.83 -33.45 -40.18
CA LYS E 113 19.81 -34.23 -41.41
C LYS E 113 20.14 -35.69 -41.09
N TYR E 114 19.30 -36.61 -41.57
CA TYR E 114 19.46 -38.03 -41.30
C TYR E 114 20.57 -38.61 -42.17
N LYS E 115 20.69 -39.94 -42.16
CA LYS E 115 21.43 -40.67 -43.19
C LYS E 115 20.51 -41.49 -44.06
N THR E 116 19.46 -42.07 -43.48
CA THR E 116 18.43 -42.78 -44.23
C THR E 116 17.07 -42.30 -43.74
N PRO E 117 16.17 -41.92 -44.64
CA PRO E 117 14.83 -41.45 -44.21
C PRO E 117 14.08 -42.57 -43.50
N GLN E 118 13.65 -42.30 -42.27
CA GLN E 118 12.96 -43.27 -41.43
C GLN E 118 11.88 -42.58 -40.61
N PRO E 119 10.60 -42.82 -40.90
CA PRO E 119 9.54 -42.15 -40.15
C PRO E 119 9.11 -42.92 -38.91
N TRP E 120 8.09 -42.42 -38.22
CA TRP E 120 7.57 -43.08 -37.03
C TRP E 120 6.82 -44.34 -37.43
N PRO E 121 7.22 -45.52 -36.93
CA PRO E 121 6.52 -46.75 -37.35
C PRO E 121 5.15 -46.92 -36.72
N ASN E 122 5.02 -46.62 -35.43
CA ASN E 122 3.78 -46.88 -34.71
C ASN E 122 2.72 -45.85 -35.08
N GLU E 123 1.46 -46.22 -34.86
CA GLU E 123 0.32 -45.35 -35.11
C GLU E 123 -0.23 -44.69 -33.86
N GLY E 124 -0.35 -45.43 -32.76
CA GLY E 124 -0.89 -44.88 -31.52
C GLY E 124 0.11 -44.88 -30.39
N LEU E 125 0.38 -43.70 -29.84
CA LEU E 125 1.35 -43.57 -28.77
C LEU E 125 0.71 -43.93 -27.43
N ILE E 126 1.42 -44.74 -26.64
CA ILE E 126 0.96 -45.16 -25.32
C ILE E 126 1.95 -44.60 -24.31
N ALA E 127 1.57 -43.51 -23.64
CA ALA E 127 2.45 -42.87 -22.66
C ALA E 127 1.57 -42.03 -21.74
N ASP E 128 1.63 -42.33 -20.43
CA ASP E 128 0.78 -41.67 -19.44
C ASP E 128 1.64 -41.12 -18.30
N GLN E 129 2.73 -40.43 -18.65
CA GLN E 129 3.62 -39.86 -17.64
C GLN E 129 3.07 -38.59 -17.01
N CYS E 130 2.07 -37.96 -17.61
CA CYS E 130 1.51 -36.70 -17.14
C CYS E 130 -0.01 -36.80 -17.13
N PRO E 131 -0.67 -35.96 -16.30
CA PRO E 131 -2.12 -36.14 -16.08
C PRO E 131 -2.99 -35.85 -17.30
N LEU E 132 -4.30 -35.99 -17.10
CA LEU E 132 -5.32 -35.87 -18.14
C LEU E 132 -6.36 -34.83 -17.74
N PRO E 133 -7.04 -34.21 -18.71
CA PRO E 133 -7.99 -33.14 -18.34
C PRO E 133 -9.16 -33.62 -17.50
N GLY E 134 -9.63 -34.84 -17.70
CA GLY E 134 -10.83 -35.31 -17.03
C GLY E 134 -12.08 -34.89 -17.77
N LEU E 135 -12.90 -34.03 -17.16
CA LEU E 135 -14.08 -33.49 -17.81
C LEU E 135 -14.24 -31.98 -17.66
N ALA E 136 -13.65 -31.36 -16.63
CA ALA E 136 -13.79 -29.93 -16.43
C ALA E 136 -13.03 -29.15 -17.50
N ASP E 137 -13.59 -28.01 -17.89
CA ASP E 137 -12.95 -27.16 -18.88
C ASP E 137 -11.61 -26.62 -18.35
N VAL E 138 -11.60 -26.17 -17.11
CA VAL E 138 -10.39 -25.62 -16.49
C VAL E 138 -9.87 -26.71 -15.55
N SER E 139 -8.95 -27.52 -16.07
CA SER E 139 -8.37 -28.59 -15.26
C SER E 139 -7.39 -28.01 -14.24
N PHE E 140 -7.18 -28.78 -13.17
CA PHE E 140 -6.25 -28.35 -12.12
C PHE E 140 -4.83 -28.22 -12.66
N TYR E 141 -4.39 -29.19 -13.46
CA TYR E 141 -3.08 -29.13 -14.06
C TYR E 141 -3.08 -28.17 -15.25
N PRO E 142 -1.94 -27.56 -15.56
CA PRO E 142 -1.87 -26.66 -16.71
C PRO E 142 -2.08 -27.41 -18.02
N TYR E 143 -2.55 -26.66 -19.02
CA TYR E 143 -2.81 -27.21 -20.34
C TYR E 143 -1.56 -27.85 -20.94
N GLN E 144 -1.58 -29.18 -21.08
CA GLN E 144 -0.44 -29.91 -21.63
C GLN E 144 -0.49 -29.91 -23.16
N ALA E 145 0.66 -30.18 -23.76
CA ALA E 145 0.77 -30.21 -25.21
C ALA E 145 0.37 -31.54 -25.82
N ILE E 146 0.21 -32.59 -25.00
CA ILE E 146 -0.21 -33.90 -25.51
C ILE E 146 -1.72 -34.02 -25.64
N TRP E 147 -2.48 -33.14 -24.99
CA TRP E 147 -3.94 -33.22 -25.04
C TRP E 147 -4.51 -32.93 -26.41
N ASP E 148 -3.69 -32.41 -27.33
CA ASP E 148 -4.11 -32.28 -28.72
C ASP E 148 -4.24 -33.62 -29.44
N TYR E 149 -3.74 -34.70 -28.83
CA TYR E 149 -3.85 -36.04 -29.39
C TYR E 149 -4.69 -36.97 -28.53
N TYR E 150 -5.36 -36.43 -27.51
CA TYR E 150 -6.09 -37.27 -26.56
C TYR E 150 -7.30 -37.92 -27.22
N ALA E 151 -7.52 -39.19 -26.88
CA ALA E 151 -8.70 -39.94 -27.33
C ALA E 151 -9.70 -39.98 -26.17
N LYS E 152 -10.46 -38.89 -26.05
CA LYS E 152 -11.41 -38.77 -24.94
C LYS E 152 -12.55 -39.77 -25.09
N ILE E 153 -13.02 -40.27 -23.95
CA ILE E 153 -14.10 -41.26 -23.97
C ILE E 153 -15.40 -40.60 -24.39
N GLU E 154 -16.07 -41.19 -25.38
CA GLU E 154 -17.31 -40.67 -25.91
C GLU E 154 -18.49 -41.51 -25.40
N ASN E 155 -19.65 -40.86 -25.31
CA ASN E 155 -20.85 -41.50 -24.78
C ASN E 155 -21.84 -41.89 -25.87
N ILE E 156 -22.07 -41.01 -26.85
CA ILE E 156 -23.07 -41.22 -27.89
C ILE E 156 -22.36 -41.60 -29.19
N ARG E 157 -22.68 -42.78 -29.69
CA ARG E 157 -22.12 -43.30 -30.93
C ARG E 157 -23.09 -44.32 -31.52
N PRO E 158 -23.10 -44.47 -32.84
CA PRO E 158 -24.03 -45.43 -33.45
C PRO E 158 -23.66 -46.87 -33.11
N ALA E 159 -24.62 -47.78 -33.35
CA ALA E 159 -24.40 -49.18 -33.06
C ALA E 159 -23.27 -49.75 -33.90
N ASN E 160 -23.22 -49.38 -35.18
CA ASN E 160 -22.19 -49.87 -36.10
C ASN E 160 -20.88 -49.10 -36.01
N TRP E 161 -20.66 -48.36 -34.93
CA TRP E 161 -19.42 -47.63 -34.75
C TRP E 161 -18.24 -48.58 -34.58
N THR E 162 -17.08 -48.17 -35.08
CA THR E 162 -15.87 -48.96 -35.00
C THR E 162 -14.72 -48.08 -34.51
N SER E 163 -13.70 -48.72 -33.94
CA SER E 163 -12.55 -48.02 -33.40
C SER E 163 -11.47 -47.76 -34.44
N SER E 164 -11.65 -48.23 -35.68
CA SER E 164 -10.66 -48.04 -36.73
C SER E 164 -11.01 -46.89 -37.67
N LYS E 165 -12.12 -46.17 -37.43
CA LYS E 165 -12.51 -45.09 -38.32
C LYS E 165 -11.56 -43.91 -38.21
N LEU E 166 -11.25 -43.48 -36.98
CA LEU E 166 -10.37 -42.34 -36.77
C LEU E 166 -9.32 -42.52 -35.70
N TYR E 167 -9.48 -43.46 -34.76
CA TYR E 167 -8.50 -43.65 -33.69
C TYR E 167 -7.47 -44.73 -34.00
N GLY E 168 -7.59 -45.43 -35.13
CA GLY E 168 -6.60 -46.40 -35.54
C GLY E 168 -6.48 -47.56 -34.57
N LYS E 169 -5.26 -48.10 -34.49
CA LYS E 169 -4.98 -49.25 -33.64
C LYS E 169 -4.76 -48.87 -32.18
N ALA E 170 -4.72 -47.58 -31.86
CA ALA E 170 -4.44 -47.14 -30.50
C ALA E 170 -5.54 -47.58 -29.55
N ARG E 171 -5.16 -47.95 -28.33
CA ARG E 171 -6.13 -48.30 -27.31
C ARG E 171 -6.95 -47.08 -26.93
N MET E 172 -8.19 -47.32 -26.50
CA MET E 172 -9.08 -46.22 -26.20
C MET E 172 -8.58 -45.46 -24.97
N GLY E 173 -8.57 -44.13 -25.07
CA GLY E 173 -8.02 -43.31 -24.01
C GLY E 173 -6.55 -42.98 -24.17
N SER E 174 -5.86 -43.57 -25.15
CA SER E 174 -4.47 -43.27 -25.40
C SER E 174 -4.38 -42.05 -26.31
N TYR E 175 -3.19 -41.79 -26.85
CA TYR E 175 -2.96 -40.65 -27.72
C TYR E 175 -2.76 -41.13 -29.16
N TYR E 176 -3.48 -40.51 -30.09
CA TYR E 176 -3.44 -40.85 -31.50
C TYR E 176 -2.77 -39.73 -32.28
N ILE E 177 -1.79 -40.09 -33.11
CA ILE E 177 -1.04 -39.10 -33.89
C ILE E 177 -1.43 -39.24 -35.36
N PRO E 178 -1.39 -38.17 -36.14
CA PRO E 178 -1.75 -38.25 -37.56
C PRO E 178 -0.58 -38.75 -38.40
N LYS E 179 -0.87 -39.00 -39.68
CA LYS E 179 0.13 -39.49 -40.61
C LYS E 179 1.12 -38.40 -41.02
N ARG E 180 0.73 -37.12 -40.92
CA ARG E 180 1.57 -36.03 -41.39
C ARG E 180 2.89 -35.94 -40.65
N LEU E 181 3.00 -36.55 -39.47
CA LEU E 181 4.24 -36.54 -38.70
C LEU E 181 5.12 -37.74 -38.98
N ARG E 182 4.74 -38.63 -39.90
CA ARG E 182 5.51 -39.83 -40.18
C ARG E 182 5.58 -40.09 -41.68
N ASN E 183 5.77 -39.04 -42.47
CA ASN E 183 5.93 -39.21 -43.90
C ASN E 183 7.26 -39.91 -44.20
N ILE E 184 7.23 -40.87 -45.13
CA ILE E 184 8.43 -41.64 -45.43
C ILE E 184 9.49 -40.78 -46.10
N ASN E 185 9.08 -39.73 -46.80
CA ASN E 185 10.00 -38.89 -47.56
C ASN E 185 10.61 -37.76 -46.72
N ASN E 186 10.20 -37.60 -45.46
CA ASN E 186 10.78 -36.58 -44.61
C ASN E 186 12.26 -36.89 -44.37
N THR E 187 13.13 -36.00 -44.85
CA THR E 187 14.57 -36.22 -44.73
C THR E 187 15.30 -35.17 -43.91
N HIS E 188 14.80 -33.93 -43.84
CA HIS E 188 15.44 -32.92 -43.02
C HIS E 188 14.45 -32.39 -41.99
N ILE E 189 14.97 -31.90 -40.87
CA ILE E 189 14.14 -31.30 -39.83
C ILE E 189 14.67 -29.91 -39.54
N LEU E 190 13.77 -28.93 -39.48
CA LEU E 190 14.13 -27.55 -39.18
C LEU E 190 13.41 -27.12 -37.91
N PHE E 191 14.14 -26.46 -37.01
CA PHE E 191 13.53 -25.99 -35.78
C PHE E 191 14.26 -24.76 -35.27
N CYS E 192 13.49 -23.81 -34.74
CA CYS E 192 14.03 -22.58 -34.15
C CYS E 192 13.47 -22.46 -32.74
N SER E 193 14.19 -23.02 -31.77
CA SER E 193 13.75 -23.00 -30.38
C SER E 193 14.97 -23.14 -29.48
N ASP E 194 14.78 -22.81 -28.21
CA ASP E 194 15.86 -22.85 -27.22
C ASP E 194 15.50 -23.74 -26.03
N VAL E 195 14.64 -24.73 -26.24
CA VAL E 195 14.20 -25.61 -25.17
C VAL E 195 15.07 -26.86 -25.15
N LEU E 196 16.19 -26.82 -25.86
CA LEU E 196 17.08 -27.97 -25.96
C LEU E 196 18.52 -27.63 -25.61
N TYR E 197 18.77 -26.44 -25.06
CA TYR E 197 20.13 -26.04 -24.73
C TYR E 197 20.60 -26.71 -23.44
N SER E 198 21.89 -26.63 -23.19
CA SER E 198 22.51 -27.27 -22.03
C SER E 198 22.28 -26.41 -20.79
N LYS E 199 23.00 -26.72 -19.71
CA LYS E 199 22.82 -26.02 -18.44
C LYS E 199 23.35 -24.60 -18.45
N TRP E 200 24.19 -24.24 -19.44
CA TRP E 200 24.72 -22.88 -19.50
C TRP E 200 23.66 -21.86 -19.90
N TYR E 201 22.50 -22.30 -20.38
CA TYR E 201 21.39 -21.43 -20.73
C TYR E 201 20.37 -21.49 -19.59
N ASN E 202 20.24 -20.39 -18.85
CA ASN E 202 19.40 -20.38 -17.66
C ASN E 202 18.82 -19.00 -17.44
N LEU E 203 17.84 -18.93 -16.54
CA LEU E 203 17.17 -17.65 -16.26
C LEU E 203 18.04 -16.74 -15.41
N GLN E 204 19.02 -17.30 -14.69
CA GLN E 204 19.83 -16.50 -13.79
C GLN E 204 20.69 -15.51 -14.57
N ASN E 205 21.01 -15.80 -15.82
CA ASN E 205 21.76 -14.89 -16.65
C ASN E 205 20.83 -13.91 -17.36
N SER E 206 21.39 -12.79 -17.79
CA SER E 206 20.65 -11.81 -18.56
C SER E 206 20.62 -12.19 -20.03
N ILE E 207 19.86 -11.42 -20.82
CA ILE E 207 19.72 -11.71 -22.23
C ILE E 207 21.04 -11.51 -22.96
N LEU E 208 21.75 -10.41 -22.65
CA LEU E 208 23.05 -10.18 -23.27
C LEU E 208 24.06 -11.26 -22.86
N GLN E 209 24.01 -11.68 -21.61
CA GLN E 209 24.92 -12.72 -21.14
C GLN E 209 24.68 -14.02 -21.90
N ASN E 210 23.42 -14.41 -22.08
CA ASN E 210 23.09 -15.61 -22.84
C ASN E 210 23.51 -15.48 -24.30
N GLU E 211 23.31 -14.30 -24.89
CA GLU E 211 23.71 -14.09 -26.27
C GLU E 211 25.21 -14.24 -26.44
N ASN E 212 26.00 -13.65 -25.53
CA ASN E 212 27.45 -13.81 -25.61
C ASN E 212 27.86 -15.27 -25.43
N GLU E 213 27.22 -15.97 -24.48
CA GLU E 213 27.52 -17.38 -24.30
C GLU E 213 27.26 -18.17 -25.57
N LEU E 214 26.10 -17.97 -26.18
CA LEU E 214 25.75 -18.71 -27.40
C LEU E 214 26.68 -18.38 -28.54
N THR E 215 27.02 -17.11 -28.72
CA THR E 215 27.92 -16.72 -29.80
C THR E 215 29.30 -17.36 -29.63
N LYS E 216 29.85 -17.30 -28.41
CA LYS E 216 31.16 -17.89 -28.17
C LYS E 216 31.14 -19.40 -28.39
N ARG E 217 30.11 -20.08 -27.88
CA ARG E 217 30.04 -21.53 -28.02
C ARG E 217 29.88 -21.94 -29.48
N LEU E 218 29.06 -21.21 -30.24
CA LEU E 218 28.89 -21.52 -31.66
C LEU E 218 30.17 -21.26 -32.43
N SER E 219 30.88 -20.18 -32.12
CA SER E 219 32.13 -19.89 -32.81
C SER E 219 33.20 -20.94 -32.48
N ASN E 220 33.19 -21.47 -31.27
CA ASN E 220 34.22 -22.43 -30.87
C ASN E 220 34.01 -23.78 -31.54
N LEU E 221 32.75 -24.21 -31.68
CA LEU E 221 32.42 -25.58 -32.06
C LEU E 221 31.74 -25.68 -33.42
N THR E 222 32.24 -24.96 -34.42
CA THR E 222 31.65 -25.01 -35.75
C THR E 222 32.73 -24.99 -36.82
N ILE E 223 32.60 -25.84 -37.82
CA ILE E 223 33.42 -25.82 -39.02
C ILE E 223 32.52 -25.44 -40.19
N GLY E 224 32.78 -24.31 -40.81
CA GLY E 224 31.88 -23.82 -41.84
C GLY E 224 30.54 -23.48 -41.22
N ASN E 225 29.51 -24.25 -41.58
CA ASN E 225 28.18 -24.15 -41.01
C ASN E 225 27.72 -25.48 -40.40
N LYS E 226 28.68 -26.35 -40.08
CA LYS E 226 28.40 -27.68 -39.54
C LYS E 226 28.94 -27.77 -38.13
N LEU E 227 28.12 -28.30 -37.21
CA LEU E 227 28.52 -28.42 -35.82
C LEU E 227 29.36 -29.67 -35.59
N LYS E 228 30.20 -29.61 -34.56
CA LYS E 228 31.00 -30.76 -34.19
C LYS E 228 30.14 -31.84 -33.54
N ASN E 229 30.66 -33.07 -33.55
CA ASN E 229 29.95 -34.17 -32.90
C ASN E 229 29.91 -33.99 -31.39
N ARG E 230 30.92 -33.35 -30.81
CA ARG E 230 30.99 -33.16 -29.37
C ARG E 230 29.91 -32.24 -28.83
N ALA E 231 29.24 -31.47 -29.70
CA ALA E 231 28.18 -30.57 -29.29
C ALA E 231 26.82 -31.25 -29.26
N LEU E 232 26.75 -32.54 -29.55
CA LEU E 232 25.52 -33.31 -29.61
C LEU E 232 25.46 -34.31 -28.46
N PRO E 233 24.27 -34.79 -28.11
CA PRO E 233 24.18 -35.85 -27.11
C PRO E 233 24.76 -37.15 -27.63
N TYR E 234 24.92 -38.12 -26.71
CA TYR E 234 25.54 -39.38 -27.06
C TYR E 234 24.70 -40.18 -28.05
N GLU E 235 23.38 -40.00 -28.03
CA GLU E 235 22.52 -40.71 -28.96
C GLU E 235 22.56 -40.11 -30.36
N TRP E 236 22.72 -38.79 -30.46
CA TRP E 236 22.72 -38.14 -31.76
C TRP E 236 24.01 -38.35 -32.53
N ALA E 237 25.13 -38.53 -31.84
CA ALA E 237 26.41 -38.73 -32.50
C ALA E 237 27.29 -39.64 -31.65
N LYS E 238 28.20 -40.35 -32.31
CA LYS E 238 29.06 -41.29 -31.60
C LYS E 238 29.99 -40.58 -30.63
N GLY E 239 30.58 -39.46 -31.05
CA GLY E 239 31.50 -38.73 -30.20
C GLY E 239 30.85 -37.57 -29.48
N GLY E 240 29.61 -37.76 -29.02
CA GLY E 240 28.88 -36.68 -28.38
C GLY E 240 29.29 -36.50 -26.93
N LEU E 241 29.43 -35.23 -26.52
CA LEU E 241 29.79 -34.88 -25.15
C LEU E 241 28.77 -33.95 -24.50
N ASN E 242 27.65 -33.68 -25.15
CA ASN E 242 26.61 -32.79 -24.63
C ASN E 242 27.16 -31.40 -24.33
N ARG E 243 28.05 -30.92 -25.20
CA ARG E 243 28.66 -29.61 -24.99
C ARG E 243 27.70 -28.47 -25.28
N LEU E 244 26.76 -28.68 -26.22
CA LEU E 244 25.80 -27.65 -26.60
C LEU E 244 24.37 -28.03 -26.24
N PHE E 245 23.94 -29.25 -26.56
CA PHE E 245 22.62 -29.72 -26.24
C PHE E 245 22.64 -30.61 -25.00
N ARG E 246 21.46 -31.01 -24.56
CA ARG E 246 21.30 -31.84 -23.37
C ARG E 246 20.58 -33.14 -23.74
N ASN E 247 20.32 -33.95 -22.72
CA ASN E 247 19.63 -35.23 -22.90
C ASN E 247 18.13 -35.03 -22.78
N ILE E 248 17.37 -35.73 -23.61
CA ILE E 248 15.92 -35.63 -23.61
C ILE E 248 15.37 -36.52 -22.50
N SER E 249 14.56 -35.93 -21.61
CA SER E 249 13.98 -36.65 -20.49
C SER E 249 12.69 -37.33 -20.90
N VAL E 250 12.15 -38.14 -19.98
CA VAL E 250 10.95 -38.91 -20.28
C VAL E 250 9.73 -37.99 -20.39
N LEU E 251 9.60 -37.04 -19.46
CA LEU E 251 8.42 -36.19 -19.43
C LEU E 251 8.28 -35.32 -20.68
N ASP E 252 9.39 -34.99 -21.34
CA ASP E 252 9.36 -34.12 -22.51
C ASP E 252 8.40 -34.63 -23.58
N VAL E 253 8.22 -35.95 -23.66
CA VAL E 253 7.35 -36.53 -24.69
C VAL E 253 5.93 -35.99 -24.60
N CYS E 254 5.48 -35.54 -23.44
CA CYS E 254 4.15 -34.94 -23.34
C CYS E 254 4.21 -33.47 -22.97
N SER E 255 5.37 -32.82 -23.09
CA SER E 255 5.47 -31.38 -23.02
C SER E 255 5.80 -30.75 -24.37
N ARG E 256 6.66 -31.40 -25.15
CA ARG E 256 6.93 -31.03 -26.54
C ARG E 256 6.87 -32.31 -27.36
N PRO E 257 5.67 -32.83 -27.64
CA PRO E 257 5.57 -34.15 -28.29
C PRO E 257 6.21 -34.20 -29.68
N GLU E 258 6.19 -33.10 -30.43
CA GLU E 258 6.66 -33.14 -31.81
C GLU E 258 8.16 -33.44 -31.88
N MET E 259 8.96 -32.81 -31.02
CA MET E 259 10.41 -33.02 -31.09
C MET E 259 10.78 -34.44 -30.69
N VAL E 260 10.10 -35.01 -29.70
CA VAL E 260 10.38 -36.39 -29.31
C VAL E 260 9.92 -37.35 -30.41
N LEU E 261 8.78 -37.06 -31.05
CA LEU E 261 8.32 -37.92 -32.13
C LEU E 261 9.27 -37.87 -33.32
N LEU E 262 9.83 -36.71 -33.62
CA LEU E 262 10.62 -36.53 -34.84
C LEU E 262 12.12 -36.70 -34.62
N LEU E 263 12.59 -36.78 -33.38
CA LEU E 263 14.04 -36.76 -33.14
C LEU E 263 14.53 -37.94 -32.33
N ASN E 264 13.68 -38.48 -31.44
CA ASN E 264 14.10 -39.56 -30.57
C ASN E 264 14.42 -40.81 -31.38
N LYS E 265 15.48 -41.50 -30.97
CA LYS E 265 15.94 -42.70 -31.66
C LYS E 265 15.35 -43.97 -31.08
N THR E 266 15.24 -44.04 -29.75
CA THR E 266 14.72 -45.22 -29.06
C THR E 266 13.37 -44.89 -28.44
N TYR E 267 12.38 -45.74 -28.71
CA TYR E 267 11.02 -45.55 -28.20
C TYR E 267 10.88 -46.34 -26.92
N TYR E 268 11.03 -45.67 -25.78
CA TYR E 268 10.89 -46.29 -24.46
C TYR E 268 9.48 -45.97 -23.95
N THR E 269 8.53 -46.84 -24.30
CA THR E 269 7.16 -46.62 -23.88
C THR E 269 6.96 -47.07 -22.44
N PHE E 270 6.08 -46.36 -21.74
CA PHE E 270 5.79 -46.60 -20.32
C PHE E 270 4.42 -47.25 -20.22
N SER E 271 4.40 -48.53 -19.82
CA SER E 271 3.19 -49.31 -19.71
C SER E 271 2.83 -49.44 -18.23
N LEU E 272 1.60 -49.05 -17.91
CA LEU E 272 1.04 -49.15 -16.57
C LEU E 272 -0.30 -49.87 -16.55
N TRP E 273 -0.96 -50.02 -17.70
CA TRP E 273 -2.27 -50.67 -17.77
C TRP E 273 -2.14 -52.16 -17.47
N GLU E 274 -3.28 -52.78 -17.18
CA GLU E 274 -3.32 -54.21 -16.89
C GLU E 274 -3.30 -55.01 -18.18
N GLY E 275 -2.51 -56.07 -18.21
CA GLY E 275 -2.42 -56.93 -19.36
C GLY E 275 -1.06 -56.89 -20.03
N ASP E 276 -0.44 -55.72 -20.06
CA ASP E 276 0.87 -55.57 -20.68
C ASP E 276 1.96 -56.09 -19.77
N CYS E 277 3.07 -56.51 -20.39
CA CYS E 277 4.30 -56.89 -19.71
C CYS E 277 4.09 -58.06 -18.75
N ASN E 278 3.11 -58.91 -19.05
CA ASN E 278 2.83 -60.14 -18.30
C ASN E 278 2.53 -59.84 -16.84
N ILE E 279 1.55 -58.96 -16.62
CA ILE E 279 1.03 -58.67 -15.28
C ILE E 279 -0.49 -58.74 -15.33
N THR E 280 -1.07 -59.53 -14.42
CA THR E 280 -2.51 -59.76 -14.39
C THR E 280 -3.01 -59.60 -12.97
N ARG E 281 -4.30 -59.25 -12.86
CA ARG E 281 -4.89 -58.96 -11.55
C ARG E 281 -4.74 -60.13 -10.58
N TYR E 282 -4.71 -61.36 -11.08
CA TYR E 282 -4.63 -62.53 -10.23
C TYR E 282 -3.19 -62.85 -9.80
N ASN E 283 -2.20 -62.11 -10.28
CA ASN E 283 -0.81 -62.36 -9.90
C ASN E 283 -0.04 -61.08 -9.60
N VAL E 284 -0.71 -59.99 -9.25
CA VAL E 284 0.00 -58.75 -8.95
C VAL E 284 0.80 -58.90 -7.66
N ASN E 285 0.25 -59.59 -6.67
CA ASN E 285 0.93 -59.73 -5.37
C ASN E 285 2.08 -60.73 -5.46
N GLU E 286 1.93 -61.77 -6.27
CA GLU E 286 2.87 -62.88 -6.30
C GLU E 286 3.89 -62.77 -7.43
N THR E 287 3.94 -61.65 -8.13
CA THR E 287 4.93 -61.45 -9.18
C THR E 287 5.96 -60.41 -8.78
N GLU E 290 7.30 -55.20 -8.82
CA GLU E 290 7.23 -56.41 -8.00
C GLU E 290 7.36 -56.08 -6.52
N CYS E 291 6.41 -55.29 -6.01
CA CYS E 291 6.42 -54.92 -4.61
C CYS E 291 6.14 -56.13 -3.73
N LYS E 292 6.97 -56.32 -2.70
CA LYS E 292 6.80 -57.46 -1.81
C LYS E 292 5.59 -57.28 -0.91
N ASP E 293 5.43 -56.09 -0.34
CA ASP E 293 4.31 -55.82 0.55
C ASP E 293 3.96 -54.33 0.56
N ASN E 300 3.66 -47.32 1.79
CA ASN E 300 2.22 -47.49 1.80
C ASN E 300 1.52 -46.17 2.09
N ASP E 301 0.49 -46.24 2.95
CA ASP E 301 -0.30 -45.07 3.34
C ASP E 301 -0.88 -44.37 2.11
N HIS E 302 -1.29 -45.16 1.13
CA HIS E 302 -1.84 -44.62 -0.12
C HIS E 302 -2.66 -45.69 -0.82
N PRO E 303 -3.87 -45.36 -1.26
CA PRO E 303 -4.72 -46.39 -1.91
C PRO E 303 -4.15 -46.94 -3.19
N TYR E 304 -3.24 -46.22 -3.85
CA TYR E 304 -2.69 -46.66 -5.13
C TYR E 304 -1.42 -47.48 -4.99
N SER E 305 -0.98 -47.77 -3.77
CA SER E 305 0.22 -48.59 -3.57
C SER E 305 -0.04 -50.01 -4.05
N CYS E 306 0.83 -50.48 -4.96
CA CYS E 306 0.68 -51.80 -5.58
C CYS E 306 -0.70 -51.96 -6.21
N ARG E 307 -1.16 -50.91 -6.87
CA ARG E 307 -2.46 -50.87 -7.51
C ARG E 307 -2.29 -50.46 -8.97
N LEU E 308 -3.24 -50.87 -9.81
CA LEU E 308 -3.19 -50.59 -11.22
C LEU E 308 -4.19 -49.50 -11.58
N TRP E 309 -4.15 -49.06 -12.84
CA TRP E 309 -4.90 -47.89 -13.29
C TRP E 309 -6.05 -48.26 -14.21
N ARG E 310 -5.79 -48.95 -15.31
CA ARG E 310 -6.82 -49.30 -16.28
C ARG E 310 -7.10 -50.78 -16.23
N TYR E 311 -8.37 -51.14 -16.09
CA TYR E 311 -8.81 -52.51 -15.87
C TYR E 311 -9.46 -53.06 -17.13
N ARG E 312 -9.61 -54.38 -17.15
CA ARG E 312 -10.24 -55.10 -18.26
C ARG E 312 -11.63 -55.56 -17.81
N GLU E 313 -12.66 -54.95 -18.38
CA GLU E 313 -14.03 -55.30 -18.05
C GLU E 313 -14.70 -56.18 -19.10
N GLY E 314 -14.26 -56.11 -20.35
CA GLY E 314 -14.85 -56.90 -21.40
C GLY E 314 -14.34 -56.52 -22.78
N LYS E 315 -15.25 -56.44 -23.75
CA LYS E 315 -14.88 -56.04 -25.11
C LYS E 315 -15.78 -54.91 -25.59
N GLU E 316 -15.63 -54.53 -26.85
CA GLU E 316 -16.42 -53.45 -27.42
C GLU E 316 -17.83 -53.94 -27.69
N GLU E 317 -18.80 -53.42 -26.93
CA GLU E 317 -20.19 -53.80 -27.08
C GLU E 317 -21.05 -52.53 -27.09
N VAL E 318 -22.15 -52.58 -27.83
CA VAL E 318 -23.07 -51.47 -27.96
C VAL E 318 -24.48 -51.98 -27.70
N LYS E 319 -25.14 -51.44 -26.67
CA LYS E 319 -26.50 -51.83 -26.32
C LYS E 319 -27.33 -50.57 -26.11
N CYS E 320 -28.44 -50.48 -26.83
CA CYS E 320 -29.40 -49.39 -26.63
C CYS E 320 -30.69 -49.74 -27.34
N LEU E 321 -31.81 -49.62 -26.62
CA LEU E 321 -33.14 -49.89 -27.16
C LEU E 321 -34.04 -48.66 -27.04
N THR E 322 -33.43 -47.48 -26.97
CA THR E 322 -34.16 -46.24 -26.76
C THR E 322 -35.09 -45.94 -27.95
N SER E 323 -35.92 -44.92 -27.78
CA SER E 323 -36.87 -44.55 -28.83
C SER E 323 -36.15 -44.09 -30.09
N ASP E 324 -35.07 -43.34 -29.93
CA ASP E 324 -34.30 -42.84 -31.06
C ASP E 324 -33.01 -43.63 -31.22
N HIS E 325 -32.57 -43.77 -32.46
CA HIS E 325 -31.40 -44.59 -32.79
C HIS E 325 -30.10 -43.79 -32.83
N THR E 326 -30.17 -42.46 -32.67
CA THR E 326 -28.95 -41.65 -32.76
C THR E 326 -28.16 -41.68 -31.45
N ARG E 327 -28.77 -41.21 -30.37
CA ARG E 327 -28.11 -41.18 -29.06
C ARG E 327 -28.13 -42.59 -28.48
N CYS E 328 -26.98 -43.25 -28.46
CA CYS E 328 -26.86 -44.63 -28.04
C CYS E 328 -25.71 -44.78 -27.04
N LEU E 329 -25.90 -45.68 -26.08
CA LEU E 329 -24.88 -45.93 -25.07
C LEU E 329 -23.73 -46.74 -25.66
N TYR E 330 -22.53 -46.51 -25.12
CA TYR E 330 -21.31 -47.14 -25.62
C TYR E 330 -20.52 -47.74 -24.46
N TYR E 331 -19.88 -48.86 -24.73
CA TYR E 331 -19.02 -49.55 -23.76
C TYR E 331 -17.57 -49.48 -24.22
N PRO E 332 -16.67 -48.85 -23.47
CA PRO E 332 -15.25 -48.89 -23.83
C PRO E 332 -14.68 -50.30 -23.61
N GLU E 333 -13.71 -50.65 -24.46
CA GLU E 333 -13.07 -51.96 -24.36
C GLU E 333 -12.05 -52.03 -23.23
N TYR E 334 -11.41 -50.91 -22.89
CA TYR E 334 -10.51 -50.82 -21.75
C TYR E 334 -11.15 -49.87 -20.74
N SER E 335 -11.89 -50.42 -19.79
CA SER E 335 -12.68 -49.61 -18.87
C SER E 335 -11.80 -48.92 -17.84
N ASN E 336 -12.29 -47.78 -17.35
CA ASN E 336 -11.63 -47.04 -16.29
C ASN E 336 -12.36 -47.29 -14.98
N PRO E 337 -11.77 -48.01 -14.02
CA PRO E 337 -12.46 -48.27 -12.76
C PRO E 337 -12.62 -47.04 -11.87
N GLU E 338 -11.89 -45.96 -12.14
CA GLU E 338 -11.97 -44.75 -11.31
C GLU E 338 -12.19 -43.48 -12.10
N ALA E 339 -11.90 -43.45 -13.41
CA ALA E 339 -12.08 -42.27 -14.25
C ALA E 339 -11.31 -41.07 -13.73
N LEU E 340 -10.16 -41.32 -13.09
CA LEU E 340 -9.34 -40.25 -12.56
C LEU E 340 -8.23 -39.91 -13.55
N PHE E 341 -7.36 -38.97 -13.19
CA PHE E 341 -6.35 -38.48 -14.13
C PHE E 341 -4.96 -38.30 -13.52
N ASP E 342 -4.76 -38.59 -12.24
CA ASP E 342 -3.51 -38.30 -11.55
C ASP E 342 -2.93 -39.56 -10.93
N PHE E 343 -2.88 -40.64 -11.71
CA PHE E 343 -2.32 -41.91 -11.25
C PHE E 343 -0.89 -42.12 -11.74
N GLY E 344 -0.69 -42.07 -13.05
CA GLY E 344 0.66 -42.26 -13.59
C GLY E 344 1.60 -41.12 -13.23
N PHE E 345 1.09 -39.89 -13.23
CA PHE E 345 1.92 -38.73 -12.91
C PHE E 345 2.49 -38.84 -11.50
N LEU E 346 1.66 -39.22 -10.53
CA LEU E 346 2.14 -39.41 -9.17
C LEU E 346 3.04 -40.64 -9.07
N SER E 347 2.75 -41.68 -9.86
CA SER E 347 3.59 -42.87 -9.86
C SER E 347 4.99 -42.58 -10.38
N TYR E 348 5.13 -41.58 -11.25
CA TYR E 348 6.44 -41.23 -11.80
C TYR E 348 7.37 -40.65 -10.75
N MET E 349 6.83 -40.09 -9.66
CA MET E 349 7.65 -39.45 -8.64
C MET E 349 8.20 -40.42 -7.60
N ARG E 350 7.89 -41.71 -7.71
CA ARG E 350 8.39 -42.73 -6.78
C ARG E 350 7.97 -42.43 -5.34
N ASN E 351 6.69 -42.14 -5.16
CA ASN E 351 6.12 -41.92 -3.83
C ASN E 351 5.42 -43.15 -3.27
N PHE E 352 4.77 -43.94 -4.12
CA PHE E 352 4.18 -45.21 -3.72
C PHE E 352 4.59 -46.29 -4.70
N PRO E 353 4.65 -47.55 -4.22
CA PRO E 353 5.03 -48.64 -5.13
C PRO E 353 3.91 -49.00 -6.09
N GLY E 354 4.18 -49.91 -7.02
CA GLY E 354 3.19 -50.33 -7.98
C GLY E 354 3.81 -50.85 -9.26
N PRO E 355 3.02 -51.58 -10.06
CA PRO E 355 3.53 -52.10 -11.33
C PRO E 355 3.91 -50.98 -12.28
N GLN E 356 4.89 -51.26 -13.13
CA GLN E 356 5.36 -50.37 -14.18
C GLN E 356 6.28 -51.17 -15.09
N CYS E 357 6.26 -50.87 -16.38
CA CYS E 357 7.12 -51.61 -17.30
C CYS E 357 7.53 -50.71 -18.46
N ILE E 358 8.83 -50.61 -18.69
CA ILE E 358 9.37 -49.78 -19.76
C ILE E 358 9.78 -50.69 -20.91
N GLU E 359 9.30 -50.38 -22.11
CA GLU E 359 9.60 -51.18 -23.30
C GLU E 359 10.45 -50.37 -24.27
N SER E 360 11.34 -51.07 -24.96
CA SER E 360 12.28 -50.48 -25.89
C SER E 360 11.93 -50.87 -27.32
N THR E 361 12.10 -49.92 -28.24
CA THR E 361 11.86 -50.18 -29.66
C THR E 361 12.74 -49.22 -30.45
N SER E 362 13.67 -49.75 -31.22
CA SER E 362 14.57 -48.94 -32.03
C SER E 362 13.90 -48.52 -33.33
N ILE E 363 14.10 -47.26 -33.71
CA ILE E 363 13.56 -46.75 -34.98
C ILE E 363 14.70 -46.20 -35.80
N ARG E 364 15.53 -45.35 -35.20
CA ARG E 364 16.51 -44.56 -35.92
C ARG E 364 17.93 -44.87 -35.44
N GLN E 365 18.85 -44.89 -36.39
CA GLN E 365 20.27 -45.10 -36.15
C GLN E 365 21.01 -44.12 -37.06
N GLN E 366 22.30 -44.38 -37.30
CA GLN E 366 23.06 -43.67 -38.33
C GLN E 366 23.12 -42.17 -38.03
N ASP E 367 23.90 -41.85 -36.99
CA ASP E 367 24.03 -40.54 -36.38
C ASP E 367 23.91 -39.37 -37.36
N TYR E 368 23.10 -38.37 -36.99
CA TYR E 368 22.71 -37.31 -37.90
C TYR E 368 23.81 -36.28 -38.06
N GLU E 369 23.50 -35.23 -38.83
CA GLU E 369 24.38 -34.06 -38.97
C GLU E 369 23.56 -32.81 -38.72
N VAL E 370 24.15 -31.84 -38.02
CA VAL E 370 23.45 -30.64 -37.58
C VAL E 370 24.11 -29.43 -38.21
N TYR E 371 23.29 -28.56 -38.81
CA TYR E 371 23.74 -27.30 -39.38
C TYR E 371 23.07 -26.14 -38.67
N SER E 372 23.84 -25.08 -38.43
CA SER E 372 23.35 -23.89 -37.74
C SER E 372 23.12 -22.78 -38.76
N ILE E 373 21.89 -22.25 -38.78
CA ILE E 373 21.56 -21.21 -39.75
C ILE E 373 22.25 -19.90 -39.38
N TYR E 374 22.39 -19.62 -38.08
CA TYR E 374 23.00 -18.36 -37.67
C TYR E 374 24.46 -18.28 -38.11
N GLN E 375 25.20 -19.38 -38.03
CA GLN E 375 26.59 -19.38 -38.47
C GLN E 375 26.68 -19.13 -39.97
N GLU E 376 25.77 -19.71 -40.76
CA GLU E 376 25.75 -19.44 -42.18
C GLU E 376 25.41 -17.98 -42.46
N CYS E 377 24.48 -17.41 -41.70
CA CYS E 377 24.16 -15.99 -41.85
C CYS E 377 25.38 -15.12 -41.57
N LYS E 378 26.13 -15.46 -40.52
CA LYS E 378 27.31 -14.67 -40.17
C LYS E 378 28.41 -14.82 -41.21
N LEU E 379 28.67 -16.04 -41.66
CA LEU E 379 29.79 -16.29 -42.57
C LEU E 379 29.52 -15.80 -43.99
N ALA E 380 28.30 -16.05 -44.50
CA ALA E 380 27.98 -15.69 -45.87
C ALA E 380 27.71 -14.20 -46.05
N SER E 381 27.63 -13.44 -44.97
CA SER E 381 27.37 -12.01 -45.04
C SER E 381 28.64 -11.19 -45.24
N LYS E 382 29.82 -11.80 -45.15
CA LYS E 382 31.06 -11.09 -45.38
C LYS E 382 31.42 -10.95 -46.85
N THR E 383 30.74 -11.68 -47.74
CA THR E 383 31.00 -11.60 -49.16
C THR E 383 29.80 -11.12 -49.98
N TYR E 384 28.58 -11.27 -49.46
CA TYR E 384 27.38 -10.90 -50.19
C TYR E 384 26.65 -9.79 -49.43
N GLY E 385 25.80 -9.08 -50.15
CA GLY E 385 24.97 -8.08 -49.49
C GLY E 385 24.09 -8.71 -48.42
N ILE E 386 24.19 -8.18 -47.20
CA ILE E 386 23.56 -8.82 -46.06
C ILE E 386 22.05 -8.74 -46.14
N ASP E 387 21.53 -7.69 -46.80
CA ASP E 387 20.09 -7.61 -47.01
C ASP E 387 19.61 -8.74 -47.92
N SER E 388 20.36 -9.02 -48.99
CA SER E 388 20.00 -10.11 -49.88
C SER E 388 20.08 -11.46 -49.16
N VAL E 389 21.12 -11.65 -48.35
CA VAL E 389 21.26 -12.90 -47.59
C VAL E 389 20.09 -13.06 -46.62
N LEU E 390 19.74 -11.99 -45.90
CA LEU E 390 18.63 -12.05 -44.96
C LEU E 390 17.33 -12.38 -45.66
N PHE E 391 17.07 -11.72 -46.80
CA PHE E 391 15.84 -11.97 -47.54
C PHE E 391 15.77 -13.40 -48.04
N SER E 392 16.87 -13.91 -48.60
CA SER E 392 16.87 -15.27 -49.14
C SER E 392 16.74 -16.30 -48.02
N LEU E 393 17.40 -16.08 -46.89
CA LEU E 393 17.29 -17.00 -45.77
C LEU E 393 15.89 -16.99 -45.17
N LYS E 394 15.25 -15.81 -45.13
CA LYS E 394 13.87 -15.73 -44.68
C LYS E 394 12.94 -16.47 -45.63
N ASN E 395 13.19 -16.36 -46.94
CA ASN E 395 12.42 -17.12 -47.91
C ASN E 395 12.61 -18.62 -47.70
N PHE E 396 13.85 -19.04 -47.43
CA PHE E 396 14.11 -20.46 -47.18
C PHE E 396 13.38 -20.93 -45.92
N LEU E 397 13.35 -20.09 -44.88
CA LEU E 397 12.60 -20.43 -43.67
C LEU E 397 11.10 -20.56 -43.95
N ASN E 398 10.61 -19.92 -45.01
CA ASN E 398 9.20 -19.95 -45.39
C ASN E 398 8.97 -20.92 -46.54
N TYR E 399 9.67 -22.05 -46.54
CA TYR E 399 9.59 -23.00 -47.64
C TYR E 399 8.18 -23.58 -47.76
N THR E 400 7.55 -23.91 -46.63
CA THR E 400 6.21 -24.47 -46.63
C THR E 400 5.11 -23.43 -46.59
N GLY E 401 5.46 -22.14 -46.64
CA GLY E 401 4.47 -21.09 -46.57
C GLY E 401 4.11 -20.65 -45.18
N LYS E 402 4.71 -21.25 -44.15
CA LYS E 402 4.46 -20.90 -42.76
C LYS E 402 5.78 -20.51 -42.10
N PRO E 403 5.91 -19.28 -41.61
CA PRO E 403 7.18 -18.87 -40.99
C PRO E 403 7.42 -19.65 -39.70
N VAL E 404 8.64 -20.17 -39.56
CA VAL E 404 8.98 -20.95 -38.37
C VAL E 404 9.04 -20.06 -37.14
N ASN E 405 9.53 -18.83 -37.30
CA ASN E 405 9.60 -17.90 -36.18
C ASN E 405 8.21 -17.57 -35.64
N GLU E 406 7.20 -17.60 -36.51
CA GLU E 406 5.85 -17.28 -36.06
C GLU E 406 5.34 -18.32 -35.06
N MET E 407 5.61 -19.59 -35.31
CA MET E 407 5.05 -20.64 -34.49
C MET E 407 5.73 -20.67 -33.12
N PRO E 408 5.00 -21.02 -32.07
CA PRO E 408 5.51 -20.87 -30.70
C PRO E 408 6.88 -21.50 -30.45
N ASN E 409 7.55 -20.98 -29.42
CA ASN E 409 8.86 -21.48 -29.04
C ASN E 409 8.80 -22.95 -28.62
N ALA E 410 7.77 -23.32 -27.85
CA ALA E 410 7.71 -24.66 -27.28
C ALA E 410 7.62 -25.74 -28.36
N ARG E 411 6.80 -25.51 -29.37
CA ARG E 411 6.56 -26.49 -30.44
C ARG E 411 6.75 -25.81 -31.79
N ALA E 412 8.00 -25.78 -32.26
CA ALA E 412 8.34 -25.23 -33.56
C ALA E 412 9.30 -26.21 -34.26
N PHE E 413 8.72 -27.19 -34.95
CA PHE E 413 9.49 -28.23 -35.63
C PHE E 413 8.79 -28.57 -36.94
N VAL E 414 9.53 -28.55 -38.05
CA VAL E 414 8.96 -28.86 -39.35
C VAL E 414 9.85 -29.87 -40.07
N GLY E 415 9.21 -30.67 -40.94
CA GLY E 415 9.93 -31.61 -41.77
C GLY E 415 10.00 -31.11 -43.19
N LEU E 416 11.18 -31.24 -43.80
CA LEU E 416 11.46 -30.71 -45.13
C LEU E 416 11.95 -31.82 -46.03
N ILE E 417 11.48 -31.81 -47.28
CA ILE E 417 11.77 -32.83 -48.27
C ILE E 417 12.86 -32.31 -49.19
N ASP E 418 14.11 -32.66 -48.87
CA ASP E 418 15.30 -32.29 -49.64
C ASP E 418 15.36 -30.81 -49.98
N PRO E 419 15.35 -29.91 -49.00
CA PRO E 419 15.59 -28.50 -49.30
C PRO E 419 17.04 -28.25 -49.66
N LYS E 420 17.27 -27.16 -50.39
CA LYS E 420 18.59 -26.76 -50.82
C LYS E 420 19.18 -25.77 -49.82
N PHE E 421 20.41 -26.03 -49.37
CA PHE E 421 21.06 -25.23 -48.37
C PHE E 421 22.52 -25.01 -48.73
N PRO E 422 22.96 -23.75 -48.90
CA PRO E 422 22.12 -22.55 -48.91
C PRO E 422 21.55 -22.23 -50.29
N PRO E 423 20.45 -21.50 -50.34
CA PRO E 423 19.88 -21.12 -51.64
C PRO E 423 20.75 -20.11 -52.37
N THR E 424 20.59 -20.06 -53.68
CA THR E 424 21.31 -19.08 -54.49
C THR E 424 20.75 -17.69 -54.25
N TYR E 425 21.65 -16.69 -54.23
CA TYR E 425 21.26 -15.32 -53.95
C TYR E 425 21.27 -14.48 -55.22
N PRO E 426 20.39 -13.48 -55.32
CA PRO E 426 20.39 -12.63 -56.52
C PRO E 426 21.68 -11.83 -56.65
N ASN E 427 22.05 -11.54 -57.90
CA ASN E 427 23.26 -10.79 -58.18
C ASN E 427 23.13 -9.33 -57.71
N ASN F 3 -51.30 -68.45 49.86
CA ASN F 3 -50.70 -67.85 51.06
C ASN F 3 -49.63 -68.75 51.66
N ASN F 4 -49.06 -69.62 50.83
CA ASN F 4 -47.98 -70.48 51.28
C ASN F 4 -46.76 -69.63 51.64
N ASN F 5 -46.05 -70.06 52.68
CA ASN F 5 -44.90 -69.28 53.16
C ASN F 5 -43.82 -69.17 52.11
N TYR F 6 -43.67 -70.20 51.27
CA TYR F 6 -42.69 -70.13 50.20
C TYR F 6 -43.23 -69.34 49.01
N SER F 7 -44.54 -69.40 48.78
CA SER F 7 -45.16 -68.77 47.61
C SER F 7 -45.05 -67.26 47.61
N LYS F 8 -45.39 -66.60 48.72
CA LYS F 8 -45.28 -65.14 48.73
C LYS F 8 -43.83 -64.70 48.85
N LEU F 9 -42.91 -65.66 48.97
CA LEU F 9 -41.49 -65.35 48.82
C LEU F 9 -41.04 -65.54 47.38
N ARG F 10 -41.53 -66.58 46.72
CA ARG F 10 -41.24 -66.79 45.30
C ARG F 10 -41.76 -65.62 44.47
N SER F 11 -42.93 -65.09 44.83
CA SER F 11 -43.47 -63.96 44.09
C SER F 11 -42.59 -62.73 44.21
N MET F 12 -42.04 -62.47 45.41
CA MET F 12 -41.14 -61.33 45.57
C MET F 12 -39.82 -61.58 44.85
N GLY F 13 -39.37 -62.83 44.83
CA GLY F 13 -38.19 -63.17 44.04
C GLY F 13 -38.39 -62.90 42.57
N TYR F 14 -39.62 -63.09 42.09
CA TYR F 14 -39.93 -62.74 40.70
C TYR F 14 -39.71 -61.26 40.43
N ALA F 15 -40.18 -60.39 41.33
CA ALA F 15 -40.08 -58.95 41.09
C ALA F 15 -38.67 -58.45 41.33
N LEU F 16 -37.90 -59.13 42.16
CA LEU F 16 -36.59 -58.60 42.52
C LEU F 16 -35.50 -58.79 41.42
N THR F 17 -35.83 -59.16 40.18
CA THR F 17 -34.85 -59.31 39.12
C THR F 17 -35.14 -58.50 37.86
N GLY F 18 -36.42 -58.28 37.54
CA GLY F 18 -36.75 -57.42 36.42
C GLY F 18 -36.29 -56.00 36.64
N ALA F 19 -36.30 -55.55 37.88
CA ALA F 19 -35.77 -54.23 38.19
C ALA F 19 -34.30 -54.12 37.83
N VAL F 20 -33.50 -55.14 38.20
CA VAL F 20 -32.09 -55.14 37.87
C VAL F 20 -31.88 -55.15 36.36
N GLN F 21 -32.63 -56.00 35.67
CA GLN F 21 -32.49 -56.10 34.21
C GLN F 21 -32.80 -54.77 33.53
N THR F 22 -33.94 -54.16 33.90
CA THR F 22 -34.33 -52.90 33.30
C THR F 22 -33.36 -51.78 33.66
N LEU F 23 -32.85 -51.78 34.89
CA LEU F 23 -31.86 -50.78 35.28
C LEU F 23 -30.60 -50.89 34.43
N ALA F 24 -30.14 -52.12 34.20
CA ALA F 24 -28.99 -52.31 33.32
C ALA F 24 -29.26 -51.81 31.92
N GLN F 25 -30.46 -52.10 31.40
CA GLN F 25 -30.80 -51.66 30.03
C GLN F 25 -30.82 -50.14 29.94
N ILE F 26 -31.43 -49.46 30.91
CA ILE F 26 -31.48 -48.00 30.88
C ILE F 26 -30.09 -47.40 31.03
N SER F 27 -29.25 -48.00 31.87
CA SER F 27 -27.88 -47.51 32.01
C SER F 27 -27.12 -47.61 30.70
N ASP F 28 -27.27 -48.74 30.00
CA ASP F 28 -26.61 -48.89 28.70
C ASP F 28 -27.12 -47.87 27.70
N ILE F 29 -28.43 -47.64 27.67
CA ILE F 29 -28.99 -46.67 26.73
C ILE F 29 -28.43 -45.28 27.01
N ASN F 30 -28.39 -44.87 28.28
CA ASN F 30 -27.89 -43.55 28.62
C ASN F 30 -26.42 -43.40 28.24
N ASP F 31 -25.60 -44.42 28.55
CA ASP F 31 -24.18 -44.34 28.23
C ASP F 31 -23.96 -44.25 26.73
N GLN F 32 -24.69 -45.05 25.94
CA GLN F 32 -24.53 -45.01 24.49
C GLN F 32 -24.95 -43.66 23.93
N ASN F 33 -26.05 -43.09 24.45
CA ASN F 33 -26.48 -41.78 23.98
C ASN F 33 -25.44 -40.71 24.27
N LEU F 34 -24.87 -40.74 25.48
CA LEU F 34 -23.82 -39.77 25.82
C LEU F 34 -22.61 -39.91 24.92
N GLN F 35 -22.19 -41.15 24.65
CA GLN F 35 -21.04 -41.35 23.78
C GLN F 35 -21.30 -40.85 22.37
N GLN F 36 -22.50 -41.12 21.84
CA GLN F 36 -22.83 -40.65 20.50
C GLN F 36 -22.85 -39.12 20.43
N GLY F 37 -23.40 -38.48 21.47
CA GLY F 37 -23.38 -37.02 21.50
C GLY F 37 -21.97 -36.46 21.52
N ILE F 38 -21.09 -37.05 22.33
CA ILE F 38 -19.70 -36.59 22.38
C ILE F 38 -19.03 -36.76 21.03
N TYR F 39 -19.25 -37.89 20.37
CA TYR F 39 -18.63 -38.12 19.06
C TYR F 39 -19.11 -37.13 18.03
N LEU F 40 -20.42 -36.85 18.00
CA LEU F 40 -20.94 -35.86 17.06
C LEU F 40 -20.34 -34.48 17.31
N LEU F 41 -20.25 -34.10 18.59
CA LEU F 41 -19.66 -32.80 18.92
C LEU F 41 -18.21 -32.72 18.46
N ARG F 42 -17.42 -33.76 18.70
CA ARG F 42 -16.01 -33.70 18.33
C ARG F 42 -15.85 -33.67 16.81
N ASP F 43 -16.70 -34.41 16.08
CA ASP F 43 -16.61 -34.38 14.63
C ASP F 43 -16.90 -32.98 14.08
N HIS F 44 -17.98 -32.36 14.57
CA HIS F 44 -18.30 -31.02 14.12
C HIS F 44 -17.20 -30.02 14.50
N ILE F 45 -16.62 -30.18 15.69
CA ILE F 45 -15.57 -29.27 16.13
C ILE F 45 -14.34 -29.39 15.23
N VAL F 46 -13.96 -30.62 14.88
CA VAL F 46 -12.80 -30.80 14.01
C VAL F 46 -13.07 -30.18 12.64
N THR F 47 -14.27 -30.40 12.10
CA THR F 47 -14.60 -29.83 10.79
C THR F 47 -14.53 -28.31 10.82
N LEU F 48 -15.04 -27.68 11.88
CA LEU F 48 -14.95 -26.24 11.99
C LEU F 48 -13.51 -25.78 12.22
N MET F 49 -12.72 -26.59 12.92
CA MET F 49 -11.36 -26.21 13.29
C MET F 49 -10.40 -26.19 12.12
N GLU F 50 -10.59 -27.09 11.15
CA GLU F 50 -9.66 -27.13 10.01
C GLU F 50 -9.71 -25.86 9.17
N ALA F 51 -10.91 -25.36 8.88
CA ALA F 51 -11.09 -24.25 7.95
C ALA F 51 -10.44 -22.97 8.45
N THR F 52 -10.57 -22.66 9.74
CA THR F 52 -9.97 -21.44 10.27
C THR F 52 -8.46 -21.51 10.21
N LEU F 53 -7.88 -22.69 10.46
CA LEU F 53 -6.43 -22.83 10.33
C LEU F 53 -5.98 -22.58 8.89
N HIS F 54 -6.69 -23.16 7.92
CA HIS F 54 -6.33 -22.94 6.52
C HIS F 54 -6.44 -21.46 6.14
N ASP F 55 -7.53 -20.82 6.58
CA ASP F 55 -7.75 -19.42 6.22
C ASP F 55 -6.69 -18.51 6.84
N ILE F 56 -6.33 -18.75 8.10
CA ILE F 56 -5.29 -17.93 8.73
C ILE F 56 -3.94 -18.18 8.06
N SER F 57 -3.69 -19.42 7.64
CA SER F 57 -2.45 -19.70 6.91
C SER F 57 -2.38 -18.88 5.62
N ILE F 58 -3.49 -18.74 4.91
CA ILE F 58 -3.48 -17.93 3.70
C ILE F 58 -3.31 -16.44 4.03
N MET F 59 -4.08 -15.95 5.01
CA MET F 59 -4.06 -14.52 5.28
C MET F 59 -2.74 -14.07 5.88
N GLU F 60 -1.97 -14.97 6.47
CA GLU F 60 -0.63 -14.59 6.92
C GLU F 60 0.31 -14.33 5.75
N GLY F 61 0.21 -15.12 4.68
CA GLY F 61 1.06 -14.93 3.53
C GLY F 61 0.61 -13.78 2.64
N MET F 62 -0.66 -13.40 2.74
CA MET F 62 -1.15 -12.26 1.96
C MET F 62 -0.48 -10.94 2.35
N PHE F 63 -0.06 -10.80 3.61
CA PHE F 63 0.58 -9.56 4.05
C PHE F 63 1.90 -9.33 3.33
N ALA F 64 2.68 -10.40 3.12
CA ALA F 64 3.93 -10.26 2.38
C ALA F 64 3.68 -9.81 0.95
N VAL F 65 2.62 -10.33 0.32
CA VAL F 65 2.27 -9.91 -1.03
C VAL F 65 1.95 -8.42 -1.05
N GLN F 66 1.18 -7.95 -0.08
CA GLN F 66 0.87 -6.52 -0.02
C GLN F 66 2.13 -5.67 0.19
N HIS F 67 3.03 -6.14 1.07
CA HIS F 67 4.26 -5.41 1.34
C HIS F 67 5.12 -5.31 0.10
N VAL F 68 5.21 -6.39 -0.69
CA VAL F 68 5.97 -6.35 -1.93
C VAL F 68 5.28 -5.44 -2.94
N HIS F 69 3.95 -5.45 -2.97
CA HIS F 69 3.20 -4.63 -3.92
C HIS F 69 3.49 -3.15 -3.71
N THR F 70 3.54 -2.70 -2.46
CA THR F 70 3.79 -1.29 -2.20
C THR F 70 5.15 -0.85 -2.76
N HIS F 71 6.20 -1.61 -2.47
CA HIS F 71 7.54 -1.24 -2.92
C HIS F 71 7.65 -1.34 -4.43
N LEU F 72 7.00 -2.34 -5.04
CA LEU F 72 7.06 -2.46 -6.50
C LEU F 72 6.37 -1.27 -7.17
N ASN F 73 5.25 -0.82 -6.60
CA ASN F 73 4.58 0.37 -7.13
C ASN F 73 5.47 1.61 -6.99
N HIS F 74 6.16 1.75 -5.86
CA HIS F 74 7.07 2.88 -5.69
C HIS F 74 8.19 2.84 -6.73
N LEU F 75 8.74 1.65 -6.98
CA LEU F 75 9.79 1.52 -7.99
C LEU F 75 9.27 1.89 -9.37
N ARG F 76 8.05 1.47 -9.70
CA ARG F 76 7.48 1.82 -11.00
C ARG F 76 7.30 3.33 -11.14
N THR F 77 6.84 3.98 -10.08
CA THR F 77 6.72 5.45 -10.13
C THR F 77 8.07 6.11 -10.36
N MET F 78 9.09 5.68 -9.61
CA MET F 78 10.42 6.27 -9.77
C MET F 78 10.95 6.06 -11.18
N LEU F 79 10.75 4.86 -11.74
CA LEU F 79 11.24 4.57 -13.09
C LEU F 79 10.51 5.39 -14.15
N MET F 80 9.18 5.49 -14.05
CA MET F 80 8.46 6.39 -14.94
C MET F 80 8.89 7.84 -14.77
N GLU F 81 9.52 8.17 -13.66
CA GLU F 81 9.87 9.56 -13.38
C GLU F 81 11.31 9.91 -13.75
N ARG F 82 12.02 9.00 -14.41
CA ARG F 82 13.41 9.22 -14.84
C ARG F 82 14.33 9.49 -13.65
N ARG F 83 14.05 8.83 -12.54
CA ARG F 83 14.91 8.83 -11.36
C ARG F 83 15.41 7.42 -11.11
N ILE F 84 16.14 7.25 -10.02
CA ILE F 84 16.69 5.95 -9.62
C ILE F 84 16.18 5.61 -8.23
N ASP F 85 15.62 4.42 -8.08
CA ASP F 85 15.22 3.90 -6.78
C ASP F 85 16.42 3.19 -6.17
N TRP F 86 17.07 3.84 -5.19
CA TRP F 86 18.26 3.29 -4.58
C TRP F 86 17.96 2.20 -3.55
N THR F 87 16.68 1.96 -3.25
CA THR F 87 16.33 0.82 -2.42
C THR F 87 16.54 -0.50 -3.15
N TYR F 88 16.33 -0.51 -4.47
CA TYR F 88 16.49 -1.70 -5.29
C TYR F 88 17.91 -1.88 -5.82
N MET F 89 18.80 -0.90 -5.62
CA MET F 89 20.15 -0.97 -6.14
C MET F 89 21.14 -0.83 -4.98
N SER F 90 22.28 -1.52 -5.12
CA SER F 90 23.26 -1.58 -4.03
C SER F 90 23.89 -0.22 -3.77
N SER F 91 24.58 0.33 -4.78
CA SER F 91 25.28 1.61 -4.72
C SER F 91 26.45 1.63 -3.74
N SER F 92 26.83 0.47 -3.20
CA SER F 92 27.95 0.41 -2.28
C SER F 92 29.27 0.08 -2.97
N TRP F 93 29.22 -0.48 -4.18
CA TRP F 93 30.45 -0.83 -4.89
C TRP F 93 31.13 0.39 -5.50
N LEU F 94 30.36 1.38 -5.93
CA LEU F 94 30.94 2.56 -6.58
C LEU F 94 31.43 3.61 -5.60
N GLN F 95 31.16 3.46 -4.30
CA GLN F 95 31.76 4.34 -3.32
C GLN F 95 33.22 4.00 -3.07
N THR F 96 33.62 2.75 -3.31
CA THR F 96 35.01 2.34 -3.15
C THR F 96 35.82 2.52 -4.44
N GLN F 97 35.18 2.29 -5.59
CA GLN F 97 35.90 2.46 -6.86
C GLN F 97 36.34 3.91 -7.05
N LEU F 98 35.46 4.86 -6.74
CA LEU F 98 35.79 6.28 -6.73
C LEU F 98 35.64 6.76 -5.29
N GLN F 99 36.74 7.22 -4.70
CA GLN F 99 36.77 7.51 -3.27
C GLN F 99 36.09 8.84 -2.99
N LYS F 100 34.93 8.79 -2.36
CA LYS F 100 34.18 9.98 -2.01
C LYS F 100 33.66 9.85 -0.58
N SER F 101 33.43 10.99 0.05
CA SER F 101 32.90 11.01 1.41
C SER F 101 31.45 10.54 1.43
N ASP F 102 30.95 10.28 2.64
CA ASP F 102 29.56 9.87 2.80
C ASP F 102 28.61 10.98 2.37
N ASP F 103 28.93 12.23 2.69
CA ASP F 103 28.08 13.34 2.31
C ASP F 103 28.16 13.64 0.81
N GLU F 104 29.31 13.39 0.19
CA GLU F 104 29.44 13.62 -1.24
C GLU F 104 28.73 12.56 -2.06
N MET F 105 28.50 11.37 -1.50
CA MET F 105 27.77 10.33 -2.22
C MET F 105 26.27 10.61 -2.25
N LYS F 106 25.76 11.35 -1.26
CA LYS F 106 24.34 11.67 -1.26
C LYS F 106 23.98 12.60 -2.42
N VAL F 107 24.86 13.54 -2.75
CA VAL F 107 24.63 14.41 -3.90
C VAL F 107 24.62 13.61 -5.18
N ILE F 108 25.55 12.65 -5.31
CA ILE F 108 25.60 11.81 -6.50
C ILE F 108 24.33 10.98 -6.63
N LYS F 109 23.85 10.43 -5.51
CA LYS F 109 22.61 9.66 -5.53
C LYS F 109 21.42 10.52 -5.89
N ARG F 110 21.37 11.75 -5.38
CA ARG F 110 20.18 12.59 -5.54
C ARG F 110 20.01 13.08 -6.98
N THR F 111 21.10 13.42 -7.66
CA THR F 111 21.04 14.05 -8.97
C THR F 111 21.29 13.07 -10.11
N ALA F 112 20.85 11.83 -9.97
CA ALA F 112 21.03 10.82 -11.00
C ALA F 112 19.80 10.71 -11.88
N ARG F 113 20.04 10.58 -13.19
CA ARG F 113 18.99 10.43 -14.18
C ARG F 113 19.06 9.05 -14.80
N SER F 114 17.90 8.48 -15.11
CA SER F 114 17.81 7.11 -15.58
C SER F 114 17.05 7.05 -16.90
N LEU F 115 17.25 5.94 -17.62
CA LEU F 115 16.58 5.69 -18.88
C LEU F 115 16.37 4.19 -19.05
N VAL F 116 15.15 3.79 -19.34
CA VAL F 116 14.79 2.38 -19.51
C VAL F 116 14.75 2.08 -21.00
N TYR F 117 15.53 1.08 -21.43
CA TYR F 117 15.61 0.76 -22.84
C TYR F 117 15.08 -0.62 -23.21
N TYR F 118 14.70 -1.45 -22.23
CA TYR F 118 13.97 -2.67 -22.55
C TYR F 118 13.38 -3.26 -21.27
N VAL F 119 12.14 -3.75 -21.38
CA VAL F 119 11.46 -4.46 -20.31
C VAL F 119 10.89 -5.74 -20.90
N LYS F 120 11.30 -6.89 -20.37
CA LYS F 120 10.96 -8.16 -20.97
C LYS F 120 10.59 -9.18 -19.91
N GLN F 121 9.88 -10.22 -20.33
CA GLN F 121 9.49 -11.33 -19.48
C GLN F 121 10.17 -12.60 -19.98
N THR F 122 10.79 -13.34 -19.07
CA THR F 122 11.56 -14.52 -19.43
C THR F 122 10.89 -15.83 -19.01
N TYR F 123 10.11 -15.83 -17.93
CA TYR F 123 9.42 -17.03 -17.46
C TYR F 123 7.96 -16.69 -17.23
N ASN F 124 7.06 -17.57 -17.69
CA ASN F 124 5.63 -17.33 -17.65
C ASN F 124 4.88 -18.55 -17.14
N SER F 125 5.32 -19.09 -16.01
CA SER F 125 4.60 -20.16 -15.35
C SER F 125 3.39 -19.59 -14.60
N LEU F 126 2.49 -20.48 -14.18
CA LEU F 126 1.32 -20.07 -13.43
C LEU F 126 1.62 -19.72 -11.98
N THR F 127 2.67 -20.31 -11.40
CA THR F 127 3.08 -20.01 -10.02
C THR F 127 4.49 -19.44 -9.94
N ALA F 128 5.06 -19.01 -11.06
CA ALA F 128 6.41 -18.44 -11.06
C ALA F 128 6.54 -17.52 -12.26
N THR F 129 7.24 -16.40 -12.08
CA THR F 129 7.46 -15.43 -13.12
C THR F 129 8.86 -14.83 -12.97
N ALA F 130 9.35 -14.24 -14.05
CA ALA F 130 10.65 -13.58 -14.05
C ALA F 130 10.65 -12.48 -15.10
N TRP F 131 11.10 -11.29 -14.71
CA TRP F 131 11.15 -10.13 -15.60
C TRP F 131 12.54 -9.53 -15.57
N GLU F 132 12.85 -8.76 -16.60
CA GLU F 132 14.13 -8.06 -16.70
C GLU F 132 13.89 -6.64 -17.19
N ILE F 133 14.62 -5.70 -16.58
CA ILE F 133 14.57 -4.29 -16.95
C ILE F 133 16.01 -3.81 -17.20
N GLY F 134 16.22 -3.17 -18.34
CA GLY F 134 17.51 -2.62 -18.69
C GLY F 134 17.56 -1.14 -18.38
N LEU F 135 18.50 -0.74 -17.53
CA LEU F 135 18.63 0.63 -17.07
C LEU F 135 19.93 1.23 -17.55
N TYR F 136 19.85 2.43 -18.12
CA TYR F 136 21.01 3.24 -18.44
C TYR F 136 20.88 4.55 -17.66
N TYR F 137 21.86 4.83 -16.80
CA TYR F 137 21.79 6.01 -15.95
C TYR F 137 23.08 6.80 -16.00
N GLU F 138 22.96 8.09 -15.73
CA GLU F 138 24.08 9.02 -15.79
C GLU F 138 24.32 9.62 -14.41
N LEU F 139 25.60 9.70 -14.03
CA LEU F 139 25.99 10.23 -12.73
C LEU F 139 26.79 11.51 -12.91
N ILE F 140 26.55 12.47 -12.03
CA ILE F 140 27.25 13.75 -12.02
C ILE F 140 28.21 13.75 -10.85
N ILE F 141 29.50 13.86 -11.14
CA ILE F 141 30.54 13.89 -10.11
C ILE F 141 30.79 15.35 -9.73
N PRO F 142 30.73 15.70 -8.45
CA PRO F 142 31.00 17.08 -8.04
C PRO F 142 32.47 17.30 -7.70
N ARG F 143 32.82 18.56 -7.55
CA ARG F 143 34.15 18.97 -7.10
C ARG F 143 34.12 19.79 -5.83
N HIS F 144 33.11 20.63 -5.64
CA HIS F 144 32.90 21.37 -4.41
C HIS F 144 31.43 21.31 -4.05
N ILE F 145 31.06 21.85 -2.89
CA ILE F 145 29.68 21.76 -2.45
C ILE F 145 29.10 23.14 -2.13
N TYR F 146 29.85 23.97 -1.41
CA TYR F 146 29.46 25.34 -1.10
C TYR F 146 28.08 25.40 -0.44
N LEU F 147 28.02 24.87 0.77
CA LEU F 147 26.75 24.68 1.47
C LEU F 147 26.19 25.95 2.09
N ASN F 148 26.99 27.00 2.25
CA ASN F 148 26.55 28.24 2.90
C ASN F 148 26.75 29.39 1.93
N ASN F 149 25.65 29.97 1.45
CA ASN F 149 25.71 30.93 0.35
C ASN F 149 24.89 32.17 0.68
N TRP F 150 25.25 33.28 0.03
CA TRP F 150 24.50 34.53 0.08
C TRP F 150 24.52 35.16 -1.30
N GLN F 151 23.34 35.57 -1.77
CA GLN F 151 23.22 36.28 -3.04
C GLN F 151 23.33 37.78 -2.82
N ILE F 152 23.71 38.49 -3.88
CA ILE F 152 23.98 39.93 -3.82
C ILE F 152 22.94 40.66 -4.64
N VAL F 153 22.30 41.66 -4.03
CA VAL F 153 21.35 42.53 -4.70
C VAL F 153 21.91 43.95 -4.67
N ASN F 154 21.94 44.59 -5.84
CA ASN F 154 22.51 45.92 -5.99
C ASN F 154 21.37 46.92 -6.19
N ILE F 155 21.26 47.87 -5.27
CA ILE F 155 20.24 48.91 -5.35
C ILE F 155 20.84 50.24 -5.78
N GLY F 156 21.95 50.62 -5.17
CA GLY F 156 22.58 51.90 -5.47
C GLY F 156 21.84 53.06 -4.83
N HIS F 157 22.32 54.26 -5.17
CA HIS F 157 21.71 55.49 -4.70
C HIS F 157 21.58 56.46 -5.86
N LEU F 158 20.62 57.38 -5.75
CA LEU F 158 20.36 58.36 -6.79
C LEU F 158 20.64 59.75 -6.23
N ILE F 159 21.26 60.59 -7.06
CA ILE F 159 21.63 61.94 -6.64
C ILE F 159 21.56 62.89 -7.84
N LEU F 165 17.43 63.23 -12.57
CA LEU F 165 18.26 62.63 -11.54
C LEU F 165 19.24 61.64 -12.15
N THR F 166 20.20 61.18 -11.37
CA THR F 166 21.19 60.21 -11.82
C THR F 166 21.17 59.00 -10.88
N HIS F 167 20.97 57.82 -11.47
CA HIS F 167 20.98 56.56 -10.72
C HIS F 167 22.36 55.94 -10.85
N VAL F 168 23.00 55.68 -9.72
CA VAL F 168 24.38 55.19 -9.67
C VAL F 168 24.36 53.80 -9.05
N THR F 169 24.90 52.82 -9.78
CA THR F 169 25.02 51.45 -9.30
C THR F 169 26.44 50.97 -9.50
N LEU F 170 27.03 50.42 -8.45
CA LEU F 170 28.36 49.83 -8.55
C LEU F 170 28.28 48.47 -9.22
N SER F 171 29.32 48.12 -9.97
CA SER F 171 29.38 46.87 -10.71
C SER F 171 30.29 45.90 -9.97
N HIS F 172 29.76 44.71 -9.68
CA HIS F 172 30.52 43.67 -8.99
C HIS F 172 30.70 42.47 -9.92
N PRO F 173 31.92 41.95 -10.05
CA PRO F 173 32.10 40.73 -10.86
C PRO F 173 31.51 39.49 -10.21
N TYR F 174 31.72 39.32 -8.92
CA TYR F 174 31.20 38.16 -8.20
C TYR F 174 29.70 38.31 -7.97
N GLU F 175 29.03 37.17 -7.79
CA GLU F 175 27.59 37.16 -7.50
C GLU F 175 27.22 36.40 -6.24
N ILE F 176 28.08 35.52 -5.74
CA ILE F 176 27.76 34.71 -4.57
C ILE F 176 28.85 34.91 -3.52
N ILE F 177 28.45 34.93 -2.25
CA ILE F 177 29.39 35.00 -1.13
C ILE F 177 29.24 33.74 -0.30
N ASN F 178 30.36 33.08 -0.04
CA ASN F 178 30.40 31.82 0.70
C ASN F 178 31.05 32.07 2.06
N ARG F 179 30.31 31.77 3.12
CA ARG F 179 30.80 31.91 4.49
C ARG F 179 30.96 30.56 5.18
N GLU F 180 30.92 29.47 4.42
CA GLU F 180 31.10 28.15 5.03
C GLU F 180 32.47 28.01 5.67
N CYS F 181 33.52 28.49 5.00
CA CYS F 181 34.85 28.49 5.57
C CYS F 181 35.00 29.62 6.56
N SER F 182 36.17 29.68 7.20
CA SER F 182 36.46 30.76 8.13
C SER F 182 36.50 32.11 7.42
N ASN F 183 37.06 32.15 6.21
CA ASN F 183 37.14 33.37 5.42
C ASN F 183 36.05 33.36 4.35
N THR F 184 35.63 34.56 3.95
CA THR F 184 34.60 34.67 2.92
C THR F 184 35.20 34.42 1.54
N LEU F 185 34.44 33.73 0.70
CA LEU F 185 34.82 33.47 -0.69
C LEU F 185 33.84 34.17 -1.61
N TYR F 186 34.34 34.71 -2.71
CA TYR F 186 33.51 35.42 -3.68
C TYR F 186 33.50 34.65 -4.99
N LEU F 187 32.32 34.16 -5.36
CA LEU F 187 32.16 33.22 -6.47
C LEU F 187 31.36 33.85 -7.60
N HIS F 188 31.90 33.70 -8.80
CA HIS F 188 31.24 34.07 -10.05
C HIS F 188 30.86 32.79 -10.78
N LEU F 189 29.57 32.65 -11.08
CA LEU F 189 29.02 31.42 -11.65
C LEU F 189 28.72 31.64 -13.13
N GLU F 190 28.93 30.62 -13.95
CA GLU F 190 28.53 30.69 -15.35
C GLU F 190 27.76 29.43 -15.75
N GLU F 191 26.83 29.60 -16.69
CA GLU F 191 26.02 28.52 -17.28
C GLU F 191 25.55 27.52 -16.23
N CYS F 192 24.78 28.02 -15.27
CA CYS F 192 24.23 27.17 -14.21
C CYS F 192 22.86 26.63 -14.61
N ARG F 193 22.53 25.46 -14.06
CA ARG F 193 21.27 24.77 -14.32
C ARG F 193 20.51 24.62 -13.02
N ARG F 194 19.21 24.90 -13.05
CA ARG F 194 18.36 24.83 -11.86
C ARG F 194 17.55 23.53 -11.87
N LEU F 195 18.20 22.47 -11.41
CA LEU F 195 17.56 21.17 -11.22
C LEU F 195 18.02 20.60 -9.89
N ASP F 196 17.09 20.47 -8.95
CA ASP F 196 17.40 20.13 -7.55
C ASP F 196 18.42 21.17 -7.05
N TYR F 197 19.59 20.76 -6.57
CA TYR F 197 20.63 21.72 -6.24
C TYR F 197 21.18 22.36 -7.50
N VAL F 198 21.66 23.61 -7.37
CA VAL F 198 22.14 24.34 -8.53
C VAL F 198 23.39 23.66 -9.09
N ILE F 199 23.36 23.36 -10.39
CA ILE F 199 24.46 22.70 -11.07
C ILE F 199 25.11 23.70 -12.00
N CYS F 200 26.42 23.87 -11.87
CA CYS F 200 27.16 24.83 -12.67
C CYS F 200 28.39 24.17 -13.25
N ASP F 201 28.70 24.48 -14.51
CA ASP F 201 29.92 23.95 -15.11
C ASP F 201 31.16 24.65 -14.58
N VAL F 202 31.14 25.97 -14.50
CA VAL F 202 32.30 26.73 -14.06
C VAL F 202 31.89 27.75 -13.02
N VAL F 203 32.64 27.76 -11.91
CA VAL F 203 32.55 28.78 -10.87
C VAL F 203 33.97 29.23 -10.59
N LYS F 204 34.16 30.53 -10.37
CA LYS F 204 35.49 31.09 -10.21
C LYS F 204 35.55 31.96 -8.95
N ILE F 205 36.66 31.85 -8.22
CA ILE F 205 36.89 32.69 -7.05
C ILE F 205 37.57 33.98 -7.48
N VAL F 206 37.00 35.11 -7.07
CA VAL F 206 37.51 36.43 -7.44
C VAL F 206 37.66 37.28 -6.19
N GLN F 207 38.42 38.36 -6.34
CA GLN F 207 38.73 39.23 -5.21
C GLN F 207 37.55 40.15 -4.88
N PRO F 208 37.43 40.60 -3.63
CA PRO F 208 36.24 41.37 -3.20
C PRO F 208 36.31 42.85 -3.50
N CYS F 209 36.42 43.18 -4.79
CA CYS F 209 36.32 44.57 -5.26
C CYS F 209 37.32 45.48 -4.54
N GLY F 210 38.52 44.96 -4.31
CA GLY F 210 39.54 45.71 -3.61
C GLY F 210 40.17 46.81 -4.45
N SER F 215 42.27 44.12 -4.41
CA SER F 215 42.99 43.45 -5.49
C SER F 215 42.08 43.25 -6.70
N SER F 216 40.98 43.99 -6.76
CA SER F 216 40.03 43.91 -7.85
C SER F 216 39.56 45.32 -8.23
N ASP F 217 39.10 45.45 -9.47
CA ASP F 217 38.62 46.72 -10.00
C ASP F 217 37.15 46.59 -10.34
N CYS F 218 36.36 47.62 -10.02
CA CYS F 218 34.92 47.61 -10.24
C CYS F 218 34.49 48.87 -10.98
N PRO F 219 33.98 48.76 -12.19
CA PRO F 219 33.51 49.95 -12.91
C PRO F 219 32.28 50.55 -12.25
N VAL F 220 32.07 51.84 -12.50
CA VAL F 220 30.93 52.58 -11.98
C VAL F 220 30.12 53.07 -13.16
N TRP F 221 28.83 52.72 -13.19
CA TRP F 221 27.92 53.13 -14.26
C TRP F 221 26.80 53.97 -13.66
N ALA F 222 26.60 55.16 -14.23
CA ALA F 222 25.56 56.07 -13.79
C ALA F 222 24.66 56.41 -14.98
N GLU F 223 23.36 56.32 -14.78
CA GLU F 223 22.40 56.54 -15.85
C GLU F 223 21.41 57.63 -15.46
N PRO F 224 21.12 58.58 -16.33
CA PRO F 224 20.09 59.59 -16.02
C PRO F 224 18.71 58.95 -16.01
N VAL F 225 17.89 59.37 -15.03
CA VAL F 225 16.54 58.85 -14.86
C VAL F 225 15.64 60.00 -14.46
N LYS F 226 14.37 59.94 -14.88
CA LYS F 226 13.42 61.01 -14.61
C LYS F 226 12.67 60.73 -13.30
N GLU F 227 12.23 61.81 -12.66
CA GLU F 227 11.48 61.69 -11.42
C GLU F 227 10.09 61.11 -11.69
N PRO F 228 9.47 60.47 -10.68
CA PRO F 228 9.95 60.23 -9.32
C PRO F 228 10.96 59.09 -9.21
N HIS F 229 10.82 58.07 -10.05
CA HIS F 229 11.70 56.90 -10.06
C HIS F 229 11.77 56.25 -8.67
N VAL F 230 10.64 55.71 -8.22
CA VAL F 230 10.60 54.92 -7.00
C VAL F 230 10.60 53.44 -7.35
N GLN F 231 11.41 52.66 -6.64
CA GLN F 231 11.45 51.22 -6.83
C GLN F 231 11.32 50.53 -5.49
N ILE F 232 10.45 49.52 -5.44
CA ILE F 232 10.16 48.74 -4.24
C ILE F 232 10.31 47.27 -4.60
N SER F 233 11.01 46.52 -3.74
CA SER F 233 11.28 45.11 -3.98
C SER F 233 10.93 44.30 -2.75
N PRO F 234 10.09 43.27 -2.86
CA PRO F 234 9.85 42.38 -1.72
C PRO F 234 11.13 41.66 -1.31
N LEU F 235 11.25 41.40 -0.01
CA LEU F 235 12.47 40.86 0.56
C LEU F 235 12.39 39.39 0.93
N LYS F 236 11.27 38.74 0.66
CA LYS F 236 11.04 37.31 0.85
C LYS F 236 10.90 36.92 2.32
N ASN F 237 11.13 37.84 3.26
CA ASN F 237 10.87 37.59 4.66
C ASN F 237 9.84 38.56 5.23
N GLY F 238 9.13 39.28 4.36
CA GLY F 238 8.11 40.22 4.78
C GLY F 238 8.51 41.67 4.73
N SER F 239 9.80 41.98 4.64
CA SER F 239 10.24 43.36 4.56
C SER F 239 10.22 43.84 3.12
N TYR F 240 10.44 45.15 2.95
CA TYR F 240 10.47 45.76 1.63
C TYR F 240 11.73 46.60 1.47
N LEU F 241 12.28 46.61 0.27
CA LEU F 241 13.41 47.46 -0.09
C LEU F 241 12.88 48.64 -0.90
N VAL F 242 13.10 49.86 -0.40
CA VAL F 242 12.53 51.05 -0.99
C VAL F 242 13.66 51.99 -1.39
N LEU F 243 13.61 52.49 -2.63
CA LEU F 243 14.52 53.54 -3.10
C LEU F 243 13.69 54.61 -3.79
N ALA F 244 13.45 55.72 -3.09
CA ALA F 244 12.55 56.76 -3.54
C ALA F 244 13.22 58.13 -3.47
N SER F 245 13.11 58.90 -4.56
CA SER F 245 13.55 60.29 -4.52
C SER F 245 12.59 61.15 -3.70
N SER F 246 11.29 60.98 -3.93
CA SER F 246 10.28 61.67 -3.15
C SER F 246 9.99 60.91 -1.86
N THR F 247 9.28 61.57 -0.95
CA THR F 247 8.95 60.99 0.35
C THR F 247 7.52 61.40 0.76
N ASP F 248 6.57 60.50 0.48
CA ASP F 248 5.22 60.69 1.01
C ASP F 248 5.07 60.02 2.37
N CYS F 249 5.68 58.85 2.54
CA CYS F 249 5.74 58.22 3.84
C CYS F 249 6.99 58.70 4.61
N GLN F 250 7.03 58.36 5.89
CA GLN F 250 8.11 58.83 6.77
C GLN F 250 9.40 58.06 6.46
N ILE F 251 9.95 58.36 5.28
CA ILE F 251 11.17 57.69 4.81
C ILE F 251 12.15 58.73 4.30
N PRO F 252 13.40 58.65 4.75
CA PRO F 252 14.43 59.56 4.23
C PRO F 252 14.60 59.38 2.74
N PRO F 253 14.74 60.48 1.99
CA PRO F 253 14.85 60.36 0.54
C PRO F 253 16.27 60.09 0.09
N TYR F 254 16.39 59.63 -1.16
CA TYR F 254 17.64 59.39 -1.88
C TYR F 254 18.48 58.28 -1.25
N VAL F 255 17.99 57.60 -0.23
CA VAL F 255 18.76 56.53 0.43
C VAL F 255 17.89 55.26 0.48
N PRO F 256 18.39 54.12 0.01
CA PRO F 256 17.60 52.89 0.10
C PRO F 256 17.37 52.51 1.55
N SER F 257 16.20 51.91 1.80
CA SER F 257 15.81 51.57 3.16
C SER F 257 15.06 50.24 3.18
N VAL F 258 15.04 49.61 4.35
CA VAL F 258 14.29 48.39 4.61
C VAL F 258 13.11 48.74 5.50
N VAL F 259 11.90 48.39 5.05
CA VAL F 259 10.68 48.83 5.69
C VAL F 259 9.88 47.60 6.13
N THR F 260 9.41 47.64 7.37
CA THR F 260 8.52 46.63 7.93
C THR F 260 7.36 47.35 8.63
N VAL F 261 6.14 46.87 8.40
CA VAL F 261 4.93 47.53 8.90
C VAL F 261 4.13 46.53 9.72
N ASN F 262 3.48 47.02 10.77
CA ASN F 262 2.69 46.12 11.63
C ASN F 262 1.32 45.83 11.02
N GLU F 263 0.74 46.79 10.31
CA GLU F 263 -0.54 46.63 9.65
C GLU F 263 -0.46 47.17 8.22
N THR F 264 -1.50 46.91 7.44
CA THR F 264 -1.48 47.29 6.02
C THR F 264 -1.58 48.80 5.87
N THR F 265 -0.57 49.39 5.23
CA THR F 265 -0.54 50.80 4.93
C THR F 265 -0.13 51.00 3.48
N GLN F 266 -0.42 52.19 2.96
CA GLN F 266 -0.10 52.54 1.58
C GLN F 266 0.93 53.66 1.55
N CYS F 267 2.06 53.39 0.92
CA CYS F 267 3.06 54.40 0.61
C CYS F 267 3.20 54.48 -0.90
N PHE F 268 3.07 55.69 -1.45
CA PHE F 268 3.03 55.91 -2.90
C PHE F 268 1.82 55.14 -3.43
N GLY F 269 1.99 54.30 -4.46
CA GLY F 269 0.89 53.50 -4.95
C GLY F 269 0.89 52.10 -4.37
N VAL F 270 2.07 51.62 -3.98
CA VAL F 270 2.20 50.26 -3.48
C VAL F 270 1.73 50.17 -2.03
N THR F 271 1.04 49.07 -1.72
CA THR F 271 0.57 48.78 -0.37
C THR F 271 1.50 47.77 0.27
N PHE F 272 1.81 47.98 1.55
CA PHE F 272 2.70 47.11 2.31
C PHE F 272 1.89 46.29 3.29
N LYS F 273 2.23 45.01 3.41
CA LYS F 273 1.56 44.10 4.33
C LYS F 273 2.55 43.56 5.35
N LYS F 274 2.03 43.26 6.54
CA LYS F 274 2.88 42.81 7.64
C LYS F 274 3.45 41.43 7.34
N PRO F 275 4.65 41.13 7.84
CA PRO F 275 5.17 39.77 7.73
C PRO F 275 4.32 38.80 8.54
N LEU F 276 4.24 37.56 8.08
CA LEU F 276 3.42 36.53 8.71
C LEU F 276 4.28 35.65 9.60
N VAL F 277 3.81 35.41 10.83
CA VAL F 277 4.51 34.50 11.72
C VAL F 277 4.18 33.07 11.35
N ALA F 278 5.12 32.16 11.60
CA ALA F 278 4.99 30.77 11.19
C ALA F 278 5.06 29.87 12.41
N GLU F 279 4.20 28.85 12.44
CA GLU F 279 4.28 27.84 13.48
C GLU F 279 5.59 27.06 13.34
N GLU F 280 6.27 26.87 14.47
CA GLU F 280 7.61 26.28 14.41
C GLU F 280 7.55 24.78 14.08
N LYS F 281 6.64 24.05 14.72
CA LYS F 281 6.58 22.60 14.57
C LYS F 281 5.15 22.18 14.26
N THR F 282 5.04 21.01 13.63
CA THR F 282 3.76 20.34 13.40
C THR F 282 3.90 18.89 13.82
N SER F 283 2.80 18.28 14.23
CA SER F 283 2.77 16.88 14.61
C SER F 283 1.73 16.15 13.78
N LEU F 284 2.09 14.97 13.27
CA LEU F 284 1.22 14.19 12.40
C LEU F 284 0.59 13.04 13.15
N GLU F 285 -0.74 13.02 13.19
CA GLU F 285 -1.49 11.97 13.86
C GLU F 285 -2.55 11.46 12.90
N PRO F 286 -2.21 10.54 11.99
CA PRO F 286 -3.18 10.15 10.97
C PRO F 286 -4.35 9.37 11.55
N GLN F 287 -5.49 9.45 10.88
CA GLN F 287 -6.67 8.68 11.25
C GLN F 287 -6.53 7.25 10.78
N LEU F 288 -6.98 6.31 11.61
CA LEU F 288 -6.84 4.89 11.32
C LEU F 288 -8.22 4.24 11.28
N PRO F 289 -8.46 3.30 10.37
CA PRO F 289 -9.76 2.61 10.35
C PRO F 289 -9.95 1.75 11.58
N HIS F 290 -11.21 1.60 11.98
CA HIS F 290 -11.58 0.79 13.14
C HIS F 290 -12.27 -0.48 12.66
N LEU F 291 -11.57 -1.61 12.78
CA LEU F 291 -12.14 -2.88 12.33
C LEU F 291 -13.19 -3.39 13.30
N GLN F 292 -13.01 -3.16 14.60
CA GLN F 292 -13.95 -3.57 15.64
C GLN F 292 -14.17 -5.09 15.64
N LEU F 293 -13.07 -5.84 15.67
CA LEU F 293 -13.17 -7.28 15.79
C LEU F 293 -13.66 -7.68 17.17
N ARG F 294 -14.40 -8.78 17.25
CA ARG F 294 -15.06 -9.17 18.48
C ARG F 294 -14.42 -10.37 19.17
N LEU F 295 -13.68 -11.21 18.44
CA LEU F 295 -13.01 -12.34 19.07
C LEU F 295 -11.98 -11.89 20.11
N PRO F 296 -11.14 -10.89 19.83
CA PRO F 296 -10.25 -10.39 20.89
C PRO F 296 -11.04 -9.88 22.08
N HIS F 297 -10.31 -9.71 23.19
CA HIS F 297 -10.88 -9.41 24.51
C HIS F 297 -12.09 -10.29 24.83
N LEU F 298 -11.97 -11.59 24.55
CA LEU F 298 -12.93 -12.59 24.99
C LEU F 298 -12.27 -13.69 25.81
N VAL F 299 -11.21 -13.35 26.54
CA VAL F 299 -10.43 -14.35 27.26
C VAL F 299 -11.25 -14.95 28.41
N GLY F 300 -12.20 -14.18 28.94
CA GLY F 300 -13.01 -14.67 30.04
C GLY F 300 -13.79 -15.91 29.70
N ILE F 301 -14.28 -16.00 28.46
CA ILE F 301 -15.02 -17.19 28.04
C ILE F 301 -14.10 -18.41 28.02
N ILE F 302 -12.86 -18.23 27.55
CA ILE F 302 -11.89 -19.33 27.57
C ILE F 302 -11.61 -19.76 29.01
N ALA F 303 -11.44 -18.80 29.91
CA ALA F 303 -11.21 -19.12 31.31
C ALA F 303 -12.39 -19.89 31.91
N LYS F 304 -13.60 -19.50 31.55
CA LYS F 304 -14.78 -20.24 31.99
C LYS F 304 -14.78 -21.65 31.43
N ILE F 305 -14.34 -21.82 30.18
CA ILE F 305 -14.26 -23.15 29.59
C ILE F 305 -13.27 -24.02 30.34
N LYS F 306 -12.18 -23.40 30.83
CA LYS F 306 -11.16 -24.17 31.54
C LYS F 306 -11.73 -24.86 32.77
N GLY F 307 -12.54 -24.15 33.55
CA GLY F 307 -13.09 -24.70 34.78
C GLY F 307 -14.47 -25.34 34.66
N ILE F 308 -14.58 -26.43 33.90
CA ILE F 308 -15.87 -27.10 33.77
C ILE F 308 -16.24 -27.82 35.06
N LYS F 309 -15.30 -28.59 35.62
CA LYS F 309 -15.46 -29.22 36.93
C LYS F 309 -16.67 -30.15 36.98
N ILE F 310 -16.61 -31.23 36.19
CA ILE F 310 -17.66 -32.24 36.24
C ILE F 310 -17.43 -33.14 37.45
N GLU F 311 -18.49 -33.38 38.22
CA GLU F 311 -18.44 -34.18 39.42
C GLU F 311 -19.10 -35.53 39.19
N VAL F 312 -18.37 -36.60 39.47
CA VAL F 312 -18.87 -37.97 39.34
C VAL F 312 -18.60 -38.70 40.65
N THR F 313 -19.64 -39.30 41.22
CA THR F 313 -19.55 -40.03 42.47
C THR F 313 -19.61 -41.53 42.19
N SER F 314 -18.70 -42.28 42.80
CA SER F 314 -18.66 -43.72 42.58
C SER F 314 -19.94 -44.39 43.07
N SER F 315 -20.50 -45.25 42.24
CA SER F 315 -21.71 -45.98 42.57
C SER F 315 -21.35 -47.41 42.94
N GLY F 316 -21.80 -47.83 44.12
CA GLY F 316 -21.44 -49.13 44.66
C GLY F 316 -20.51 -49.09 45.84
N GLU F 317 -19.71 -48.04 45.98
CA GLU F 317 -18.91 -47.87 47.18
C GLU F 317 -19.80 -47.64 48.40
N SER F 318 -20.88 -46.89 48.23
CA SER F 318 -21.78 -46.62 49.34
C SER F 318 -22.63 -47.84 49.68
N ILE F 319 -22.96 -48.66 48.68
CA ILE F 319 -23.87 -49.78 48.88
C ILE F 319 -23.07 -51.05 49.13
N LYS F 320 -21.75 -50.91 49.26
CA LYS F 320 -20.91 -52.07 49.52
C LYS F 320 -21.25 -52.72 50.85
N ASP F 321 -21.52 -51.89 51.88
CA ASP F 321 -21.88 -52.43 53.18
C ASP F 321 -23.20 -53.19 53.12
N GLN F 322 -24.15 -52.70 52.33
CA GLN F 322 -25.44 -53.38 52.22
C GLN F 322 -25.28 -54.76 51.59
N LEU F 323 -24.47 -54.86 50.52
CA LEU F 323 -24.21 -56.16 49.92
C LEU F 323 -23.45 -57.07 50.86
N GLU F 324 -22.51 -56.51 51.63
CA GLU F 324 -21.77 -57.32 52.60
C GLU F 324 -22.68 -57.86 53.68
N ARG F 325 -23.63 -57.04 54.15
CA ARG F 325 -24.59 -57.52 55.15
C ARG F 325 -25.53 -58.55 54.53
N ALA F 326 -25.87 -58.39 53.26
CA ALA F 326 -26.67 -59.39 52.56
C ALA F 326 -25.94 -60.73 52.52
N LYS F 327 -24.63 -60.71 52.28
CA LYS F 327 -23.86 -61.95 52.28
C LYS F 327 -23.62 -62.45 53.69
N ALA F 328 -23.72 -61.57 54.69
CA ALA F 328 -23.58 -62.01 56.08
C ALA F 328 -24.86 -62.66 56.59
N GLU F 329 -26.00 -62.27 56.04
CA GLU F 329 -27.30 -62.75 56.51
C GLU F 329 -27.66 -64.09 55.87
N LEU F 330 -26.66 -64.81 55.39
CA LEU F 330 -26.88 -66.10 54.76
C LEU F 330 -25.93 -67.21 55.22
N LEU F 331 -24.83 -66.87 55.89
CA LEU F 331 -23.88 -67.88 56.33
C LEU F 331 -24.34 -68.66 57.55
N ARG F 332 -25.43 -68.23 58.19
CA ARG F 332 -25.95 -68.89 59.37
C ARG F 332 -27.10 -69.82 59.03
C1 NAG G . -17.52 -12.67 -4.28
C2 NAG G . -16.16 -13.12 -4.81
C3 NAG G . -16.32 -13.74 -6.19
C4 NAG G . -17.38 -14.83 -6.19
C5 NAG G . -18.68 -14.33 -5.54
C6 NAG G . -19.70 -15.42 -5.35
C7 NAG G . -14.02 -12.05 -4.29
C8 NAG G . -13.18 -10.81 -4.43
N2 NAG G . -15.23 -12.01 -4.84
O3 NAG G . -15.07 -14.28 -6.60
O4 NAG G . -17.67 -15.21 -7.52
O5 NAG G . -18.40 -13.78 -4.24
O6 NAG G . -19.26 -16.39 -4.40
O7 NAG G . -13.61 -13.04 -3.70
C1 NAG G . -17.23 -16.55 -7.79
C2 NAG G . -18.05 -17.10 -8.96
C3 NAG G . -17.58 -18.50 -9.31
C4 NAG G . -16.08 -18.52 -9.58
C5 NAG G . -15.33 -17.91 -8.38
C6 NAG G . -13.85 -17.78 -8.61
C7 NAG G . -20.30 -16.15 -9.06
C8 NAG G . -21.73 -16.31 -8.65
N2 NAG G . -19.47 -17.10 -8.65
O3 NAG G . -18.27 -18.96 -10.47
O4 NAG G . -15.63 -19.85 -9.78
O5 NAG G . -15.83 -16.59 -8.12
O6 NAG G . -13.57 -17.04 -9.80
O7 NAG G . -19.93 -15.19 -9.74
C1 NAG H . 35.40 5.08 -24.71
C2 NAG H . 36.41 3.94 -24.60
C3 NAG H . 37.50 4.11 -25.66
C4 NAG H . 36.88 4.23 -27.05
C5 NAG H . 35.85 5.35 -27.06
C6 NAG H . 35.09 5.44 -28.36
C7 NAG H . 36.78 2.90 -22.41
C8 NAG H . 37.46 3.02 -21.08
N2 NAG H . 36.99 3.90 -23.27
O3 NAG H . 38.37 2.98 -25.62
O4 NAG H . 37.91 4.53 -28.00
O5 NAG H . 34.86 5.12 -26.04
O6 NAG H . 34.70 4.16 -28.82
O7 NAG H . 36.06 1.94 -22.69
C1 NAG H . 37.99 3.48 -28.99
C2 NAG H . 39.13 3.78 -29.97
C3 NAG H . 39.28 2.65 -30.99
C4 NAG H . 39.41 1.31 -30.29
C5 NAG H . 38.25 1.12 -29.31
C6 NAG H . 38.38 -0.15 -28.49
C7 NAG H . 38.09 5.58 -31.43
C8 NAG H . 36.92 4.67 -31.78
N2 NAG H . 39.03 5.10 -30.60
O3 NAG H . 40.44 2.89 -31.79
O4 NAG H . 39.36 0.26 -31.26
O5 NAG H . 38.21 2.21 -28.37
O6 NAG H . 39.73 -0.43 -28.16
O7 NAG H . 38.15 6.71 -31.89
C1 BMA H . 40.67 -0.32 -31.41
C2 BMA H . 40.47 -1.82 -31.73
C3 BMA H . 41.80 -2.47 -32.14
C4 BMA H . 42.52 -1.64 -33.19
C5 BMA H . 42.71 -0.21 -32.69
C6 BMA H . 43.42 0.68 -33.69
O2 BMA H . 39.58 -1.99 -32.83
O3 BMA H . 41.59 -3.80 -32.61
O4 BMA H . 43.79 -2.21 -33.46
O5 BMA H . 41.40 0.35 -32.44
O6 BMA H . 44.18 1.64 -32.98
C1 NAG I . -8.30 1.04 20.39
C2 NAG I . -9.22 1.36 19.22
C3 NAG I . -10.17 2.50 19.59
C4 NAG I . -10.89 2.21 20.90
C5 NAG I . -9.89 1.80 21.99
C6 NAG I . -10.57 1.33 23.25
C7 NAG I . -8.66 1.08 16.85
C8 NAG I . -7.78 1.56 15.73
N2 NAG I . -8.46 1.68 18.03
O3 NAG I . -11.12 2.67 18.54
O4 NAG I . -11.57 3.39 21.33
O5 NAG I . -9.07 0.72 21.53
O6 NAG I . -11.29 0.13 23.05
O7 NAG I . -9.49 0.20 16.69
C1 NAG I . -12.99 3.21 21.26
C2 NAG I . -13.63 4.20 22.24
C3 NAG I . -15.16 4.09 22.17
C4 NAG I . -15.63 4.26 20.74
C5 NAG I . -14.91 3.29 19.83
C6 NAG I . -15.26 3.48 18.37
C7 NAG I . -12.20 4.68 24.17
C8 NAG I . -11.84 4.31 25.59
N2 NAG I . -13.17 3.96 23.60
O3 NAG I . -15.73 5.09 23.02
O4 NAG I . -17.03 4.04 20.67
O5 NAG I . -13.49 3.45 19.94
O6 NAG I . -15.01 4.82 17.95
O7 NAG I . -11.63 5.60 23.58
C1 NAG J . -12.09 23.48 -34.52
C2 NAG J . -13.36 22.99 -35.20
C3 NAG J . -13.82 24.00 -36.25
C4 NAG J . -13.95 25.39 -35.64
C5 NAG J . -12.66 25.79 -34.93
C6 NAG J . -12.78 27.09 -34.19
C7 NAG J . -13.76 20.58 -35.36
C8 NAG J . -13.43 19.32 -36.10
N2 NAG J . -13.16 21.69 -35.80
O3 NAG J . -15.07 23.59 -36.79
O4 NAG J . -14.24 26.34 -36.67
O5 NAG J . -12.32 24.79 -33.96
O6 NAG J . -13.98 27.16 -33.43
O7 NAG J . -14.53 20.59 -34.41
C1 NAG J . -15.52 26.96 -36.43
C2 NAG J . -15.84 27.93 -37.57
C3 NAG J . -17.22 28.56 -37.39
C4 NAG J . -18.28 27.49 -37.17
C5 NAG J . -17.86 26.55 -36.05
C6 NAG J . -18.81 25.38 -35.86
C7 NAG J . -14.37 29.92 -36.98
C8 NAG J . -15.01 30.03 -35.62
N2 NAG J . -14.81 28.95 -37.81
O3 NAG J . -17.55 29.35 -38.53
O4 NAG J . -19.52 28.10 -36.82
O5 NAG J . -16.57 25.98 -36.34
O6 NAG J . -19.32 24.92 -37.11
O7 NAG J . -13.48 30.70 -37.33
C1 BMA J . -20.45 28.01 -37.92
C2 BMA J . -21.86 27.88 -37.32
C3 BMA J . -22.92 28.01 -38.41
C4 BMA J . -22.68 29.23 -39.29
C5 BMA J . -21.26 29.17 -39.87
C6 BMA J . -20.94 30.36 -40.75
O2 BMA J . -22.11 28.91 -36.38
O3 BMA J . -24.24 28.07 -37.85
O4 BMA J . -23.61 29.26 -40.36
O5 BMA J . -20.34 29.16 -38.77
O6 BMA J . -20.03 29.93 -41.76
C1 NAG K . 9.29 -18.74 6.95
C2 NAG K . 9.46 -17.49 7.81
C3 NAG K . 10.86 -17.45 8.40
C4 NAG K . 11.19 -18.76 9.12
C5 NAG K . 10.88 -19.96 8.23
C6 NAG K . 11.01 -21.28 8.95
C7 NAG K . 8.35 -15.34 7.42
C8 NAG K . 8.21 -14.16 6.49
N2 NAG K . 9.20 -16.29 7.03
O3 NAG K . 10.96 -16.36 9.31
O4 NAG K . 12.57 -18.78 9.45
O5 NAG K . 9.54 -19.89 7.74
O6 NAG K . 10.04 -21.42 9.98
O7 NAG K . 7.71 -15.42 8.46
C1 NAG K . 12.77 -18.71 10.87
C2 NAG K . 14.13 -19.32 11.19
C3 NAG K . 14.42 -19.22 12.69
C4 NAG K . 14.27 -17.78 13.16
C5 NAG K . 12.91 -17.23 12.76
C6 NAG K . 12.73 -15.77 13.09
C7 NAG K . 14.79 -21.07 9.60
C8 NAG K . 14.78 -22.55 9.31
N2 NAG K . 14.20 -20.70 10.75
O3 NAG K . 15.74 -19.69 12.95
O4 NAG K . 14.41 -17.71 14.58
O5 NAG K . 12.72 -17.36 11.34
O6 NAG K . 13.77 -14.98 12.52
O7 NAG K . 15.29 -20.26 8.84
C1 NAG L . 14.30 40.49 6.78
C2 NAG L . 13.97 41.05 8.16
C3 NAG L . 14.70 42.37 8.38
C4 NAG L . 16.19 42.21 8.12
C5 NAG L . 16.42 41.60 6.74
C6 NAG L . 17.87 41.28 6.48
C7 NAG L . 11.81 40.49 9.18
C8 NAG L . 10.35 40.81 9.23
N2 NAG L . 12.54 41.22 8.33
O3 NAG L . 14.48 42.82 9.71
O4 NAG L . 16.82 43.49 8.18
O5 NAG L . 15.71 40.36 6.63
O6 NAG L . 18.49 40.65 7.60
O7 NAG L . 12.31 39.62 9.89
C1 NAG L . 17.80 43.51 9.25
C2 NAG L . 18.44 44.90 9.34
C3 NAG L . 19.43 44.98 10.50
C4 NAG L . 18.78 44.50 11.80
C5 NAG L . 18.15 43.13 11.59
C6 NAG L . 17.39 42.64 12.80
C7 NAG L . 20.04 44.87 7.37
C8 NAG L . 20.72 43.63 7.90
N2 NAG L . 19.01 45.38 8.08
O3 NAG L . 19.89 46.32 10.65
O4 NAG L . 19.77 44.40 12.81
O5 NAG L . 17.21 43.17 10.51
O6 NAG L . 16.72 43.71 13.46
O7 NAG L . 20.42 45.40 6.33
C1 BMA L . 19.61 45.47 13.77
C2 BMA L . 20.04 44.91 15.15
C3 BMA L . 20.10 46.04 16.18
C4 BMA L . 20.89 47.23 15.65
C5 BMA L . 20.30 47.70 14.32
C6 BMA L . 21.03 48.89 13.73
O2 BMA L . 21.34 44.35 15.09
O3 BMA L . 20.68 45.58 17.41
O4 BMA L . 20.85 48.30 16.59
O5 BMA L . 20.37 46.61 13.40
O6 BMA L . 20.11 49.68 13.01
C1 NAG M . 46.41 -0.36 -22.68
C2 NAG M . 45.26 -1.38 -22.59
C3 NAG M . 45.75 -2.66 -21.94
C4 NAG M . 46.99 -3.19 -22.64
C5 NAG M . 48.05 -2.10 -22.70
C6 NAG M . 49.27 -2.52 -23.49
C7 NAG M . 42.93 -0.62 -22.41
C8 NAG M . 42.79 -0.98 -23.86
N2 NAG M . 44.13 -0.82 -21.86
O3 NAG M . 44.71 -3.64 -21.98
O4 NAG M . 47.51 -4.32 -21.94
O5 NAG M . 47.52 -0.95 -23.36
O6 NAG M . 49.95 -1.40 -24.03
O7 NAG M . 42.00 -0.15 -21.77
C1 NAG N . -19.35 19.42 -43.78
C2 NAG N . -19.95 19.09 -42.40
C3 NAG N . -21.06 18.05 -42.56
C4 NAG N . -22.10 18.50 -43.59
C5 NAG N . -21.39 18.85 -44.90
C6 NAG N . -22.33 19.41 -45.94
C7 NAG N . -18.59 19.25 -40.37
C8 NAG N . -19.33 20.52 -40.08
N2 NAG N . -18.93 18.61 -41.48
O3 NAG N . -21.70 17.85 -41.30
O4 NAG N . -23.05 17.48 -43.81
O5 NAG N . -20.38 19.84 -44.67
O6 NAG N . -21.64 20.24 -46.87
O7 NAG N . -17.72 18.81 -39.61
C1 NAG O . 9.68 48.41 15.20
C2 NAG O . 9.94 47.03 15.83
C3 NAG O . 9.25 46.91 17.17
C4 NAG O . 9.61 48.08 18.08
C5 NAG O . 9.35 49.40 17.36
C6 NAG O . 9.81 50.60 18.17
C7 NAG O . 10.35 45.08 14.39
C8 NAG O . 11.80 45.22 14.75
N2 NAG O . 9.52 45.97 14.93
O3 NAG O . 9.60 45.68 17.78
O4 NAG O . 8.86 48.03 19.28
O5 NAG O . 10.07 49.44 16.12
O6 NAG O . 10.11 51.70 17.31
O7 NAG O . 9.95 44.19 13.64
#